data_2B71
# 
_entry.id   2B71 
# 
_audit_conform.dict_name       mmcif_pdbx.dic 
_audit_conform.dict_version    5.376 
_audit_conform.dict_location   http://mmcif.pdb.org/dictionaries/ascii/mmcif_pdbx.dic 
# 
loop_
_database_2.database_id 
_database_2.database_code 
_database_2.pdbx_database_accession 
_database_2.pdbx_DOI 
PDB   2B71         pdb_00002b71 10.2210/pdb2b71/pdb 
RCSB  RCSB034754   ?            ?                   
WWPDB D_1000034754 ?            ?                   
# 
_pdbx_database_status.status_code                     REL 
_pdbx_database_status.entry_id                        2B71 
_pdbx_database_status.recvd_initial_deposition_date   2005-10-03 
_pdbx_database_status.deposit_site                    RCSB 
_pdbx_database_status.process_site                    RCSB 
_pdbx_database_status.status_code_sf                  REL 
_pdbx_database_status.status_code_mr                  ? 
_pdbx_database_status.SG_entry                        Y 
_pdbx_database_status.pdb_format_compatible           Y 
_pdbx_database_status.status_code_cs                  ? 
_pdbx_database_status.methods_development_category    ? 
_pdbx_database_status.status_code_nmr_data            ? 
# 
loop_
_audit_author.name 
_audit_author.pdbx_ordinal 
'Dong, A.'                             1  
'Finerty, P.'                          2  
'Wasney, G.'                           3  
'Vedadi, M.'                           4  
'Lew, J.'                              5  
'Zhao, Y.'                             6  
'Kozieradzki, I.'                      7  
'Melone, M.'                           8  
'Alam, Z.'                             9  
'Edwards, A.M.'                        10 
'Arrowsmith, C.H.'                     11 
'Weigelt, J.'                          12 
'Sundstrom, M.'                        13 
'Bochkarev, A.'                        14 
'Hui, R.'                              15 
'Hills, T.'                            16 
'Structural Genomics Consortium (SGC)' 17 
# 
_citation.id                        primary 
_citation.title                     
'Genome-scale protein expression and structural biology of Plasmodium falciparum and related Apicomplexan organisms.' 
_citation.journal_abbrev            Mol.Biochem.Parasitol. 
_citation.journal_volume            151 
_citation.page_first                100 
_citation.page_last                 110 
_citation.year                      2007 
_citation.journal_id_ASTM           MBIPDP 
_citation.country                   NE 
_citation.journal_id_ISSN           0166-6851 
_citation.journal_id_CSD            2085 
_citation.book_publisher            ? 
_citation.pdbx_database_id_PubMed   17125854 
_citation.pdbx_database_id_DOI      10.1016/j.molbiopara.2006.10.011 
# 
loop_
_citation_author.citation_id 
_citation_author.name 
_citation_author.ordinal 
_citation_author.identifier_ORCID 
primary 'Vedadi, M.'       1  ? 
primary 'Lew, J.'          2  ? 
primary 'Artz, J.'         3  ? 
primary 'Amani, M.'        4  ? 
primary 'Zhao, Y.'         5  ? 
primary 'Dong, A.'         6  ? 
primary 'Wasney, G.A.'     7  ? 
primary 'Gao, M.'          8  ? 
primary 'Hills, T.'        9  ? 
primary 'Brokx, S.'        10 ? 
primary 'Qiu, W.'          11 ? 
primary 'Sharma, S.'       12 ? 
primary 'Diassiti, A.'     13 ? 
primary 'Alam, Z.'         14 ? 
primary 'Melone, M.'       15 ? 
primary 'Mulichak, A.'     16 ? 
primary 'Wernimont, A.'    17 ? 
primary 'Bray, J.'         18 ? 
primary 'Loppnau, P.'      19 ? 
primary 'Plotnikova, O.'   20 ? 
primary 'Newberry, K.'     21 ? 
primary 'Sundararajan, E.' 22 ? 
primary 'Houston, S.'      23 ? 
primary 'Walker, J.'       24 ? 
primary 'Tempel, W.'       25 ? 
primary 'Bochkarev, A.'    26 ? 
primary 'Kozieradzki, I.'  27 ? 
primary 'Edwards, A.'      28 ? 
primary 'Arrowsmith, C.'   29 ? 
primary 'Roos, D.'         30 ? 
primary 'Kain, K.'         31 ? 
primary 'Hui, R.'          32 ? 
# 
_cell.entry_id           2B71 
_cell.length_a           132.399 
_cell.length_b           132.399 
_cell.length_c           132.399 
_cell.angle_alpha        90.00 
_cell.angle_beta         90.00 
_cell.angle_gamma        90.00 
_cell.Z_PDB              24 
_cell.pdbx_unique_axis   ? 
# 
_symmetry.entry_id                         2B71 
_symmetry.space_group_name_H-M             'P 41 3 2' 
_symmetry.pdbx_full_space_group_name_H-M   ? 
_symmetry.cell_setting                     ? 
_symmetry.Int_Tables_number                213 
_symmetry.space_group_name_Hall            ? 
# 
loop_
_entity.id 
_entity.type 
_entity.src_method 
_entity.pdbx_description 
_entity.formula_weight 
_entity.pdbx_number_of_molecules 
_entity.pdbx_ec 
_entity.pdbx_mutation 
_entity.pdbx_fragment 
_entity.details 
1 polymer     man 'cyclophilin-like protein' 22015.611 1   ? ? ? ? 
2 non-polymer syn 'CHLORIDE ION'             35.453    5   ? ? ? ? 
3 water       nat water                      18.015    122 ? ? ? ? 
# 
_entity_poly.entity_id                      1 
_entity_poly.type                           'polypeptide(L)' 
_entity_poly.nstd_linkage                   no 
_entity_poly.nstd_monomer                   no 
_entity_poly.pdbx_seq_one_letter_code       
;GYSDDEEEESNAINVVSEKTKSLEEKIAYYKMKGHTERGYITIYTNLGDFEVELYWYHSPKTCLNFYTLCEMGFYDNTIF
HRVIPNFVIQGGDPTGTGKGGKSIYGEYFEDEINKELKHTGAGILSMSNNGPNTNSSQFFITLAPLPHLDGKHTIFARVS
KNMTCIENIASVQTTATNKPIFDLKILRTSTAVNAD
;
_entity_poly.pdbx_seq_one_letter_code_can   
;GYSDDEEEESNAINVVSEKTKSLEEKIAYYKMKGHTERGYITIYTNLGDFEVELYWYHSPKTCLNFYTLCEMGFYDNTIF
HRVIPNFVIQGGDPTGTGKGGKSIYGEYFEDEINKELKHTGAGILSMSNNGPNTNSSQFFITLAPLPHLDGKHTIFARVS
KNMTCIENIASVQTTATNKPIFDLKILRTSTAVNAD
;
_entity_poly.pdbx_strand_id                 A 
_entity_poly.pdbx_target_identifier         ? 
# 
loop_
_entity_poly_seq.entity_id 
_entity_poly_seq.num 
_entity_poly_seq.mon_id 
_entity_poly_seq.hetero 
1 1   GLY n 
1 2   TYR n 
1 3   SER n 
1 4   ASP n 
1 5   ASP n 
1 6   GLU n 
1 7   GLU n 
1 8   GLU n 
1 9   GLU n 
1 10  SER n 
1 11  ASN n 
1 12  ALA n 
1 13  ILE n 
1 14  ASN n 
1 15  VAL n 
1 16  VAL n 
1 17  SER n 
1 18  GLU n 
1 19  LYS n 
1 20  THR n 
1 21  LYS n 
1 22  SER n 
1 23  LEU n 
1 24  GLU n 
1 25  GLU n 
1 26  LYS n 
1 27  ILE n 
1 28  ALA n 
1 29  TYR n 
1 30  TYR n 
1 31  LYS n 
1 32  MET n 
1 33  LYS n 
1 34  GLY n 
1 35  HIS n 
1 36  THR n 
1 37  GLU n 
1 38  ARG n 
1 39  GLY n 
1 40  TYR n 
1 41  ILE n 
1 42  THR n 
1 43  ILE n 
1 44  TYR n 
1 45  THR n 
1 46  ASN n 
1 47  LEU n 
1 48  GLY n 
1 49  ASP n 
1 50  PHE n 
1 51  GLU n 
1 52  VAL n 
1 53  GLU n 
1 54  LEU n 
1 55  TYR n 
1 56  TRP n 
1 57  TYR n 
1 58  HIS n 
1 59  SER n 
1 60  PRO n 
1 61  LYS n 
1 62  THR n 
1 63  CYS n 
1 64  LEU n 
1 65  ASN n 
1 66  PHE n 
1 67  TYR n 
1 68  THR n 
1 69  LEU n 
1 70  CYS n 
1 71  GLU n 
1 72  MET n 
1 73  GLY n 
1 74  PHE n 
1 75  TYR n 
1 76  ASP n 
1 77  ASN n 
1 78  THR n 
1 79  ILE n 
1 80  PHE n 
1 81  HIS n 
1 82  ARG n 
1 83  VAL n 
1 84  ILE n 
1 85  PRO n 
1 86  ASN n 
1 87  PHE n 
1 88  VAL n 
1 89  ILE n 
1 90  GLN n 
1 91  GLY n 
1 92  GLY n 
1 93  ASP n 
1 94  PRO n 
1 95  THR n 
1 96  GLY n 
1 97  THR n 
1 98  GLY n 
1 99  LYS n 
1 100 GLY n 
1 101 GLY n 
1 102 LYS n 
1 103 SER n 
1 104 ILE n 
1 105 TYR n 
1 106 GLY n 
1 107 GLU n 
1 108 TYR n 
1 109 PHE n 
1 110 GLU n 
1 111 ASP n 
1 112 GLU n 
1 113 ILE n 
1 114 ASN n 
1 115 LYS n 
1 116 GLU n 
1 117 LEU n 
1 118 LYS n 
1 119 HIS n 
1 120 THR n 
1 121 GLY n 
1 122 ALA n 
1 123 GLY n 
1 124 ILE n 
1 125 LEU n 
1 126 SER n 
1 127 MET n 
1 128 SER n 
1 129 ASN n 
1 130 ASN n 
1 131 GLY n 
1 132 PRO n 
1 133 ASN n 
1 134 THR n 
1 135 ASN n 
1 136 SER n 
1 137 SER n 
1 138 GLN n 
1 139 PHE n 
1 140 PHE n 
1 141 ILE n 
1 142 THR n 
1 143 LEU n 
1 144 ALA n 
1 145 PRO n 
1 146 LEU n 
1 147 PRO n 
1 148 HIS n 
1 149 LEU n 
1 150 ASP n 
1 151 GLY n 
1 152 LYS n 
1 153 HIS n 
1 154 THR n 
1 155 ILE n 
1 156 PHE n 
1 157 ALA n 
1 158 ARG n 
1 159 VAL n 
1 160 SER n 
1 161 LYS n 
1 162 ASN n 
1 163 MET n 
1 164 THR n 
1 165 CYS n 
1 166 ILE n 
1 167 GLU n 
1 168 ASN n 
1 169 ILE n 
1 170 ALA n 
1 171 SER n 
1 172 VAL n 
1 173 GLN n 
1 174 THR n 
1 175 THR n 
1 176 ALA n 
1 177 THR n 
1 178 ASN n 
1 179 LYS n 
1 180 PRO n 
1 181 ILE n 
1 182 PHE n 
1 183 ASP n 
1 184 LEU n 
1 185 LYS n 
1 186 ILE n 
1 187 LEU n 
1 188 ARG n 
1 189 THR n 
1 190 SER n 
1 191 THR n 
1 192 ALA n 
1 193 VAL n 
1 194 ASN n 
1 195 ALA n 
1 196 ASP n 
# 
_entity_src_gen.entity_id                          1 
_entity_src_gen.pdbx_src_id                        1 
_entity_src_gen.pdbx_alt_source_flag               sample 
_entity_src_gen.pdbx_seq_type                      ? 
_entity_src_gen.pdbx_beg_seq_num                   ? 
_entity_src_gen.pdbx_end_seq_num                   ? 
_entity_src_gen.gene_src_common_name               ? 
_entity_src_gen.gene_src_genus                     Plasmodium 
_entity_src_gen.pdbx_gene_src_gene                 ? 
_entity_src_gen.gene_src_species                   ? 
_entity_src_gen.gene_src_strain                    ? 
_entity_src_gen.gene_src_tissue                    ? 
_entity_src_gen.gene_src_tissue_fraction           ? 
_entity_src_gen.gene_src_details                   ? 
_entity_src_gen.pdbx_gene_src_fragment             ? 
_entity_src_gen.pdbx_gene_src_scientific_name      'Plasmodium yoelii' 
_entity_src_gen.pdbx_gene_src_ncbi_taxonomy_id     5861 
_entity_src_gen.pdbx_gene_src_variant              ? 
_entity_src_gen.pdbx_gene_src_cell_line            ? 
_entity_src_gen.pdbx_gene_src_atcc                 ? 
_entity_src_gen.pdbx_gene_src_organ                ? 
_entity_src_gen.pdbx_gene_src_organelle            ? 
_entity_src_gen.pdbx_gene_src_cell                 ? 
_entity_src_gen.pdbx_gene_src_cellular_location    ? 
_entity_src_gen.host_org_common_name               ? 
_entity_src_gen.pdbx_host_org_scientific_name      'Escherichia coli' 
_entity_src_gen.pdbx_host_org_ncbi_taxonomy_id     562 
_entity_src_gen.host_org_genus                     Escherichia 
_entity_src_gen.pdbx_host_org_gene                 ? 
_entity_src_gen.pdbx_host_org_organ                ? 
_entity_src_gen.host_org_species                   ? 
_entity_src_gen.pdbx_host_org_tissue               ? 
_entity_src_gen.pdbx_host_org_tissue_fraction      ? 
_entity_src_gen.pdbx_host_org_strain               'BL21 Codon plus Ril' 
_entity_src_gen.pdbx_host_org_variant              ? 
_entity_src_gen.pdbx_host_org_cell_line            ? 
_entity_src_gen.pdbx_host_org_atcc                 ? 
_entity_src_gen.pdbx_host_org_culture_collection   ? 
_entity_src_gen.pdbx_host_org_cell                 ? 
_entity_src_gen.pdbx_host_org_organelle            ? 
_entity_src_gen.pdbx_host_org_cellular_location    ? 
_entity_src_gen.pdbx_host_org_vector_type          PLASMID 
_entity_src_gen.pdbx_host_org_vector               ? 
_entity_src_gen.host_org_details                   ? 
_entity_src_gen.expression_system_id               ? 
_entity_src_gen.plasmid_name                       'P28-LIC-THROMBIN DERIVED FROM PET28' 
_entity_src_gen.plasmid_details                    ? 
_entity_src_gen.pdbx_description                   ? 
# 
_struct_ref.id                         1 
_struct_ref.db_name                    UNP 
_struct_ref.db_code                    Q7RRM6_PLAYO 
_struct_ref.pdbx_db_accession          Q7RRM6 
_struct_ref.entity_id                  1 
_struct_ref.pdbx_seq_one_letter_code   
;GYSDDEEEESNAINVVSEKTKSLEEKIAYYKMKGHTERGYITIYTNLGDFEVELYWYHSPKTCLNFYTLCEMGFYDNTIF
HRVIPNFVIQGGDPTGTGKGGKSIYGEYFEDEINKELKHTGAGILSMSNNGPNTNSSQFFITLAPLPHLDGKHTIFARVS
KNMTCIENIASVQTTATNKPIFDLKILRTSTAVNAD
;
_struct_ref.pdbx_align_begin           7 
_struct_ref.pdbx_db_isoform            ? 
# 
_struct_ref_seq.align_id                      1 
_struct_ref_seq.ref_id                        1 
_struct_ref_seq.pdbx_PDB_id_code              2B71 
_struct_ref_seq.pdbx_strand_id                A 
_struct_ref_seq.seq_align_beg                 1 
_struct_ref_seq.pdbx_seq_align_beg_ins_code   ? 
_struct_ref_seq.seq_align_end                 196 
_struct_ref_seq.pdbx_seq_align_end_ins_code   ? 
_struct_ref_seq.pdbx_db_accession             Q7RRM6 
_struct_ref_seq.db_align_beg                  7 
_struct_ref_seq.pdbx_db_align_beg_ins_code    ? 
_struct_ref_seq.db_align_end                  202 
_struct_ref_seq.pdbx_db_align_end_ins_code    ? 
_struct_ref_seq.pdbx_auth_seq_align_beg       1 
_struct_ref_seq.pdbx_auth_seq_align_end       196 
# 
loop_
_chem_comp.id 
_chem_comp.type 
_chem_comp.mon_nstd_flag 
_chem_comp.name 
_chem_comp.pdbx_synonyms 
_chem_comp.formula 
_chem_comp.formula_weight 
ALA 'L-peptide linking' y ALANINE         ? 'C3 H7 N O2'     89.093  
ARG 'L-peptide linking' y ARGININE        ? 'C6 H15 N4 O2 1' 175.209 
ASN 'L-peptide linking' y ASPARAGINE      ? 'C4 H8 N2 O3'    132.118 
ASP 'L-peptide linking' y 'ASPARTIC ACID' ? 'C4 H7 N O4'     133.103 
CL  non-polymer         . 'CHLORIDE ION'  ? 'Cl -1'          35.453  
CYS 'L-peptide linking' y CYSTEINE        ? 'C3 H7 N O2 S'   121.158 
GLN 'L-peptide linking' y GLUTAMINE       ? 'C5 H10 N2 O3'   146.144 
GLU 'L-peptide linking' y 'GLUTAMIC ACID' ? 'C5 H9 N O4'     147.129 
GLY 'peptide linking'   y GLYCINE         ? 'C2 H5 N O2'     75.067  
HIS 'L-peptide linking' y HISTIDINE       ? 'C6 H10 N3 O2 1' 156.162 
HOH non-polymer         . WATER           ? 'H2 O'           18.015  
ILE 'L-peptide linking' y ISOLEUCINE      ? 'C6 H13 N O2'    131.173 
LEU 'L-peptide linking' y LEUCINE         ? 'C6 H13 N O2'    131.173 
LYS 'L-peptide linking' y LYSINE          ? 'C6 H15 N2 O2 1' 147.195 
MET 'L-peptide linking' y METHIONINE      ? 'C5 H11 N O2 S'  149.211 
PHE 'L-peptide linking' y PHENYLALANINE   ? 'C9 H11 N O2'    165.189 
PRO 'L-peptide linking' y PROLINE         ? 'C5 H9 N O2'     115.130 
SER 'L-peptide linking' y SERINE          ? 'C3 H7 N O3'     105.093 
THR 'L-peptide linking' y THREONINE       ? 'C4 H9 N O3'     119.119 
TRP 'L-peptide linking' y TRYPTOPHAN      ? 'C11 H12 N2 O2'  204.225 
TYR 'L-peptide linking' y TYROSINE        ? 'C9 H11 N O3'    181.189 
VAL 'L-peptide linking' y VALINE          ? 'C5 H11 N O2'    117.146 
# 
_exptl.entry_id          2B71 
_exptl.method            'X-RAY DIFFRACTION' 
_exptl.crystals_number   1 
# 
_exptl_crystal.id                    1 
_exptl_crystal.density_meas          ? 
_exptl_crystal.density_Matthews      4.4 
_exptl_crystal.density_percent_sol   71.8 
_exptl_crystal.description           ? 
_exptl_crystal.F_000                 ? 
_exptl_crystal.preparation           ? 
# 
_exptl_crystal_grow.crystal_id      1 
_exptl_crystal_grow.method          'VAPOR DIFFUSION, HANGING DROP' 
_exptl_crystal_grow.temp            296 
_exptl_crystal_grow.temp_details    ? 
_exptl_crystal_grow.pH              7 
_exptl_crystal_grow.pdbx_details    '3.2 M NaCl, 0.1 M Bis-Tris propane, pH 7, VAPOR DIFFUSION, HANGING DROP, temperature 296K' 
_exptl_crystal_grow.pdbx_pH_range   . 
# 
_diffrn.id                     1 
_diffrn.ambient_temp           100 
_diffrn.ambient_temp_details   ? 
_diffrn.crystal_id             1 
# 
_diffrn_detector.diffrn_id              1 
_diffrn_detector.detector               'IMAGE PLATE' 
_diffrn_detector.type                   'RIGAKU RAXIS IV' 
_diffrn_detector.pdbx_collection_date   2005-09-13 
_diffrn_detector.details                VariMax 
# 
_diffrn_radiation.diffrn_id                        1 
_diffrn_radiation.wavelength_id                    1 
_diffrn_radiation.pdbx_monochromatic_or_laue_m_l   M 
_diffrn_radiation.monochromator                    VariMax 
_diffrn_radiation.pdbx_diffrn_protocol             'SINGLE WAVELENGTH' 
_diffrn_radiation.pdbx_scattering_type             x-ray 
# 
_diffrn_radiation_wavelength.id           1 
_diffrn_radiation_wavelength.wavelength   1.5418 
_diffrn_radiation_wavelength.wt           1.0 
# 
_diffrn_source.diffrn_id                   1 
_diffrn_source.source                      'ROTATING ANODE' 
_diffrn_source.type                        'RIGAKU FR-E' 
_diffrn_source.pdbx_synchrotron_site       ? 
_diffrn_source.pdbx_synchrotron_beamline   ? 
_diffrn_source.pdbx_wavelength             1.5418 
_diffrn_source.pdbx_wavelength_list        ? 
# 
_reflns.entry_id                     2B71 
_reflns.observed_criterion_sigma_F   0 
_reflns.observed_criterion_sigma_I   0 
_reflns.d_resolution_high            2.50 
_reflns.d_resolution_low             46.8 
_reflns.number_all                   14318 
_reflns.number_obs                   14318 
_reflns.percent_possible_obs         100 
_reflns.pdbx_Rmerge_I_obs            0.137 
_reflns.pdbx_Rsym_value              0.137 
_reflns.pdbx_netI_over_sigmaI        6.1 
_reflns.B_iso_Wilson_estimate        42.1 
_reflns.pdbx_redundancy              38.8 
_reflns.R_free_details               ? 
_reflns.limit_h_max                  ? 
_reflns.limit_h_min                  ? 
_reflns.limit_k_max                  ? 
_reflns.limit_k_min                  ? 
_reflns.limit_l_max                  ? 
_reflns.limit_l_min                  ? 
_reflns.observed_criterion_F_max     ? 
_reflns.observed_criterion_F_min     ? 
_reflns.pdbx_chi_squared             ? 
_reflns.pdbx_scaling_rejects         ? 
_reflns.pdbx_diffrn_id               1 
_reflns.pdbx_ordinal                 1 
# 
_reflns_shell.d_res_high             2.50 
_reflns_shell.d_res_low              2.54 
_reflns_shell.percent_possible_all   100 
_reflns_shell.Rmerge_I_obs           0.842 
_reflns_shell.pdbx_Rsym_value        0.842 
_reflns_shell.meanI_over_sigI_obs    5.4 
_reflns_shell.pdbx_redundancy        39.4 
_reflns_shell.percent_possible_obs   ? 
_reflns_shell.number_unique_all      681 
_reflns_shell.number_measured_all    ? 
_reflns_shell.number_measured_obs    ? 
_reflns_shell.number_unique_obs      ? 
_reflns_shell.pdbx_chi_squared       ? 
_reflns_shell.pdbx_diffrn_id         ? 
_reflns_shell.pdbx_ordinal           1 
# 
_refine.entry_id                                 2B71 
_refine.ls_number_reflns_obs                     13563 
_refine.ls_number_reflns_all                     13563 
_refine.pdbx_ls_sigma_I                          0 
_refine.pdbx_ls_sigma_F                          0 
_refine.pdbx_data_cutoff_high_absF               ? 
_refine.pdbx_data_cutoff_low_absF                ? 
_refine.pdbx_data_cutoff_high_rms_absF           ? 
_refine.ls_d_res_low                             46.8 
_refine.ls_d_res_high                            2.50 
_refine.ls_percent_reflns_obs                    100.00 
_refine.ls_R_factor_obs                          0.19218 
_refine.ls_R_factor_all                          0.19218 
_refine.ls_R_factor_R_work                       0.18974 
_refine.ls_R_factor_R_free                       0.24247 
_refine.ls_R_factor_R_free_error                 ? 
_refine.ls_R_factor_R_free_error_details         ? 
_refine.ls_percent_reflns_R_free                 5.0 
_refine.ls_number_reflns_R_free                  718 
_refine.ls_number_parameters                     ? 
_refine.ls_number_restraints                     ? 
_refine.occupancy_min                            ? 
_refine.occupancy_max                            ? 
_refine.correlation_coeff_Fo_to_Fc               0.945 
_refine.correlation_coeff_Fo_to_Fc_free          0.915 
_refine.B_iso_mean                               32.127 
_refine.aniso_B[1][1]                            ? 
_refine.aniso_B[2][2]                            ? 
_refine.aniso_B[3][3]                            ? 
_refine.aniso_B[1][2]                            ? 
_refine.aniso_B[1][3]                            ? 
_refine.aniso_B[2][3]                            ? 
_refine.solvent_model_details                    MASK 
_refine.solvent_model_param_ksol                 ? 
_refine.solvent_model_param_bsol                 ? 
_refine.pdbx_solvent_vdw_probe_radii             1.20 
_refine.pdbx_solvent_ion_probe_radii             0.80 
_refine.pdbx_solvent_shrinkage_radii             0.80 
_refine.pdbx_ls_cross_valid_method               THROUGHOUT 
_refine.details                                  'HYDROGENS HAVE BEEN ADDED IN THE RIDING POSITIONS' 
_refine.pdbx_starting_model                      'PDB ENTRY 1XYH' 
_refine.pdbx_method_to_determine_struct          'MOLECULAR REPLACEMENT' 
_refine.pdbx_isotropic_thermal_model             ? 
_refine.pdbx_stereochemistry_target_values       'MAXIMUM LIKELIHOOD' 
_refine.pdbx_stereochem_target_val_spec_case     ? 
_refine.pdbx_R_Free_selection_details            RANDOM 
_refine.pdbx_overall_ESU_R                       0.211 
_refine.pdbx_overall_ESU_R_Free                  0.203 
_refine.overall_SU_ML                            0.128 
_refine.overall_SU_B                             6.118 
_refine.ls_redundancy_reflns_obs                 ? 
_refine.B_iso_min                                ? 
_refine.B_iso_max                                ? 
_refine.overall_SU_R_Cruickshank_DPI             ? 
_refine.overall_SU_R_free                        ? 
_refine.ls_wR_factor_R_free                      ? 
_refine.ls_wR_factor_R_work                      ? 
_refine.overall_FOM_free_R_set                   ? 
_refine.overall_FOM_work_R_set                   ? 
_refine.pdbx_refine_id                           'X-RAY DIFFRACTION' 
_refine.pdbx_diffrn_id                           1 
_refine.pdbx_TLS_residual_ADP_flag               ? 
_refine.pdbx_overall_phase_error                 ? 
_refine.pdbx_overall_SU_R_free_Cruickshank_DPI   ? 
_refine.pdbx_overall_SU_R_Blow_DPI               ? 
_refine.pdbx_overall_SU_R_free_Blow_DPI          ? 
# 
_refine_hist.pdbx_refine_id                   'X-RAY DIFFRACTION' 
_refine_hist.cycle_id                         LAST 
_refine_hist.pdbx_number_atoms_protein        1346 
_refine_hist.pdbx_number_atoms_nucleic_acid   0 
_refine_hist.pdbx_number_atoms_ligand         5 
_refine_hist.number_atoms_solvent             122 
_refine_hist.number_atoms_total               1473 
_refine_hist.d_res_high                       2.50 
_refine_hist.d_res_low                        46.8 
# 
loop_
_refine_ls_restr.type 
_refine_ls_restr.dev_ideal 
_refine_ls_restr.dev_ideal_target 
_refine_ls_restr.weight 
_refine_ls_restr.number 
_refine_ls_restr.pdbx_refine_id 
_refine_ls_restr.pdbx_restraint_function 
r_bond_refined_d             0.023  0.022  ? 1380 'X-RAY DIFFRACTION' ? 
r_bond_other_d               ?      ?      ? ?    'X-RAY DIFFRACTION' ? 
r_angle_refined_deg          2.003  1.946  ? 1868 'X-RAY DIFFRACTION' ? 
r_angle_other_deg            ?      ?      ? ?    'X-RAY DIFFRACTION' ? 
r_dihedral_angle_1_deg       7.565  5.000  ? 168  'X-RAY DIFFRACTION' ? 
r_dihedral_angle_2_deg       35.659 24.444 ? 63   'X-RAY DIFFRACTION' ? 
r_dihedral_angle_3_deg       16.693 15.000 ? 234  'X-RAY DIFFRACTION' ? 
r_dihedral_angle_4_deg       21.622 15.000 ? 4    'X-RAY DIFFRACTION' ? 
r_chiral_restr               0.129  0.200  ? 204  'X-RAY DIFFRACTION' ? 
r_gen_planes_refined         0.007  0.020  ? 1044 'X-RAY DIFFRACTION' ? 
r_gen_planes_other           ?      ?      ? ?    'X-RAY DIFFRACTION' ? 
r_nbd_refined                0.220  0.200  ? 621  'X-RAY DIFFRACTION' ? 
r_nbd_other                  ?      ?      ? ?    'X-RAY DIFFRACTION' ? 
r_nbtor_refined              0.328  0.200  ? 966  'X-RAY DIFFRACTION' ? 
r_nbtor_other                ?      ?      ? ?    'X-RAY DIFFRACTION' ? 
r_xyhbond_nbd_refined        0.148  0.200  ? 114  'X-RAY DIFFRACTION' ? 
r_xyhbond_nbd_other          ?      ?      ? ?    'X-RAY DIFFRACTION' ? 
r_metal_ion_refined          ?      ?      ? ?    'X-RAY DIFFRACTION' ? 
r_metal_ion_other            ?      ?      ? ?    'X-RAY DIFFRACTION' ? 
r_symmetry_vdw_refined       0.231  0.200  ? 17   'X-RAY DIFFRACTION' ? 
r_symmetry_vdw_other         ?      ?      ? ?    'X-RAY DIFFRACTION' ? 
r_symmetry_hbond_refined     0.127  0.200  ? 5    'X-RAY DIFFRACTION' ? 
r_symmetry_hbond_other       ?      ?      ? ?    'X-RAY DIFFRACTION' ? 
r_symmetry_metal_ion_refined ?      ?      ? ?    'X-RAY DIFFRACTION' ? 
r_symmetry_metal_ion_other   ?      ?      ? ?    'X-RAY DIFFRACTION' ? 
r_mcbond_it                  1.007  1.500  ? 852  'X-RAY DIFFRACTION' ? 
r_mcbond_other               ?      ?      ? ?    'X-RAY DIFFRACTION' ? 
r_mcangle_it                 1.735  2.000  ? 1357 'X-RAY DIFFRACTION' ? 
r_scbond_it                  2.752  3.000  ? 594  'X-RAY DIFFRACTION' ? 
r_scangle_it                 4.320  4.500  ? 511  'X-RAY DIFFRACTION' ? 
r_rigid_bond_restr           ?      ?      ? ?    'X-RAY DIFFRACTION' ? 
r_sphericity_free            ?      ?      ? ?    'X-RAY DIFFRACTION' ? 
r_sphericity_bonded          ?      ?      ? ?    'X-RAY DIFFRACTION' ? 
# 
_refine_ls_shell.pdbx_total_number_of_bins_used   20 
_refine_ls_shell.d_res_high                       2.500 
_refine_ls_shell.d_res_low                        2.565 
_refine_ls_shell.number_reflns_R_work             979 
_refine_ls_shell.R_factor_R_work                  0.262 
_refine_ls_shell.percent_reflns_obs               100.00 
_refine_ls_shell.R_factor_R_free                  0.367 
_refine_ls_shell.R_factor_R_free_error            ? 
_refine_ls_shell.percent_reflns_R_free            ? 
_refine_ls_shell.number_reflns_R_free             47 
_refine_ls_shell.number_reflns_obs                ? 
_refine_ls_shell.redundancy_reflns_obs            ? 
_refine_ls_shell.number_reflns_all                ? 
_refine_ls_shell.pdbx_refine_id                   'X-RAY DIFFRACTION' 
_refine_ls_shell.R_factor_all                     ? 
# 
_struct.entry_id                  2B71 
_struct.title                     'Plasmodium yoelii cyclophilin-like protein' 
_struct.pdbx_model_details        ? 
_struct.pdbx_CASP_flag            ? 
_struct.pdbx_model_type_details   ? 
# 
_struct_keywords.entry_id        2B71 
_struct_keywords.pdbx_keywords   ISOMERASE 
_struct_keywords.text            'cyclophilin, Structural Genomics, Structural Genomics Consortium, SGC, ISOMERASE' 
# 
loop_
_struct_asym.id 
_struct_asym.pdbx_blank_PDB_chainid_flag 
_struct_asym.pdbx_modified 
_struct_asym.entity_id 
_struct_asym.details 
A N N 1 ? 
B N N 2 ? 
C N N 2 ? 
D N N 2 ? 
E N N 2 ? 
F N N 2 ? 
G N N 3 ? 
# 
_struct_biol.id                    1 
_struct_biol.pdbx_parent_biol_id   ? 
_struct_biol.details               ? 
# 
loop_
_struct_conf.conf_type_id 
_struct_conf.id 
_struct_conf.pdbx_PDB_helix_id 
_struct_conf.beg_label_comp_id 
_struct_conf.beg_label_asym_id 
_struct_conf.beg_label_seq_id 
_struct_conf.pdbx_beg_PDB_ins_code 
_struct_conf.end_label_comp_id 
_struct_conf.end_label_asym_id 
_struct_conf.end_label_seq_id 
_struct_conf.pdbx_end_PDB_ins_code 
_struct_conf.beg_auth_comp_id 
_struct_conf.beg_auth_asym_id 
_struct_conf.beg_auth_seq_id 
_struct_conf.end_auth_comp_id 
_struct_conf.end_auth_asym_id 
_struct_conf.end_auth_seq_id 
_struct_conf.pdbx_PDB_helix_class 
_struct_conf.details 
_struct_conf.pdbx_PDB_helix_length 
HELX_P HELX_P1 1 LEU A 23  ? ARG A 38  ? LEU A 23  ARG A 38  1 ? 16 
HELX_P HELX_P2 2 SER A 59  ? MET A 72  ? SER A 59  MET A 72  1 ? 14 
HELX_P HELX_P3 3 LEU A 146 ? ASP A 150 ? LEU A 146 ASP A 150 5 ? 5  
HELX_P HELX_P4 4 ASN A 162 ? SER A 171 ? ASN A 162 SER A 171 1 ? 10 
# 
_struct_conf_type.id          HELX_P 
_struct_conf_type.criteria    ? 
_struct_conf_type.reference   ? 
# 
_struct_sheet.id               A 
_struct_sheet.type             ? 
_struct_sheet.number_strands   9 
_struct_sheet.details          ? 
# 
loop_
_struct_sheet_order.sheet_id 
_struct_sheet_order.range_id_1 
_struct_sheet_order.range_id_2 
_struct_sheet_order.offset 
_struct_sheet_order.sense 
A 1 2 ? anti-parallel 
A 2 3 ? anti-parallel 
A 3 4 ? anti-parallel 
A 4 5 ? anti-parallel 
A 5 6 ? anti-parallel 
A 6 7 ? anti-parallel 
A 7 8 ? anti-parallel 
A 8 9 ? anti-parallel 
# 
loop_
_struct_sheet_range.sheet_id 
_struct_sheet_range.id 
_struct_sheet_range.beg_label_comp_id 
_struct_sheet_range.beg_label_asym_id 
_struct_sheet_range.beg_label_seq_id 
_struct_sheet_range.pdbx_beg_PDB_ins_code 
_struct_sheet_range.end_label_comp_id 
_struct_sheet_range.end_label_asym_id 
_struct_sheet_range.end_label_seq_id 
_struct_sheet_range.pdbx_end_PDB_ins_code 
_struct_sheet_range.beg_auth_comp_id 
_struct_sheet_range.beg_auth_asym_id 
_struct_sheet_range.beg_auth_seq_id 
_struct_sheet_range.end_auth_comp_id 
_struct_sheet_range.end_auth_asym_id 
_struct_sheet_range.end_auth_seq_id 
A 1 TYR A 40  ? THR A 45  ? TYR A 40  THR A 45  
A 2 GLY A 48  ? LEU A 54  ? GLY A 48  LEU A 54  
A 3 ILE A 155 ? LYS A 161 ? ILE A 155 LYS A 161 
A 4 ILE A 124 ? MET A 127 ? ILE A 124 MET A 127 
A 5 PHE A 139 ? THR A 142 ? PHE A 139 THR A 142 
A 6 VAL A 88  ? GLY A 91  ? VAL A 88  GLY A 91  
A 7 THR A 78  ? ILE A 84  ? THR A 78  ILE A 84  
A 8 LYS A 185 ? SER A 190 ? LYS A 185 SER A 190 
A 9 TYR A 40  ? THR A 45  ? TYR A 40  THR A 45  
# 
loop_
_pdbx_struct_sheet_hbond.sheet_id 
_pdbx_struct_sheet_hbond.range_id_1 
_pdbx_struct_sheet_hbond.range_id_2 
_pdbx_struct_sheet_hbond.range_1_label_atom_id 
_pdbx_struct_sheet_hbond.range_1_label_comp_id 
_pdbx_struct_sheet_hbond.range_1_label_asym_id 
_pdbx_struct_sheet_hbond.range_1_label_seq_id 
_pdbx_struct_sheet_hbond.range_1_PDB_ins_code 
_pdbx_struct_sheet_hbond.range_1_auth_atom_id 
_pdbx_struct_sheet_hbond.range_1_auth_comp_id 
_pdbx_struct_sheet_hbond.range_1_auth_asym_id 
_pdbx_struct_sheet_hbond.range_1_auth_seq_id 
_pdbx_struct_sheet_hbond.range_2_label_atom_id 
_pdbx_struct_sheet_hbond.range_2_label_comp_id 
_pdbx_struct_sheet_hbond.range_2_label_asym_id 
_pdbx_struct_sheet_hbond.range_2_label_seq_id 
_pdbx_struct_sheet_hbond.range_2_PDB_ins_code 
_pdbx_struct_sheet_hbond.range_2_auth_atom_id 
_pdbx_struct_sheet_hbond.range_2_auth_comp_id 
_pdbx_struct_sheet_hbond.range_2_auth_asym_id 
_pdbx_struct_sheet_hbond.range_2_auth_seq_id 
A 1 2 N ILE A 41  ? N ILE A 41  O VAL A 52  ? O VAL A 52  
A 2 3 N GLU A 51  ? N GLU A 51  O SER A 160 ? O SER A 160 
A 3 4 O ALA A 157 ? O ALA A 157 N LEU A 125 ? N LEU A 125 
A 4 5 N SER A 126 ? N SER A 126 O PHE A 140 ? O PHE A 140 
A 5 6 O PHE A 139 ? O PHE A 139 N GLY A 91  ? N GLY A 91  
A 6 7 O VAL A 88  ? O VAL A 88  N ILE A 84  ? N ILE A 84  
A 7 8 N THR A 78  ? N THR A 78  O ILE A 186 ? O ILE A 186 
A 8 9 O SER A 190 ? O SER A 190 N THR A 42  ? N THR A 42  
# 
loop_
_struct_site.id 
_struct_site.pdbx_evidence_code 
_struct_site.pdbx_auth_asym_id 
_struct_site.pdbx_auth_comp_id 
_struct_site.pdbx_auth_seq_id 
_struct_site.pdbx_auth_ins_code 
_struct_site.pdbx_num_residues 
_struct_site.details 
AC1 Software A CL 1000 ? 6 'BINDING SITE FOR RESIDUE CL A 1000' 
AC2 Software A CL 1001 ? 2 'BINDING SITE FOR RESIDUE CL A 1001' 
AC3 Software A CL 1002 ? 2 'BINDING SITE FOR RESIDUE CL A 1002' 
AC4 Software A CL 1003 ? 7 'BINDING SITE FOR RESIDUE CL A 1003' 
AC5 Software A CL 1004 ? 4 'BINDING SITE FOR RESIDUE CL A 1004' 
# 
loop_
_struct_site_gen.id 
_struct_site_gen.site_id 
_struct_site_gen.pdbx_num_res 
_struct_site_gen.label_comp_id 
_struct_site_gen.label_asym_id 
_struct_site_gen.label_seq_id 
_struct_site_gen.pdbx_auth_ins_code 
_struct_site_gen.auth_comp_id 
_struct_site_gen.auth_asym_id 
_struct_site_gen.auth_seq_id 
_struct_site_gen.label_atom_id 
_struct_site_gen.label_alt_id 
_struct_site_gen.symmetry 
_struct_site_gen.details 
1  AC1 6 HIS A 35  ? HIS A 35   . ? 1_555  ? 
2  AC1 6 TRP A 56  ? TRP A 56   . ? 1_555  ? 
3  AC1 6 TYR A 57  ? TYR A 57   . ? 1_555  ? 
4  AC1 6 CL  E .   ? CL  A 1003 . ? 15_564 ? 
5  AC1 6 HOH G .   ? HOH A 1006 . ? 15_564 ? 
6  AC1 6 HOH G .   ? HOH A 1023 . ? 15_564 ? 
7  AC2 2 ALA A 122 ? ALA A 122  . ? 1_555  ? 
8  AC2 2 PRO A 145 ? PRO A 145  . ? 1_555  ? 
9  AC3 2 PRO A 85  ? PRO A 85   . ? 1_555  ? 
10 AC3 2 ASN A 86  ? ASN A 86   . ? 1_555  ? 
11 AC4 7 LYS A 31  ? LYS A 31   . ? 16_645 ? 
12 AC4 7 MET A 32  ? MET A 32   . ? 16_645 ? 
13 AC4 7 GLY A 34  ? GLY A 34   . ? 16_645 ? 
14 AC4 7 HIS A 35  ? HIS A 35   . ? 16_645 ? 
15 AC4 7 TRP A 56  ? TRP A 56   . ? 16_645 ? 
16 AC4 7 ARG A 82  ? ARG A 82   . ? 1_555  ? 
17 AC4 7 CL  B .   ? CL  A 1000 . ? 16_645 ? 
18 AC5 4 LYS A 33  ? LYS A 33   . ? 16_645 ? 
19 AC5 4 ARG A 82  ? ARG A 82   . ? 1_555  ? 
20 AC5 4 GLN A 90  ? GLN A 90   . ? 1_555  ? 
21 AC5 4 SER A 128 ? SER A 128  . ? 1_555  ? 
# 
_atom_sites.entry_id                    2B71 
_atom_sites.fract_transf_matrix[1][1]   0.00115787 
_atom_sites.fract_transf_matrix[1][2]   -0.00062733 
_atom_sites.fract_transf_matrix[1][3]   0.00743731 
_atom_sites.fract_transf_matrix[2][1]   0.00730287 
_atom_sites.fract_transf_matrix[2][2]   -0.00145887 
_atom_sites.fract_transf_matrix[2][3]   -0.00126000 
_atom_sites.fract_transf_matrix[3][1]   0.00154117 
_atom_sites.fract_transf_matrix[3][2]   0.00738417 
_atom_sites.fract_transf_matrix[3][3]   0.00038291 
_atom_sites.fract_transf_vector[1]      0.683513 
_atom_sites.fract_transf_vector[2]      0.532071 
_atom_sites.fract_transf_vector[3]      0.272521 
# 
loop_
_atom_type.symbol 
C  
CL 
N  
O  
S  
# 
loop_
_atom_site.group_PDB 
_atom_site.id 
_atom_site.type_symbol 
_atom_site.label_atom_id 
_atom_site.label_alt_id 
_atom_site.label_comp_id 
_atom_site.label_asym_id 
_atom_site.label_entity_id 
_atom_site.label_seq_id 
_atom_site.pdbx_PDB_ins_code 
_atom_site.Cartn_x 
_atom_site.Cartn_y 
_atom_site.Cartn_z 
_atom_site.occupancy 
_atom_site.B_iso_or_equiv 
_atom_site.pdbx_formal_charge 
_atom_site.auth_seq_id 
_atom_site.auth_comp_id 
_atom_site.auth_asym_id 
_atom_site.auth_atom_id 
_atom_site.pdbx_PDB_model_num 
ATOM   1    N  N   . LEU A 1 23  ? -16.022 -15.957 -4.876  1.00 51.70 ? 23   LEU A N   1 
ATOM   2    C  CA  . LEU A 1 23  ? -14.998 -14.858 -4.621  1.00 52.14 ? 23   LEU A CA  1 
ATOM   3    C  C   . LEU A 1 23  ? -14.771 -14.438 -3.136  1.00 52.45 ? 23   LEU A C   1 
ATOM   4    O  O   . LEU A 1 23  ? -13.734 -13.858 -2.821  1.00 52.01 ? 23   LEU A O   1 
ATOM   5    C  CB  . LEU A 1 23  ? -15.197 -13.582 -5.504  1.00 53.01 ? 23   LEU A CB  1 
ATOM   6    C  CG  . LEU A 1 23  ? -14.980 -12.037 -5.177  1.00 51.84 ? 23   LEU A CG  1 
ATOM   7    C  CD1 . LEU A 1 23  ? -15.246 -11.671 -3.710  1.00 51.44 ? 23   LEU A CD1 1 
ATOM   8    C  CD2 . LEU A 1 23  ? -13.787 -11.250 -5.706  1.00 50.04 ? 23   LEU A CD2 1 
ATOM   9    N  N   . GLU A 1 24  ? -15.699 -14.709 -2.227  1.00 51.65 ? 24   GLU A N   1 
ATOM   10   C  CA  . GLU A 1 24  ? -15.251 -14.804 -0.848  1.00 51.44 ? 24   GLU A CA  1 
ATOM   11   C  C   . GLU A 1 24  ? -14.636 -16.173 -0.585  1.00 50.05 ? 24   GLU A C   1 
ATOM   12   O  O   . GLU A 1 24  ? -14.013 -16.416 0.440   1.00 49.09 ? 24   GLU A O   1 
ATOM   13   C  CB  . GLU A 1 24  ? -16.355 -14.533 0.128   1.00 52.32 ? 24   GLU A CB  1 
ATOM   14   C  CG  . GLU A 1 24  ? -17.211 -15.697 0.432   1.00 57.23 ? 24   GLU A CG  1 
ATOM   15   C  CD  . GLU A 1 24  ? -18.581 -15.194 0.785   1.00 65.02 ? 24   GLU A CD  1 
ATOM   16   O  OE1 . GLU A 1 24  ? -19.096 -14.363 -0.015  1.00 68.91 ? 24   GLU A OE1 1 
ATOM   17   O  OE2 . GLU A 1 24  ? -19.121 -15.580 1.855   1.00 66.55 ? 24   GLU A OE2 1 
ATOM   18   N  N   . GLU A 1 25  ? -14.811 -17.061 -1.543  1.00 49.01 ? 25   GLU A N   1 
ATOM   19   C  CA  . GLU A 1 25  ? -14.056 -18.293 -1.549  1.00 47.86 ? 25   GLU A CA  1 
ATOM   20   C  C   . GLU A 1 25  ? -12.629 -18.007 -1.941  1.00 44.95 ? 25   GLU A C   1 
ATOM   21   O  O   . GLU A 1 25  ? -11.704 -18.703 -1.495  1.00 44.35 ? 25   GLU A O   1 
ATOM   22   C  CB  . GLU A 1 25  ? -14.642 -19.293 -2.548  1.00 48.95 ? 25   GLU A CB  1 
ATOM   23   C  CG  . GLU A 1 25  ? -16.088 -19.678 -2.252  1.00 53.10 ? 25   GLU A CG  1 
ATOM   24   C  CD  . GLU A 1 25  ? -16.655 -20.510 -3.377  1.00 57.75 ? 25   GLU A CD  1 
ATOM   25   O  OE1 . GLU A 1 25  ? -16.445 -20.168 -4.576  1.00 60.75 ? 25   GLU A OE1 1 
ATOM   26   O  OE2 . GLU A 1 25  ? -17.307 -21.509 -3.059  1.00 58.29 ? 25   GLU A OE2 1 
ATOM   27   N  N   . LYS A 1 26  ? -12.452 -17.002 -2.795  1.00 41.91 ? 26   LYS A N   1 
ATOM   28   C  CA  . LYS A 1 26  ? -11.139 -16.684 -3.295  1.00 38.56 ? 26   LYS A CA  1 
ATOM   29   C  C   . LYS A 1 26  ? -10.389 -16.048 -2.135  1.00 37.65 ? 26   LYS A C   1 
ATOM   30   O  O   . LYS A 1 26  ? -9.206  -16.359 -1.877  1.00 37.16 ? 26   LYS A O   1 
ATOM   31   C  CB  . LYS A 1 26  ? -11.273 -15.768 -4.477  1.00 38.22 ? 26   LYS A CB  1 
ATOM   32   C  CG  . LYS A 1 26  ? -10.101 -15.850 -5.397  1.00 38.85 ? 26   LYS A CG  1 
ATOM   33   C  CD  . LYS A 1 26  ? -10.175 -14.832 -6.567  1.00 38.15 ? 26   LYS A CD  1 
ATOM   34   C  CE  . LYS A 1 26  ? -8.773  -14.704 -7.151  1.00 39.27 ? 26   LYS A CE  1 
ATOM   35   N  NZ  . LYS A 1 26  ? -8.778  -14.069 -8.459  1.00 39.79 ? 26   LYS A NZ  1 
ATOM   36   N  N   . ILE A 1 27  ? -11.106 -15.215 -1.376  1.00 35.76 ? 27   ILE A N   1 
ATOM   37   C  CA  . ILE A 1 27  ? -10.544 -14.641 -0.164  1.00 33.80 ? 27   ILE A CA  1 
ATOM   38   C  C   . ILE A 1 27  ? -10.103 -15.752 0.807   1.00 33.73 ? 27   ILE A C   1 
ATOM   39   O  O   . ILE A 1 27  ? -8.931  -15.741 1.231   1.00 33.98 ? 27   ILE A O   1 
ATOM   40   C  CB  . ILE A 1 27  ? -11.487 -13.623 0.539   1.00 33.23 ? 27   ILE A CB  1 
ATOM   41   C  CG1 . ILE A 1 27  ? -11.719 -12.409 -0.337  1.00 31.21 ? 27   ILE A CG1 1 
ATOM   42   C  CG2 . ILE A 1 27  ? -10.943 -13.180 1.894   1.00 29.98 ? 27   ILE A CG2 1 
ATOM   43   C  CD1 . ILE A 1 27  ? -12.906 -11.650 0.187   1.00 29.34 ? 27   ILE A CD1 1 
ATOM   44   N  N   . ALA A 1 28  ? -10.999 -16.691 1.151   1.00 32.36 ? 28   ALA A N   1 
ATOM   45   C  CA  . ALA A 1 28  ? -10.682 -17.727 2.176   1.00 31.44 ? 28   ALA A CA  1 
ATOM   46   C  C   . ALA A 1 28  ? -9.512  -18.644 1.742   1.00 30.94 ? 28   ALA A C   1 
ATOM   47   O  O   . ALA A 1 28  ? -8.696  -19.091 2.563   1.00 30.44 ? 28   ALA A O   1 
ATOM   48   C  CB  . ALA A 1 28  ? -11.936 -18.546 2.538   1.00 30.73 ? 28   ALA A CB  1 
ATOM   49   N  N   . TYR A 1 29  ? -9.405  -18.864 0.430   1.00 30.46 ? 29   TYR A N   1 
ATOM   50   C  CA  . TYR A 1 29  ? -8.346  -19.670 -0.132  1.00 30.46 ? 29   TYR A CA  1 
ATOM   51   C  C   . TYR A 1 29  ? -6.988  -18.981 0.025   1.00 30.91 ? 29   TYR A C   1 
ATOM   52   O  O   . TYR A 1 29  ? -6.021  -19.596 0.561   1.00 30.75 ? 29   TYR A O   1 
ATOM   53   C  CB  . TYR A 1 29  ? -8.637  -19.929 -1.609  1.00 30.61 ? 29   TYR A CB  1 
ATOM   54   C  CG  . TYR A 1 29  ? -7.584  -20.739 -2.298  1.00 30.48 ? 29   TYR A CG  1 
ATOM   55   C  CD1 . TYR A 1 29  ? -7.627  -22.151 -2.275  1.00 28.89 ? 29   TYR A CD1 1 
ATOM   56   C  CD2 . TYR A 1 29  ? -6.541  -20.114 -3.007  1.00 30.27 ? 29   TYR A CD2 1 
ATOM   57   C  CE1 . TYR A 1 29  ? -6.606  -22.946 -2.928  1.00 27.90 ? 29   TYR A CE1 1 
ATOM   58   C  CE2 . TYR A 1 29  ? -5.528  -20.887 -3.690  1.00 30.05 ? 29   TYR A CE2 1 
ATOM   59   C  CZ  . TYR A 1 29  ? -5.569  -22.292 -3.635  1.00 31.32 ? 29   TYR A CZ  1 
ATOM   60   O  OH  . TYR A 1 29  ? -4.577  -23.025 -4.273  1.00 32.18 ? 29   TYR A OH  1 
ATOM   61   N  N   . TYR A 1 30  ? -6.894  -17.725 -0.460  1.00 30.05 ? 30   TYR A N   1 
ATOM   62   C  CA  . TYR A 1 30  ? -5.586  -17.062 -0.468  1.00 29.50 ? 30   TYR A CA  1 
ATOM   63   C  C   . TYR A 1 30  ? -5.130  -16.638 0.917   1.00 29.04 ? 30   TYR A C   1 
ATOM   64   O  O   . TYR A 1 30  ? -3.940  -16.462 1.150   1.00 27.94 ? 30   TYR A O   1 
ATOM   65   C  CB  . TYR A 1 30  ? -5.525  -15.935 -1.459  1.00 29.67 ? 30   TYR A CB  1 
ATOM   66   C  CG  . TYR A 1 30  ? -5.414  -16.516 -2.824  1.00 30.85 ? 30   TYR A CG  1 
ATOM   67   C  CD1 . TYR A 1 30  ? -4.285  -17.303 -3.174  1.00 30.61 ? 30   TYR A CD1 1 
ATOM   68   C  CD2 . TYR A 1 30  ? -6.445  -16.345 -3.755  1.00 27.73 ? 30   TYR A CD2 1 
ATOM   69   C  CE1 . TYR A 1 30  ? -4.181  -17.876 -4.429  1.00 28.83 ? 30   TYR A CE1 1 
ATOM   70   C  CE2 . TYR A 1 30  ? -6.341  -16.896 -5.017  1.00 28.90 ? 30   TYR A CE2 1 
ATOM   71   C  CZ  . TYR A 1 30  ? -5.220  -17.666 -5.335  1.00 29.69 ? 30   TYR A CZ  1 
ATOM   72   O  OH  . TYR A 1 30  ? -5.157  -18.208 -6.570  1.00 31.13 ? 30   TYR A OH  1 
ATOM   73   N  N   . LYS A 1 31  ? -6.092  -16.567 1.833   1.00 27.59 ? 31   LYS A N   1 
ATOM   74   C  CA  . LYS A 1 31  ? -5.788  -16.464 3.220   1.00 27.79 ? 31   LYS A CA  1 
ATOM   75   C  C   . LYS A 1 31  ? -4.816  -17.569 3.609   1.00 28.50 ? 31   LYS A C   1 
ATOM   76   O  O   . LYS A 1 31  ? -3.807  -17.308 4.270   1.00 29.80 ? 31   LYS A O   1 
ATOM   77   C  CB  . LYS A 1 31  ? -7.067  -16.538 4.061   1.00 27.46 ? 31   LYS A CB  1 
ATOM   78   C  CG  . LYS A 1 31  ? -6.843  -16.252 5.508   1.00 26.60 ? 31   LYS A CG  1 
ATOM   79   C  CD  . LYS A 1 31  ? -8.105  -16.403 6.302   1.00 26.42 ? 31   LYS A CD  1 
ATOM   80   C  CE  . LYS A 1 31  ? -7.697  -16.017 7.688   1.00 30.82 ? 31   LYS A CE  1 
ATOM   81   N  NZ  . LYS A 1 31  ? -8.789  -16.034 8.685   1.00 31.75 ? 31   LYS A NZ  1 
ATOM   82   N  N   . MET A 1 32  ? -5.109  -18.800 3.211   1.00 28.11 ? 32   MET A N   1 
ATOM   83   C  CA  . MET A 1 32  ? -4.233  -19.907 3.478   1.00 27.30 ? 32   MET A CA  1 
ATOM   84   C  C   . MET A 1 32  ? -3.053  -20.007 2.511   1.00 26.74 ? 32   MET A C   1 
ATOM   85   O  O   . MET A 1 32  ? -1.926  -20.267 2.932   1.00 25.97 ? 32   MET A O   1 
ATOM   86   C  CB  . MET A 1 32  ? -5.056  -21.190 3.449   1.00 27.37 ? 32   MET A CB  1 
ATOM   87   C  CG  . MET A 1 32  ? -6.104  -21.254 4.548   1.00 30.95 ? 32   MET A CG  1 
ATOM   88   S  SD  . MET A 1 32  ? -5.363  -21.348 6.214   1.00 38.37 ? 32   MET A SD  1 
ATOM   89   C  CE  . MET A 1 32  ? -4.606  -22.966 6.103   1.00 38.44 ? 32   MET A CE  1 
ATOM   90   N  N   . LYS A 1 33  ? -3.295  -19.844 1.215   1.00 26.86 ? 33   LYS A N   1 
ATOM   91   C  CA  . LYS A 1 33  ? -2.294  -20.254 0.212   1.00 27.05 ? 33   LYS A CA  1 
ATOM   92   C  C   . LYS A 1 33  ? -1.460  -19.080 -0.317  1.00 27.19 ? 33   LYS A C   1 
ATOM   93   O  O   . LYS A 1 33  ? -0.456  -19.260 -1.036  1.00 25.37 ? 33   LYS A O   1 
ATOM   94   C  CB  . LYS A 1 33  ? -3.007  -20.942 -0.958  1.00 27.01 ? 33   LYS A CB  1 
ATOM   95   C  CG  . LYS A 1 33  ? -3.783  -22.240 -0.613  1.00 30.04 ? 33   LYS A CG  1 
ATOM   96   C  CD  . LYS A 1 33  ? -3.013  -23.205 0.301   1.00 32.14 ? 33   LYS A CD  1 
ATOM   97   C  CE  . LYS A 1 33  ? -1.779  -23.756 -0.389  1.00 35.68 ? 33   LYS A CE  1 
ATOM   98   N  NZ  . LYS A 1 33  ? -1.015  -24.822 0.416   1.00 34.99 ? 33   LYS A NZ  1 
ATOM   99   N  N   . GLY A 1 34  ? -1.921  -17.874 0.059   1.00 27.78 ? 34   GLY A N   1 
ATOM   100  C  CA  . GLY A 1 34  ? -1.377  -16.620 -0.404  1.00 27.57 ? 34   GLY A CA  1 
ATOM   101  C  C   . GLY A 1 34  ? 0.129   -16.541 -0.266  1.00 28.00 ? 34   GLY A C   1 
ATOM   102  O  O   . GLY A 1 34  ? 0.827   -16.200 -1.220  1.00 28.67 ? 34   GLY A O   1 
ATOM   103  N  N   . HIS A 1 35  ? 0.641   -16.891 0.903   1.00 27.87 ? 35   HIS A N   1 
ATOM   104  C  CA  . HIS A 1 35  ? 2.044   -16.705 1.200   1.00 28.20 ? 35   HIS A CA  1 
ATOM   105  C  C   . HIS A 1 35  ? 2.907   -17.539 0.276   1.00 29.58 ? 35   HIS A C   1 
ATOM   106  O  O   . HIS A 1 35  ? 3.987   -17.075 -0.155  1.00 29.72 ? 35   HIS A O   1 
ATOM   107  C  CB  . HIS A 1 35  ? 2.342   -17.030 2.657   1.00 26.33 ? 35   HIS A CB  1 
ATOM   108  C  CG  . HIS A 1 35  ? 3.782   -16.880 3.014   1.00 29.86 ? 35   HIS A CG  1 
ATOM   109  N  ND1 . HIS A 1 35  ? 4.505   -15.729 2.747   1.00 33.98 ? 35   HIS A ND1 1 
ATOM   110  C  CD2 . HIS A 1 35  ? 4.641   -17.717 3.630   1.00 32.33 ? 35   HIS A CD2 1 
ATOM   111  C  CE1 . HIS A 1 35  ? 5.745   -15.862 3.186   1.00 32.64 ? 35   HIS A CE1 1 
ATOM   112  N  NE2 . HIS A 1 35  ? 5.857   -17.064 3.719   1.00 36.44 ? 35   HIS A NE2 1 
ATOM   113  N  N   . THR A 1 36  ? 2.447   -18.768 -0.035  1.00 30.90 ? 36   THR A N   1 
ATOM   114  C  CA  . THR A 1 36  ? 3.268   -19.680 -0.864  1.00 31.55 ? 36   THR A CA  1 
ATOM   115  C  C   . THR A 1 36  ? 2.897   -19.629 -2.340  1.00 32.24 ? 36   THR A C   1 
ATOM   116  O  O   . THR A 1 36  ? 3.743   -19.871 -3.159  1.00 32.73 ? 36   THR A O   1 
ATOM   117  C  CB  . THR A 1 36  ? 3.270   -21.119 -0.366  1.00 31.10 ? 36   THR A CB  1 
ATOM   118  O  OG1 . THR A 1 36  ? 1.919   -21.558 -0.220  1.00 32.29 ? 36   THR A OG1 1 
ATOM   119  C  CG2 . THR A 1 36  ? 3.967   -21.238 0.979   1.00 30.02 ? 36   THR A CG2 1 
ATOM   120  N  N   . GLU A 1 37  ? 1.660   -19.273 -2.692  1.00 33.09 ? 37   GLU A N   1 
ATOM   121  C  CA  . GLU A 1 37  ? 1.299   -19.193 -4.115  1.00 34.04 ? 37   GLU A CA  1 
ATOM   122  C  C   . GLU A 1 37  ? 1.369   -17.802 -4.726  1.00 34.63 ? 37   GLU A C   1 
ATOM   123  O  O   . GLU A 1 37  ? 1.436   -17.701 -5.939  1.00 35.88 ? 37   GLU A O   1 
ATOM   124  C  CB  . GLU A 1 37  ? -0.063  -19.831 -4.424  1.00 33.44 ? 37   GLU A CB  1 
ATOM   125  C  CG  . GLU A 1 37  ? -0.109  -21.274 -3.976  1.00 35.18 ? 37   GLU A CG  1 
ATOM   126  C  CD  . GLU A 1 37  ? -1.393  -22.070 -4.328  1.00 36.61 ? 37   GLU A CD  1 
ATOM   127  O  OE1 . GLU A 1 37  ? -2.389  -21.461 -4.852  1.00 34.62 ? 37   GLU A OE1 1 
ATOM   128  O  OE2 . GLU A 1 37  ? -1.343  -23.337 -4.071  1.00 40.35 ? 37   GLU A OE2 1 
ATOM   129  N  N   . ARG A 1 38  ? 1.332   -16.728 -3.924  1.00 34.42 ? 38   ARG A N   1 
ATOM   130  C  CA  . ARG A 1 38  ? 1.410   -15.346 -4.478  1.00 33.28 ? 38   ARG A CA  1 
ATOM   131  C  C   . ARG A 1 38  ? 1.893   -14.391 -3.410  1.00 32.52 ? 38   ARG A C   1 
ATOM   132  O  O   . ARG A 1 38  ? 1.221   -13.407 -3.090  1.00 32.62 ? 38   ARG A O   1 
ATOM   133  C  CB  . ARG A 1 38  ? 0.090   -14.868 -5.135  1.00 32.41 ? 38   ARG A CB  1 
ATOM   134  C  CG  . ARG A 1 38  ? -1.145  -15.436 -4.513  1.00 31.70 ? 38   ARG A CG  1 
ATOM   135  C  CD  . ARG A 1 38  ? -2.388  -14.788 -5.050  1.00 32.51 ? 38   ARG A CD  1 
ATOM   136  N  NE  . ARG A 1 38  ? -2.813  -15.161 -6.404  1.00 32.15 ? 38   ARG A NE  1 
ATOM   137  C  CZ  . ARG A 1 38  ? -3.998  -14.801 -6.917  1.00 36.25 ? 38   ARG A CZ  1 
ATOM   138  N  NH1 . ARG A 1 38  ? -4.899  -14.080 -6.214  1.00 36.17 ? 38   ARG A NH1 1 
ATOM   139  N  NH2 . ARG A 1 38  ? -4.313  -15.140 -8.141  1.00 36.86 ? 38   ARG A NH2 1 
ATOM   140  N  N   . GLY A 1 39  ? 3.064   -14.709 -2.876  1.00 30.97 ? 39   GLY A N   1 
ATOM   141  C  CA  . GLY A 1 39  ? 3.569   -14.040 -1.700  1.00 31.16 ? 39   GLY A CA  1 
ATOM   142  C  C   . GLY A 1 39  ? 4.211   -12.673 -1.844  1.00 30.50 ? 39   GLY A C   1 
ATOM   143  O  O   . GLY A 1 39  ? 4.289   -11.935 -0.854  1.00 30.16 ? 39   GLY A O   1 
ATOM   144  N  N   . TYR A 1 40  ? 4.688   -12.333 -3.039  1.00 29.35 ? 40   TYR A N   1 
ATOM   145  C  CA  . TYR A 1 40  ? 5.521   -11.133 -3.220  1.00 29.20 ? 40   TYR A CA  1 
ATOM   146  C  C   . TYR A 1 40  ? 5.096   -10.403 -4.436  1.00 28.81 ? 40   TYR A C   1 
ATOM   147  O  O   . TYR A 1 40  ? 4.635   -11.034 -5.374  1.00 29.75 ? 40   TYR A O   1 
ATOM   148  C  CB  . TYR A 1 40  ? 7.009   -11.486 -3.287  1.00 28.79 ? 40   TYR A CB  1 
ATOM   149  C  CG  . TYR A 1 40  ? 7.394   -12.165 -2.013  1.00 29.13 ? 40   TYR A CG  1 
ATOM   150  C  CD1 . TYR A 1 40  ? 7.830   -11.430 -0.945  1.00 29.45 ? 40   TYR A CD1 1 
ATOM   151  C  CD2 . TYR A 1 40  ? 7.225   -13.553 -1.844  1.00 31.24 ? 40   TYR A CD2 1 
ATOM   152  C  CE1 . TYR A 1 40  ? 8.130   -12.032 0.258   1.00 31.94 ? 40   TYR A CE1 1 
ATOM   153  C  CE2 . TYR A 1 40  ? 7.522   -14.186 -0.632  1.00 28.80 ? 40   TYR A CE2 1 
ATOM   154  C  CZ  . TYR A 1 40  ? 7.969   -13.409 0.420   1.00 31.10 ? 40   TYR A CZ  1 
ATOM   155  O  OH  . TYR A 1 40  ? 8.264   -13.951 1.647   1.00 29.53 ? 40   TYR A OH  1 
ATOM   156  N  N   . ILE A 1 41  ? 5.188   -9.069  -4.399  1.00 28.17 ? 41   ILE A N   1 
ATOM   157  C  CA  . ILE A 1 41  ? 4.973   -8.250  -5.576  1.00 26.33 ? 41   ILE A CA  1 
ATOM   158  C  C   . ILE A 1 41  ? 6.161   -7.331  -5.682  1.00 26.76 ? 41   ILE A C   1 
ATOM   159  O  O   . ILE A 1 41  ? 6.648   -6.815  -4.672  1.00 26.62 ? 41   ILE A O   1 
ATOM   160  C  CB  . ILE A 1 41  ? 3.685   -7.467  -5.476  1.00 26.33 ? 41   ILE A CB  1 
ATOM   161  C  CG1 . ILE A 1 41  ? 2.502   -8.418  -5.401  1.00 24.85 ? 41   ILE A CG1 1 
ATOM   162  C  CG2 . ILE A 1 41  ? 3.448   -6.647  -6.739  1.00 24.77 ? 41   ILE A CG2 1 
ATOM   163  C  CD1 . ILE A 1 41  ? 1.196   -7.720  -4.973  1.00 24.24 ? 41   ILE A CD1 1 
ATOM   164  N  N   . THR A 1 42  ? 6.669   -7.166  -6.899  1.00 27.12 ? 42   THR A N   1 
ATOM   165  C  CA  . THR A 1 42  ? 7.687   -6.175  -7.157  1.00 27.79 ? 42   THR A CA  1 
ATOM   166  C  C   . THR A 1 42  ? 6.979   -4.955  -7.745  1.00 28.56 ? 42   THR A C   1 
ATOM   167  O  O   . THR A 1 42  ? 6.133   -5.103  -8.640  1.00 28.57 ? 42   THR A O   1 
ATOM   168  C  CB  . THR A 1 42  ? 8.730   -6.653  -8.151  1.00 28.09 ? 42   THR A CB  1 
ATOM   169  O  OG1 . THR A 1 42  ? 9.491   -7.717  -7.578  1.00 27.11 ? 42   THR A OG1 1 
ATOM   170  C  CG2 . THR A 1 42  ? 9.699   -5.514  -8.469  1.00 30.26 ? 42   THR A CG2 1 
ATOM   171  N  N   . ILE A 1 43  ? 7.335   -3.774  -7.222  1.00 29.01 ? 43   ILE A N   1 
ATOM   172  C  CA  . ILE A 1 43  ? 6.815   -2.458  -7.667  1.00 29.40 ? 43   ILE A CA  1 
ATOM   173  C  C   . ILE A 1 43  ? 7.952   -1.670  -8.360  1.00 29.01 ? 43   ILE A C   1 
ATOM   174  O  O   . ILE A 1 43  ? 9.030   -1.445  -7.768  1.00 29.92 ? 43   ILE A O   1 
ATOM   175  C  CB  . ILE A 1 43  ? 6.279   -1.648  -6.476  1.00 29.03 ? 43   ILE A CB  1 
ATOM   176  C  CG1 . ILE A 1 43  ? 5.592   -2.605  -5.504  1.00 28.42 ? 43   ILE A CG1 1 
ATOM   177  C  CG2 . ILE A 1 43  ? 5.476   -0.454  -6.955  1.00 26.43 ? 43   ILE A CG2 1 
ATOM   178  C  CD1 . ILE A 1 43  ? 4.148   -2.507  -5.427  1.00 28.09 ? 43   ILE A CD1 1 
ATOM   179  N  N   . TYR A 1 44  ? 7.728   -1.301  -9.617  1.00 27.67 ? 44   TYR A N   1 
ATOM   180  C  CA  . TYR A 1 44  ? 8.748   -0.573  -10.350 1.00 26.92 ? 44   TYR A CA  1 
ATOM   181  C  C   . TYR A 1 44  ? 8.327   0.873   -10.365 1.00 25.78 ? 44   TYR A C   1 
ATOM   182  O  O   . TYR A 1 44  ? 7.152   1.174   -10.704 1.00 24.82 ? 44   TYR A O   1 
ATOM   183  C  CB  . TYR A 1 44  ? 8.849   -1.098  -11.774 1.00 28.61 ? 44   TYR A CB  1 
ATOM   184  C  CG  . TYR A 1 44  ? 9.138   -2.555  -11.847 1.00 29.38 ? 44   TYR A CG  1 
ATOM   185  C  CD1 . TYR A 1 44  ? 10.439  -2.997  -12.098 1.00 30.60 ? 44   TYR A CD1 1 
ATOM   186  C  CD2 . TYR A 1 44  ? 8.131   -3.498  -11.636 1.00 29.62 ? 44   TYR A CD2 1 
ATOM   187  C  CE1 . TYR A 1 44  ? 10.742  -4.334  -12.133 1.00 30.53 ? 44   TYR A CE1 1 
ATOM   188  C  CE2 . TYR A 1 44  ? 8.406   -4.833  -11.676 1.00 30.43 ? 44   TYR A CE2 1 
ATOM   189  C  CZ  . TYR A 1 44  ? 9.712   -5.248  -11.943 1.00 32.65 ? 44   TYR A CZ  1 
ATOM   190  O  OH  . TYR A 1 44  ? 10.029  -6.591  -11.988 1.00 35.17 ? 44   TYR A OH  1 
ATOM   191  N  N   . THR A 1 45  ? 9.243   1.746   -9.942  1.00 24.40 ? 45   THR A N   1 
ATOM   192  C  CA  . THR A 1 45  ? 8.940   3.172   -9.847  1.00 24.34 ? 45   THR A CA  1 
ATOM   193  C  C   . THR A 1 45  ? 9.956   3.905   -10.676 1.00 25.43 ? 45   THR A C   1 
ATOM   194  O  O   . THR A 1 45  ? 10.992  3.357   -11.033 1.00 25.79 ? 45   THR A O   1 
ATOM   195  C  CB  . THR A 1 45  ? 9.016   3.739   -8.406  1.00 24.22 ? 45   THR A CB  1 
ATOM   196  O  OG1 . THR A 1 45  ? 10.388  3.849   -7.995  1.00 21.46 ? 45   THR A OG1 1 
ATOM   197  C  CG2 . THR A 1 45  ? 8.240   2.922   -7.423  1.00 21.88 ? 45   THR A CG2 1 
ATOM   198  N  N   . ASN A 1 46  ? 9.728   5.172   -10.943 1.00 25.65 ? 46   ASN A N   1 
ATOM   199  C  CA  . ASN A 1 46  ? 10.770  5.887   -11.683 1.00 26.44 ? 46   ASN A CA  1 
ATOM   200  C  C   . ASN A 1 46  ? 12.035  6.179   -10.829 1.00 26.57 ? 46   ASN A C   1 
ATOM   201  O  O   . ASN A 1 46  ? 13.015  6.728   -11.332 1.00 25.76 ? 46   ASN A O   1 
ATOM   202  C  CB  . ASN A 1 46  ? 10.210  7.166   -12.315 1.00 25.65 ? 46   ASN A CB  1 
ATOM   203  C  CG  . ASN A 1 46  ? 9.593   8.086   -11.283 1.00 26.35 ? 46   ASN A CG  1 
ATOM   204  O  OD1 . ASN A 1 46  ? 9.011   7.624   -10.285 1.00 24.16 ? 46   ASN A OD1 1 
ATOM   205  N  ND2 . ASN A 1 46  ? 9.697   9.384   -11.512 1.00 20.78 ? 46   ASN A ND2 1 
ATOM   206  N  N   . LEU A 1 47  ? 12.006  5.825   -9.541  1.00 27.61 ? 47   LEU A N   1 
ATOM   207  C  CA  . LEU A 1 47  ? 13.185  5.967   -8.676  1.00 27.73 ? 47   LEU A CA  1 
ATOM   208  C  C   . LEU A 1 47  ? 13.794  4.586   -8.334  1.00 28.49 ? 47   LEU A C   1 
ATOM   209  O  O   . LEU A 1 47  ? 14.573  4.480   -7.395  1.00 29.46 ? 47   LEU A O   1 
ATOM   210  C  CB  . LEU A 1 47  ? 12.819  6.754   -7.392  1.00 27.58 ? 47   LEU A CB  1 
ATOM   211  C  CG  . LEU A 1 47  ? 12.984  8.275   -7.355  1.00 26.77 ? 47   LEU A CG  1 
ATOM   212  C  CD1 . LEU A 1 47  ? 12.350  8.909   -8.559  1.00 27.02 ? 47   LEU A CD1 1 
ATOM   213  C  CD2 . LEU A 1 47  ? 12.387  8.833   -6.122  1.00 26.94 ? 47   LEU A CD2 1 
ATOM   214  N  N   . GLY A 1 48  ? 13.470  3.542   -9.097  1.00 28.76 ? 48   GLY A N   1 
ATOM   215  C  CA  . GLY A 1 48  ? 13.893  2.181   -8.740  1.00 29.69 ? 48   GLY A CA  1 
ATOM   216  C  C   . GLY A 1 48  ? 12.750  1.267   -8.294  1.00 29.99 ? 48   GLY A C   1 
ATOM   217  O  O   . GLY A 1 48  ? 11.574  1.633   -8.344  1.00 29.74 ? 48   GLY A O   1 
ATOM   218  N  N   . ASP A 1 49  ? 13.105  0.063   -7.863  1.00 31.07 ? 49   ASP A N   1 
ATOM   219  C  CA  . ASP A 1 49  ? 12.134  -1.048  -7.685  1.00 32.15 ? 49   ASP A CA  1 
ATOM   220  C  C   . ASP A 1 49  ? 12.271  -1.556  -6.314  1.00 30.11 ? 49   ASP A C   1 
ATOM   221  O  O   . ASP A 1 49  ? 13.366  -1.562  -5.772  1.00 30.47 ? 49   ASP A O   1 
ATOM   222  C  CB  . ASP A 1 49  ? 12.539  -2.200  -8.604  1.00 34.00 ? 49   ASP A CB  1 
ATOM   223  C  CG  . ASP A 1 49  ? 12.734  -1.729  -10.058 1.00 41.44 ? 49   ASP A CG  1 
ATOM   224  O  OD1 . ASP A 1 49  ? 13.553  -2.330  -10.790 1.00 47.84 ? 49   ASP A OD1 1 
ATOM   225  O  OD2 . ASP A 1 49  ? 12.064  -0.734  -10.477 1.00 46.92 ? 49   ASP A OD2 1 
ATOM   226  N  N   . PHE A 1 50  ? 11.173  -1.978  -5.730  1.00 28.15 ? 50   PHE A N   1 
ATOM   227  C  CA  . PHE A 1 50  ? 11.238  -2.637  -4.428  1.00 27.18 ? 50   PHE A CA  1 
ATOM   228  C  C   . PHE A 1 50  ? 10.239  -3.777  -4.368  1.00 27.21 ? 50   PHE A C   1 
ATOM   229  O  O   . PHE A 1 50  ? 9.358   -3.917  -5.235  1.00 27.22 ? 50   PHE A O   1 
ATOM   230  C  CB  . PHE A 1 50  ? 10.990  -1.658  -3.287  1.00 26.13 ? 50   PHE A CB  1 
ATOM   231  C  CG  . PHE A 1 50  ? 9.685   -0.923  -3.376  1.00 24.71 ? 50   PHE A CG  1 
ATOM   232  C  CD1 . PHE A 1 50  ? 8.571   -1.355  -2.649  1.00 27.12 ? 50   PHE A CD1 1 
ATOM   233  C  CD2 . PHE A 1 50  ? 9.570   0.235   -4.125  1.00 24.71 ? 50   PHE A CD2 1 
ATOM   234  C  CE1 . PHE A 1 50  ? 7.342   -0.649  -2.691  1.00 25.97 ? 50   PHE A CE1 1 
ATOM   235  C  CE2 . PHE A 1 50  ? 8.366   0.967   -4.160  1.00 23.11 ? 50   PHE A CE2 1 
ATOM   236  C  CZ  . PHE A 1 50  ? 7.255   0.511   -3.458  1.00 25.95 ? 50   PHE A CZ  1 
ATOM   237  N  N   . GLU A 1 51  ? 10.367  -4.593  -3.346  1.00 27.26 ? 51   GLU A N   1 
ATOM   238  C  CA  . GLU A 1 51  ? 9.546   -5.768  -3.284  1.00 28.53 ? 51   GLU A CA  1 
ATOM   239  C  C   . GLU A 1 51  ? 8.734   -5.698  -2.011  1.00 27.96 ? 51   GLU A C   1 
ATOM   240  O  O   . GLU A 1 51  ? 9.240   -5.289  -0.952  1.00 28.61 ? 51   GLU A O   1 
ATOM   241  C  CB  . GLU A 1 51  ? 10.440  -7.015  -3.367  1.00 28.75 ? 51   GLU A CB  1 
ATOM   242  C  CG  . GLU A 1 51  ? 9.699   -8.332  -3.341  1.00 32.44 ? 51   GLU A CG  1 
ATOM   243  C  CD  . GLU A 1 51  ? 10.613  -9.502  -2.951  1.00 37.58 ? 51   GLU A CD  1 
ATOM   244  O  OE1 . GLU A 1 51  ? 10.925  -9.733  -1.735  1.00 38.46 ? 51   GLU A OE1 1 
ATOM   245  O  OE2 . GLU A 1 51  ? 11.030  -10.195 -3.893  1.00 40.62 ? 51   GLU A OE2 1 
ATOM   246  N  N   . VAL A 1 52  ? 7.461   -6.040  -2.113  1.00 27.64 ? 52   VAL A N   1 
ATOM   247  C  CA  . VAL A 1 52  ? 6.678   -6.229  -0.909  1.00 27.84 ? 52   VAL A CA  1 
ATOM   248  C  C   . VAL A 1 52  ? 6.261   -7.692  -0.656  1.00 28.66 ? 52   VAL A C   1 
ATOM   249  O  O   . VAL A 1 52  ? 6.073   -8.498  -1.604  1.00 27.84 ? 52   VAL A O   1 
ATOM   250  C  CB  . VAL A 1 52  ? 5.418   -5.362  -0.900  1.00 28.95 ? 52   VAL A CB  1 
ATOM   251  C  CG1 . VAL A 1 52  ? 5.787   -3.860  -1.017  1.00 28.05 ? 52   VAL A CG1 1 
ATOM   252  C  CG2 . VAL A 1 52  ? 4.509   -5.780  -1.991  1.00 26.05 ? 52   VAL A CG2 1 
ATOM   253  N  N   . GLU A 1 53  ? 6.109   -8.003  0.645   1.00 28.28 ? 53   GLU A N   1 
ATOM   254  C  CA  . GLU A 1 53  ? 5.683   -9.302  1.142   1.00 27.10 ? 53   GLU A CA  1 
ATOM   255  C  C   . GLU A 1 53  ? 4.266   -9.131  1.657   1.00 26.76 ? 53   GLU A C   1 
ATOM   256  O  O   . GLU A 1 53  ? 4.058   -8.292  2.499   1.00 27.97 ? 53   GLU A O   1 
ATOM   257  C  CB  . GLU A 1 53  ? 6.606   -9.739  2.287   1.00 27.03 ? 53   GLU A CB  1 
ATOM   258  C  CG  . GLU A 1 53  ? 6.226   -11.089 2.911   1.00 28.82 ? 53   GLU A CG  1 
ATOM   259  C  CD  . GLU A 1 53  ? 7.154   -11.488 4.013   1.00 31.12 ? 53   GLU A CD  1 
ATOM   260  O  OE1 . GLU A 1 53  ? 7.095   -10.899 5.107   1.00 34.22 ? 53   GLU A OE1 1 
ATOM   261  O  OE2 . GLU A 1 53  ? 7.954   -12.394 3.798   1.00 30.97 ? 53   GLU A OE2 1 
ATOM   262  N  N   . LEU A 1 54  ? 3.300   -9.909  1.182   1.00 25.94 ? 54   LEU A N   1 
ATOM   263  C  CA  . LEU A 1 54  ? 1.925   -9.693  1.555   1.00 26.53 ? 54   LEU A CA  1 
ATOM   264  C  C   . LEU A 1 54  ? 1.591   -10.545 2.740   1.00 25.52 ? 54   LEU A C   1 
ATOM   265  O  O   . LEU A 1 54  ? 1.930   -11.683 2.745   1.00 24.76 ? 54   LEU A O   1 
ATOM   266  C  CB  . LEU A 1 54  ? 0.934   -10.007 0.403   1.00 27.02 ? 54   LEU A CB  1 
ATOM   267  C  CG  . LEU A 1 54  ? 1.195   -9.250  -0.899  1.00 29.41 ? 54   LEU A CG  1 
ATOM   268  C  CD1 . LEU A 1 54  ? 0.496   -9.866  -2.068  1.00 32.33 ? 54   LEU A CD1 1 
ATOM   269  C  CD2 . LEU A 1 54  ? 0.700   -7.900  -0.777  1.00 30.47 ? 54   LEU A CD2 1 
ATOM   270  N  N   . TYR A 1 55  ? 0.876   -9.980  3.706   1.00 24.79 ? 55   TYR A N   1 
ATOM   271  C  CA  . TYR A 1 55  ? 0.389   -10.701 4.849   1.00 24.16 ? 55   TYR A CA  1 
ATOM   272  C  C   . TYR A 1 55  ? -1.019  -11.243 4.583   1.00 24.74 ? 55   TYR A C   1 
ATOM   273  O  O   . TYR A 1 55  ? -2.024  -10.780 5.183   1.00 23.86 ? 55   TYR A O   1 
ATOM   274  C  CB  . TYR A 1 55  ? 0.320   -9.749  6.001   1.00 24.01 ? 55   TYR A CB  1 
ATOM   275  C  CG  . TYR A 1 55  ? 1.634   -9.106  6.361   1.00 24.16 ? 55   TYR A CG  1 
ATOM   276  C  CD1 . TYR A 1 55  ? 2.853   -9.696  6.020   1.00 22.77 ? 55   TYR A CD1 1 
ATOM   277  C  CD2 . TYR A 1 55  ? 1.664   -7.916  7.083   1.00 23.84 ? 55   TYR A CD2 1 
ATOM   278  C  CE1 . TYR A 1 55  ? 4.072   -9.110  6.390   1.00 22.54 ? 55   TYR A CE1 1 
ATOM   279  C  CE2 . TYR A 1 55  ? 2.901   -7.314  7.451   1.00 22.24 ? 55   TYR A CE2 1 
ATOM   280  C  CZ  . TYR A 1 55  ? 4.071   -7.921  7.106   1.00 22.95 ? 55   TYR A CZ  1 
ATOM   281  O  OH  . TYR A 1 55  ? 5.249   -7.372  7.522   1.00 24.71 ? 55   TYR A OH  1 
ATOM   282  N  N   . TRP A 1 56  ? -1.089  -12.245 3.692   1.00 24.71 ? 56   TRP A N   1 
ATOM   283  C  CA  . TRP A 1 56  ? -2.362  -12.883 3.308   1.00 24.36 ? 56   TRP A CA  1 
ATOM   284  C  C   . TRP A 1 56  ? -3.153  -13.417 4.529   1.00 24.71 ? 56   TRP A C   1 
ATOM   285  O  O   . TRP A 1 56  ? -4.375  -13.165 4.659   1.00 23.88 ? 56   TRP A O   1 
ATOM   286  C  CB  . TRP A 1 56  ? -2.117  -14.017 2.319   1.00 23.05 ? 56   TRP A CB  1 
ATOM   287  C  CG  . TRP A 1 56  ? -1.692  -13.587 0.973   1.00 23.54 ? 56   TRP A CG  1 
ATOM   288  C  CD1 . TRP A 1 56  ? -0.392  -13.538 0.483   1.00 24.24 ? 56   TRP A CD1 1 
ATOM   289  C  CD2 . TRP A 1 56  ? -2.545  -13.143 -0.099  1.00 22.11 ? 56   TRP A CD2 1 
ATOM   290  N  NE1 . TRP A 1 56  ? -0.399  -13.100 -0.844  1.00 22.85 ? 56   TRP A NE1 1 
ATOM   291  C  CE2 . TRP A 1 56  ? -1.697  -12.828 -1.217  1.00 23.05 ? 56   TRP A CE2 1 
ATOM   292  C  CE3 . TRP A 1 56  ? -3.924  -12.948 -0.220  1.00 20.78 ? 56   TRP A CE3 1 
ATOM   293  C  CZ2 . TRP A 1 56  ? -2.211  -12.328 -2.458  1.00 23.09 ? 56   TRP A CZ2 1 
ATOM   294  C  CZ3 . TRP A 1 56  ? -4.445  -12.454 -1.474  1.00 22.54 ? 56   TRP A CZ3 1 
ATOM   295  C  CH2 . TRP A 1 56  ? -3.591  -12.173 -2.569  1.00 22.54 ? 56   TRP A CH2 1 
ATOM   296  N  N   . TYR A 1 57  ? -2.481  -14.151 5.428   1.00 24.82 ? 57   TYR A N   1 
ATOM   297  C  CA  . TYR A 1 57  ? -3.244  -14.773 6.517   1.00 24.95 ? 57   TYR A CA  1 
ATOM   298  C  C   . TYR A 1 57  ? -3.977  -13.735 7.381   1.00 25.00 ? 57   TYR A C   1 
ATOM   299  O  O   . TYR A 1 57  ? -5.157  -13.866 7.600   1.00 25.39 ? 57   TYR A O   1 
ATOM   300  C  CB  . TYR A 1 57  ? -2.440  -15.743 7.371   1.00 24.28 ? 57   TYR A CB  1 
ATOM   301  C  CG  . TYR A 1 57  ? -3.396  -16.421 8.321   1.00 25.32 ? 57   TYR A CG  1 
ATOM   302  C  CD1 . TYR A 1 57  ? -4.106  -17.574 7.939   1.00 22.17 ? 57   TYR A CD1 1 
ATOM   303  C  CD2 . TYR A 1 57  ? -3.702  -15.831 9.569   1.00 25.39 ? 57   TYR A CD2 1 
ATOM   304  C  CE1 . TYR A 1 57  ? -5.031  -18.149 8.788   1.00 22.46 ? 57   TYR A CE1 1 
ATOM   305  C  CE2 . TYR A 1 57  ? -4.629  -16.408 10.448  1.00 24.19 ? 57   TYR A CE2 1 
ATOM   306  C  CZ  . TYR A 1 57  ? -5.285  -17.561 10.052  1.00 25.35 ? 57   TYR A CZ  1 
ATOM   307  O  OH  . TYR A 1 57  ? -6.172  -18.127 10.930  1.00 26.24 ? 57   TYR A OH  1 
ATOM   308  N  N   . HIS A 1 58  ? -3.283  -12.685 7.811   1.00 26.26 ? 58   HIS A N   1 
ATOM   309  C  CA  . HIS A 1 58  ? -3.857  -11.675 8.725   1.00 26.82 ? 58   HIS A CA  1 
ATOM   310  C  C   . HIS A 1 58  ? -4.802  -10.724 8.017   1.00 27.37 ? 58   HIS A C   1 
ATOM   311  O  O   . HIS A 1 58  ? -5.855  -10.347 8.564   1.00 28.57 ? 58   HIS A O   1 
ATOM   312  C  CB  . HIS A 1 58  ? -2.765  -10.861 9.414   1.00 26.40 ? 58   HIS A CB  1 
ATOM   313  C  CG  . HIS A 1 58  ? -1.923  -11.649 10.372  1.00 27.07 ? 58   HIS A CG  1 
ATOM   314  N  ND1 . HIS A 1 58  ? -2.464  -12.461 11.352  1.00 26.91 ? 58   HIS A ND1 1 
ATOM   315  C  CD2 . HIS A 1 58  ? -0.574  -11.723 10.520  1.00 27.67 ? 58   HIS A CD2 1 
ATOM   316  C  CE1 . HIS A 1 58  ? -1.479  -13.018 12.046  1.00 29.73 ? 58   HIS A CE1 1 
ATOM   317  N  NE2 . HIS A 1 58  ? -0.323  -12.581 11.570  1.00 28.24 ? 58   HIS A NE2 1 
ATOM   318  N  N   . SER A 1 59  ? -4.468  -10.376 6.781   1.00 27.30 ? 59   SER A N   1 
ATOM   319  C  CA  . SER A 1 59  ? -5.266  -9.405  6.059   1.00 27.34 ? 59   SER A CA  1 
ATOM   320  C  C   . SER A 1 59  ? -5.637  -9.893  4.666   1.00 28.01 ? 59   SER A C   1 
ATOM   321  O  O   . SER A 1 59  ? -5.222  -9.261  3.666   1.00 29.15 ? 59   SER A O   1 
ATOM   322  C  CB  . SER A 1 59  ? -4.512  -8.070  5.995   1.00 26.28 ? 59   SER A CB  1 
ATOM   323  O  OG  . SER A 1 59  ? -4.203  -7.627  7.314   1.00 28.11 ? 59   SER A OG  1 
ATOM   324  N  N   . PRO A 1 60  ? -6.444  -10.984 4.579   1.00 28.05 ? 60   PRO A N   1 
ATOM   325  C  CA  . PRO A 1 60  ? -6.710  -11.644 3.300   1.00 28.46 ? 60   PRO A CA  1 
ATOM   326  C  C   . PRO A 1 60  ? -7.566  -10.840 2.308   1.00 29.01 ? 60   PRO A C   1 
ATOM   327  O  O   . PRO A 1 60  ? -7.277  -10.823 1.102   1.00 29.52 ? 60   PRO A O   1 
ATOM   328  C  CB  . PRO A 1 60  ? -7.403  -12.936 3.721   1.00 28.52 ? 60   PRO A CB  1 
ATOM   329  C  CG  . PRO A 1 60  ? -8.129  -12.543 5.046   1.00 28.44 ? 60   PRO A CG  1 
ATOM   330  C  CD  . PRO A 1 60  ? -7.094  -11.700 5.701   1.00 28.45 ? 60   PRO A CD  1 
ATOM   331  N  N   . LYS A 1 61  ? -8.583  -10.156 2.800   1.00 29.58 ? 61   LYS A N   1 
ATOM   332  C  CA  . LYS A 1 61  ? -9.416  -9.313  1.938   1.00 30.51 ? 61   LYS A CA  1 
ATOM   333  C  C   . LYS A 1 61  ? -8.592  -8.140  1.386   1.00 30.33 ? 61   LYS A C   1 
ATOM   334  O  O   . LYS A 1 61  ? -8.661  -7.811  0.186   1.00 30.75 ? 61   LYS A O   1 
ATOM   335  C  CB  . LYS A 1 61  ? -10.631 -8.831  2.720   1.00 30.54 ? 61   LYS A CB  1 
ATOM   336  C  CG  . LYS A 1 61  ? -11.663 -8.275  1.816   1.00 34.75 ? 61   LYS A CG  1 
ATOM   337  C  CD  . LYS A 1 61  ? -13.082 -8.351  2.430   1.00 36.58 ? 61   LYS A CD  1 
ATOM   338  C  CE  . LYS A 1 61  ? -14.111 -7.949  1.360   1.00 36.80 ? 61   LYS A CE  1 
ATOM   339  N  NZ  . LYS A 1 61  ? -15.445 -7.759  1.999   1.00 41.71 ? 61   LYS A NZ  1 
ATOM   340  N  N   . THR A 1 62  ? -7.746  -7.554  2.240   1.00 30.05 ? 62   THR A N   1 
ATOM   341  C  CA  . THR A 1 62  ? -6.966  -6.385  1.845   1.00 28.81 ? 62   THR A CA  1 
ATOM   342  C  C   . THR A 1 62  ? -5.891  -6.803  0.850   1.00 28.82 ? 62   THR A C   1 
ATOM   343  O  O   . THR A 1 62  ? -5.670  -6.141  -0.216  1.00 28.12 ? 62   THR A O   1 
ATOM   344  C  CB  . THR A 1 62  ? -6.349  -5.773  3.052   1.00 28.91 ? 62   THR A CB  1 
ATOM   345  O  OG1 . THR A 1 62  ? -7.415  -5.338  3.913   1.00 28.06 ? 62   THR A OG1 1 
ATOM   346  C  CG2 . THR A 1 62  ? -5.488  -4.641  2.643   1.00 25.82 ? 62   THR A CG2 1 
ATOM   347  N  N   . CYS A 1 63  ? -5.254  -7.938  1.144   1.00 27.90 ? 63   CYS A N   1 
ATOM   348  C  CA  . CYS A 1 63  ? -4.262  -8.451  0.167   1.00 27.83 ? 63   CYS A CA  1 
ATOM   349  C  C   . CYS A 1 63  ? -4.835  -8.845  -1.175  1.00 27.52 ? 63   CYS A C   1 
ATOM   350  O  O   . CYS A 1 63  ? -4.182  -8.647  -2.206  1.00 27.58 ? 63   CYS A O   1 
ATOM   351  C  CB  . CYS A 1 63  ? -3.414  -9.580  0.742   1.00 27.22 ? 63   CYS A CB  1 
ATOM   352  S  SG  . CYS A 1 63  ? -2.417  -9.010  2.127   1.00 27.49 ? 63   CYS A SG  1 
ATOM   353  N  N   . LEU A 1 64  ? -6.039  -9.430  -1.177  1.00 28.04 ? 64   LEU A N   1 
ATOM   354  C  CA  . LEU A 1 64  ? -6.623  -9.871  -2.451  1.00 28.29 ? 64   LEU A CA  1 
ATOM   355  C  C   . LEU A 1 64  ? -6.879  -8.647  -3.322  1.00 28.17 ? 64   LEU A C   1 
ATOM   356  O  O   . LEU A 1 64  ? -6.458  -8.622  -4.438  1.00 29.72 ? 64   LEU A O   1 
ATOM   357  C  CB  . LEU A 1 64  ? -7.871  -10.753 -2.267  1.00 27.38 ? 64   LEU A CB  1 
ATOM   358  C  CG  . LEU A 1 64  ? -8.466  -11.187 -3.610  1.00 27.64 ? 64   LEU A CG  1 
ATOM   359  C  CD1 . LEU A 1 64  ? -7.556  -12.078 -4.459  1.00 25.85 ? 64   LEU A CD1 1 
ATOM   360  C  CD2 . LEU A 1 64  ? -9.767  -11.862 -3.346  1.00 27.32 ? 64   LEU A CD2 1 
ATOM   361  N  N   . ASN A 1 65  ? -7.531  -7.623  -2.779  1.00 29.12 ? 65   ASN A N   1 
ATOM   362  C  CA  . ASN A 1 65  ? -7.644  -6.321  -3.419  1.00 29.20 ? 65   ASN A CA  1 
ATOM   363  C  C   . ASN A 1 65  ? -6.318  -5.791  -3.967  1.00 29.42 ? 65   ASN A C   1 
ATOM   364  O  O   . ASN A 1 65  ? -6.183  -5.591  -5.190  1.00 30.75 ? 65   ASN A O   1 
ATOM   365  C  CB  . ASN A 1 65  ? -8.238  -5.329  -2.427  1.00 30.11 ? 65   ASN A CB  1 
ATOM   366  C  CG  . ASN A 1 65  ? -8.479  -3.962  -3.045  1.00 31.21 ? 65   ASN A CG  1 
ATOM   367  O  OD1 . ASN A 1 65  ? -9.338  -3.835  -3.878  1.00 32.53 ? 65   ASN A OD1 1 
ATOM   368  N  ND2 . ASN A 1 65  ? -7.707  -2.950  -2.651  1.00 29.36 ? 65   ASN A ND2 1 
ATOM   369  N  N   . PHE A 1 66  ? -5.318  -5.593  -3.099  1.00 28.42 ? 66   PHE A N   1 
ATOM   370  C  CA  . PHE A 1 66  ? -4.041  -5.076  -3.583  1.00 27.36 ? 66   PHE A CA  1 
ATOM   371  C  C   . PHE A 1 66  ? -3.427  -5.920  -4.714  1.00 28.39 ? 66   PHE A C   1 
ATOM   372  O  O   . PHE A 1 66  ? -2.982  -5.389  -5.755  1.00 28.92 ? 66   PHE A O   1 
ATOM   373  C  CB  . PHE A 1 66  ? -3.061  -4.915  -2.421  1.00 26.21 ? 66   PHE A CB  1 
ATOM   374  C  CG  . PHE A 1 66  ? -1.798  -4.184  -2.775  1.00 22.80 ? 66   PHE A CG  1 
ATOM   375  C  CD1 . PHE A 1 66  ? -1.778  -2.816  -2.903  1.00 21.24 ? 66   PHE A CD1 1 
ATOM   376  C  CD2 . PHE A 1 66  ? -0.615  -4.862  -2.945  1.00 22.80 ? 66   PHE A CD2 1 
ATOM   377  C  CE1 . PHE A 1 66  ? -0.583  -2.114  -3.216  1.00 21.15 ? 66   PHE A CE1 1 
ATOM   378  C  CE2 . PHE A 1 66  ? 0.612   -4.176  -3.264  1.00 23.53 ? 66   PHE A CE2 1 
ATOM   379  C  CZ  . PHE A 1 66  ? 0.619   -2.794  -3.407  1.00 21.15 ? 66   PHE A CZ  1 
ATOM   380  N  N   . TYR A 1 67  ? -3.380  -7.225  -4.507  1.00 29.23 ? 67   TYR A N   1 
ATOM   381  C  CA  . TYR A 1 67  ? -2.736  -8.128  -5.463  1.00 30.32 ? 67   TYR A CA  1 
ATOM   382  C  C   . TYR A 1 67  ? -3.477  -8.065  -6.808  1.00 30.92 ? 67   TYR A C   1 
ATOM   383  O  O   . TYR A 1 67  ? -2.847  -7.964  -7.890  1.00 30.66 ? 67   TYR A O   1 
ATOM   384  C  CB  . TYR A 1 67  ? -2.721  -9.559  -4.908  1.00 30.79 ? 67   TYR A CB  1 
ATOM   385  C  CG  . TYR A 1 67  ? -2.088  -10.539 -5.853  1.00 32.05 ? 67   TYR A CG  1 
ATOM   386  C  CD1 . TYR A 1 67  ? -0.741  -10.844 -5.730  1.00 34.70 ? 67   TYR A CD1 1 
ATOM   387  C  CD2 . TYR A 1 67  ? -2.817  -11.166 -6.892  1.00 31.92 ? 67   TYR A CD2 1 
ATOM   388  C  CE1 . TYR A 1 67  ? -0.091  -11.756 -6.613  1.00 33.38 ? 67   TYR A CE1 1 
ATOM   389  C  CE2 . TYR A 1 67  ? -2.177  -12.072 -7.806  1.00 30.92 ? 67   TYR A CE2 1 
ATOM   390  C  CZ  . TYR A 1 67  ? -0.816  -12.362 -7.629  1.00 33.08 ? 67   TYR A CZ  1 
ATOM   391  O  OH  . TYR A 1 67  ? -0.087  -13.232 -8.447  1.00 37.97 ? 67   TYR A OH  1 
ATOM   392  N  N   . THR A 1 68  ? -4.815  -8.100  -6.735  1.00 31.04 ? 68   THR A N   1 
ATOM   393  C  CA  . THR A 1 68  ? -5.644  -8.079  -7.945  1.00 32.01 ? 68   THR A CA  1 
ATOM   394  C  C   . THR A 1 68  ? -5.449  -6.750  -8.708  1.00 32.80 ? 68   THR A C   1 
ATOM   395  O  O   . THR A 1 68  ? -5.192  -6.760  -9.938  1.00 33.17 ? 68   THR A O   1 
ATOM   396  C  CB  . THR A 1 68  ? -7.160  -8.318  -7.628  1.00 32.46 ? 68   THR A CB  1 
ATOM   397  O  OG1 . THR A 1 68  ? -7.316  -9.504  -6.828  1.00 32.59 ? 68   THR A OG1 1 
ATOM   398  C  CG2 . THR A 1 68  ? -7.973  -8.467  -8.905  1.00 31.11 ? 68   THR A CG2 1 
ATOM   399  N  N   . LEU A 1 69  ? -5.548  -5.614  -7.976  1.00 33.18 ? 69   LEU A N   1 
ATOM   400  C  CA  . LEU A 1 69  ? -5.304  -4.279  -8.555  1.00 32.52 ? 69   LEU A CA  1 
ATOM   401  C  C   . LEU A 1 69  ? -3.953  -4.192  -9.205  1.00 32.96 ? 69   LEU A C   1 
ATOM   402  O  O   . LEU A 1 69  ? -3.871  -3.695  -10.334 1.00 33.67 ? 69   LEU A O   1 
ATOM   403  C  CB  . LEU A 1 69  ? -5.478  -3.177  -7.533  1.00 31.81 ? 69   LEU A CB  1 
ATOM   404  C  CG  . LEU A 1 69  ? -6.899  -2.935  -7.050  1.00 32.83 ? 69   LEU A CG  1 
ATOM   405  C  CD1 . LEU A 1 69  ? -6.871  -1.913  -5.921  1.00 30.99 ? 69   LEU A CD1 1 
ATOM   406  C  CD2 . LEU A 1 69  ? -7.857  -2.481  -8.211  1.00 30.68 ? 69   LEU A CD2 1 
ATOM   407  N  N   . CYS A 1 70  ? -2.904  -4.701  -8.527  1.00 33.08 ? 70   CYS A N   1 
ATOM   408  C  CA  . CYS A 1 70  ? -1.545  -4.732  -9.117  1.00 34.34 ? 70   CYS A CA  1 
ATOM   409  C  C   . CYS A 1 70  ? -1.514  -5.425  -10.464 1.00 35.40 ? 70   CYS A C   1 
ATOM   410  O  O   . CYS A 1 70  ? -1.013  -4.886  -11.475 1.00 34.20 ? 70   CYS A O   1 
ATOM   411  C  CB  . CYS A 1 70  ? -0.536  -5.392  -8.186  1.00 32.96 ? 70   CYS A CB  1 
ATOM   412  S  SG  . CYS A 1 70  ? 0.023   -4.200  -6.890  1.00 35.18 ? 70   CYS A SG  1 
ATOM   413  N  N   . GLU A 1 71  ? -2.077  -6.633  -10.443 1.00 37.29 ? 71   GLU A N   1 
ATOM   414  C  CA  . GLU A 1 71  ? -2.017  -7.557  -11.549 1.00 39.04 ? 71   GLU A CA  1 
ATOM   415  C  C   . GLU A 1 71  ? -2.763  -7.000  -12.769 1.00 38.25 ? 71   GLU A C   1 
ATOM   416  O  O   . GLU A 1 71  ? -2.217  -6.991  -13.870 1.00 37.14 ? 71   GLU A O   1 
ATOM   417  C  CB  . GLU A 1 71  ? -2.578  -8.912  -11.110 1.00 40.81 ? 71   GLU A CB  1 
ATOM   418  C  CG  . GLU A 1 71  ? -1.874  -10.106 -11.789 1.00 49.12 ? 71   GLU A CG  1 
ATOM   419  C  CD  . GLU A 1 71  ? -2.331  -10.297 -13.270 1.00 60.26 ? 71   GLU A CD  1 
ATOM   420  O  OE1 . GLU A 1 71  ? -3.553  -10.040 -13.562 1.00 64.74 ? 71   GLU A OE1 1 
ATOM   421  O  OE2 . GLU A 1 71  ? -1.482  -10.690 -14.138 1.00 62.84 ? 71   GLU A OE2 1 
ATOM   422  N  N   . MET A 1 72  ? -3.980  -6.495  -12.568 1.00 37.42 ? 72   MET A N   1 
ATOM   423  C  CA  . MET A 1 72  ? -4.723  -5.920  -13.678 1.00 37.25 ? 72   MET A CA  1 
ATOM   424  C  C   . MET A 1 72  ? -4.177  -4.546  -14.169 1.00 37.05 ? 72   MET A C   1 
ATOM   425  O  O   . MET A 1 72  ? -4.734  -3.992  -15.120 1.00 37.42 ? 72   MET A O   1 
ATOM   426  C  CB  . MET A 1 72  ? -6.201  -5.814  -13.322 1.00 36.88 ? 72   MET A CB  1 
ATOM   427  C  CG  . MET A 1 72  ? -6.477  -4.698  -12.349 1.00 38.29 ? 72   MET A CG  1 
ATOM   428  S  SD  . MET A 1 72  ? -8.193  -4.649  -11.745 1.00 41.43 ? 72   MET A SD  1 
ATOM   429  C  CE  . MET A 1 72  ? -8.511  -6.252  -11.025 1.00 45.14 ? 72   MET A CE  1 
ATOM   430  N  N   . GLY A 1 73  ? -3.103  -4.003  -13.556 1.00 36.00 ? 73   GLY A N   1 
ATOM   431  C  CA  . GLY A 1 73  ? -2.445  -2.771  -14.033 1.00 34.20 ? 73   GLY A CA  1 
ATOM   432  C  C   . GLY A 1 73  ? -3.078  -1.484  -13.480 1.00 32.81 ? 73   GLY A C   1 
ATOM   433  O  O   . GLY A 1 73  ? -2.793  -0.394  -13.949 1.00 31.38 ? 73   GLY A O   1 
ATOM   434  N  N   . PHE A 1 74  ? -3.918  -1.625  -12.461 1.00 31.59 ? 74   PHE A N   1 
ATOM   435  C  CA  . PHE A 1 74  ? -4.600  -0.512  -11.867 1.00 31.01 ? 74   PHE A CA  1 
ATOM   436  C  C   . PHE A 1 74  ? -3.647  0.537   -11.286 1.00 31.53 ? 74   PHE A C   1 
ATOM   437  O  O   . PHE A 1 74  ? -3.979  1.717   -11.341 1.00 31.98 ? 74   PHE A O   1 
ATOM   438  C  CB  . PHE A 1 74  ? -5.513  -0.976  -10.765 1.00 30.28 ? 74   PHE A CB  1 
ATOM   439  C  CG  . PHE A 1 74  ? -6.251  0.156   -10.052 1.00 31.55 ? 74   PHE A CG  1 
ATOM   440  C  CD1 . PHE A 1 74  ? -7.481  0.641   -10.544 1.00 32.16 ? 74   PHE A CD1 1 
ATOM   441  C  CD2 . PHE A 1 74  ? -5.733  0.726   -8.879  1.00 29.42 ? 74   PHE A CD2 1 
ATOM   442  C  CE1 . PHE A 1 74  ? -8.187  1.681   -9.875  1.00 32.18 ? 74   PHE A CE1 1 
ATOM   443  C  CE2 . PHE A 1 74  ? -6.417  1.736   -8.208  1.00 28.99 ? 74   PHE A CE2 1 
ATOM   444  C  CZ  . PHE A 1 74  ? -7.661  2.215   -8.707  1.00 31.71 ? 74   PHE A CZ  1 
ATOM   445  N  N   . TYR A 1 75  ? -2.496  0.130   -10.734 1.00 30.28 ? 75   TYR A N   1 
ATOM   446  C  CA  . TYR A 1 75  ? -1.536  1.072   -10.162 1.00 29.27 ? 75   TYR A CA  1 
ATOM   447  C  C   . TYR A 1 75  ? -0.518  1.574   -11.167 1.00 29.98 ? 75   TYR A C   1 
ATOM   448  O  O   . TYR A 1 75  ? 0.353   2.380   -10.814 1.00 31.28 ? 75   TYR A O   1 
ATOM   449  C  CB  . TYR A 1 75  ? -0.781  0.417   -8.992  1.00 28.22 ? 75   TYR A CB  1 
ATOM   450  C  CG  . TYR A 1 75  ? -1.669  0.180   -7.790  1.00 26.89 ? 75   TYR A CG  1 
ATOM   451  C  CD1 . TYR A 1 75  ? -2.448  1.215   -7.272  1.00 27.37 ? 75   TYR A CD1 1 
ATOM   452  C  CD2 . TYR A 1 75  ? -1.746  -1.062  -7.181  1.00 23.77 ? 75   TYR A CD2 1 
ATOM   453  C  CE1 . TYR A 1 75  ? -3.289  1.026   -6.155  1.00 27.08 ? 75   TYR A CE1 1 
ATOM   454  C  CE2 . TYR A 1 75  ? -2.569  -1.281  -6.062  1.00 23.38 ? 75   TYR A CE2 1 
ATOM   455  C  CZ  . TYR A 1 75  ? -3.334  -0.235  -5.542  1.00 28.05 ? 75   TYR A CZ  1 
ATOM   456  O  OH  . TYR A 1 75  ? -4.156  -0.406  -4.426  1.00 25.07 ? 75   TYR A OH  1 
ATOM   457  N  N   . ASP A 1 76  ? -0.567  1.067   -12.395 1.00 29.75 ? 76   ASP A N   1 
ATOM   458  C  CA  . ASP A 1 76  ? 0.370   1.478   -13.426 1.00 30.13 ? 76   ASP A CA  1 
ATOM   459  C  C   . ASP A 1 76  ? 0.257   2.971   -13.672 1.00 30.74 ? 76   ASP A C   1 
ATOM   460  O  O   . ASP A 1 76  ? -0.844  3.505   -13.851 1.00 29.70 ? 76   ASP A O   1 
ATOM   461  C  CB  . ASP A 1 76  ? 0.026   0.776   -14.723 1.00 29.99 ? 76   ASP A CB  1 
ATOM   462  C  CG  . ASP A 1 76  ? 0.386   -0.679  -14.704 1.00 32.25 ? 76   ASP A CG  1 
ATOM   463  O  OD1 . ASP A 1 76  ? 0.604   -1.280  -13.616 1.00 30.10 ? 76   ASP A OD1 1 
ATOM   464  O  OD2 . ASP A 1 76  ? 0.489   -1.218  -15.818 1.00 35.35 ? 76   ASP A OD2 1 
ATOM   465  N  N   . ASN A 1 77  ? 1.389   3.660   -13.671 1.00 31.08 ? 77   ASN A N   1 
ATOM   466  C  CA  . ASN A 1 77  ? 1.377   5.089   -13.892 1.00 31.79 ? 77   ASN A CA  1 
ATOM   467  C  C   . ASN A 1 77  ? 0.552   5.892   -12.902 1.00 31.31 ? 77   ASN A C   1 
ATOM   468  O  O   . ASN A 1 77  ? 0.011   6.904   -13.280 1.00 32.61 ? 77   ASN A O   1 
ATOM   469  C  CB  . ASN A 1 77  ? 0.904   5.432   -15.323 1.00 32.47 ? 77   ASN A CB  1 
ATOM   470  C  CG  . ASN A 1 77  ? 1.390   6.832   -15.782 1.00 35.24 ? 77   ASN A CG  1 
ATOM   471  O  OD1 . ASN A 1 77  ? 2.521   7.244   -15.503 1.00 43.21 ? 77   ASN A OD1 1 
ATOM   472  N  ND2 . ASN A 1 77  ? 0.549   7.545   -16.478 1.00 32.83 ? 77   ASN A ND2 1 
ATOM   473  N  N   . THR A 1 78  ? 0.418   5.442   -11.661 1.00 30.05 ? 78   THR A N   1 
ATOM   474  C  CA  . THR A 1 78  ? -0.141  6.262   -10.597 1.00 28.35 ? 78   THR A CA  1 
ATOM   475  C  C   . THR A 1 78  ? 0.973   6.866   -9.718  1.00 28.43 ? 78   THR A C   1 
ATOM   476  O  O   . THR A 1 78  ? 2.120   6.394   -9.720  1.00 28.55 ? 78   THR A O   1 
ATOM   477  C  CB  . THR A 1 78  ? -1.130  5.474   -9.740  1.00 29.01 ? 78   THR A CB  1 
ATOM   478  O  OG1 . THR A 1 78  ? -0.437  4.481   -8.962  1.00 28.84 ? 78   THR A OG1 1 
ATOM   479  C  CG2 . THR A 1 78  ? -2.222  4.829   -10.640 1.00 27.42 ? 78   THR A CG2 1 
ATOM   480  N  N   . ILE A 1 79  ? 0.675   7.931   -8.985  1.00 27.96 ? 79   ILE A N   1 
ATOM   481  C  CA  . ILE A 1 79  ? 1.746   8.639   -8.280  1.00 26.72 ? 79   ILE A CA  1 
ATOM   482  C  C   . ILE A 1 79  ? 1.650   8.457   -6.788  1.00 26.06 ? 79   ILE A C   1 
ATOM   483  O  O   . ILE A 1 79  ? 0.621   7.972   -6.255  1.00 25.85 ? 79   ILE A O   1 
ATOM   484  C  CB  . ILE A 1 79  ? 1.728   10.141  -8.590  1.00 27.49 ? 79   ILE A CB  1 
ATOM   485  C  CG1 . ILE A 1 79  ? 0.480   10.805  -7.988  1.00 27.31 ? 79   ILE A CG1 1 
ATOM   486  C  CG2 . ILE A 1 79  ? 1.845   10.386  -10.130 1.00 27.48 ? 79   ILE A CG2 1 
ATOM   487  C  CD1 . ILE A 1 79  ? 0.568   12.281  -8.106  1.00 31.18 ? 79   ILE A CD1 1 
ATOM   488  N  N   . PHE A 1 80  ? 2.731   8.821   -6.111  1.00 25.13 ? 80   PHE A N   1 
ATOM   489  C  CA  . PHE A 1 80  ? 2.682   8.986   -4.667  1.00 25.29 ? 80   PHE A CA  1 
ATOM   490  C  C   . PHE A 1 80  ? 2.315   10.406  -4.452  1.00 24.87 ? 80   PHE A C   1 
ATOM   491  O  O   . PHE A 1 80  ? 3.108   11.309  -4.685  1.00 24.06 ? 80   PHE A O   1 
ATOM   492  C  CB  . PHE A 1 80  ? 4.032   8.683   -4.068  1.00 25.62 ? 80   PHE A CB  1 
ATOM   493  C  CG  . PHE A 1 80  ? 4.407   7.256   -4.238  1.00 27.94 ? 80   PHE A CG  1 
ATOM   494  C  CD1 . PHE A 1 80  ? 3.712   6.247   -3.505  1.00 29.97 ? 80   PHE A CD1 1 
ATOM   495  C  CD2 . PHE A 1 80  ? 5.383   6.878   -5.173  1.00 27.61 ? 80   PHE A CD2 1 
ATOM   496  C  CE1 . PHE A 1 80  ? 4.006   4.872   -3.686  1.00 28.79 ? 80   PHE A CE1 1 
ATOM   497  C  CE2 . PHE A 1 80  ? 5.694   5.516   -5.371  1.00 29.80 ? 80   PHE A CE2 1 
ATOM   498  C  CZ  . PHE A 1 80  ? 4.999   4.509   -4.612  1.00 29.54 ? 80   PHE A CZ  1 
ATOM   499  N  N   . HIS A 1 81  ? 1.066   10.611  -4.106  1.00 25.03 ? 81   HIS A N   1 
ATOM   500  C  CA  . HIS A 1 81  ? 0.612   11.973  -4.073  1.00 26.25 ? 81   HIS A CA  1 
ATOM   501  C  C   . HIS A 1 81  ? 0.976   12.720  -2.788  1.00 26.29 ? 81   HIS A C   1 
ATOM   502  O  O   . HIS A 1 81  ? 0.857   13.933  -2.738  1.00 27.02 ? 81   HIS A O   1 
ATOM   503  C  CB  . HIS A 1 81  ? -0.871  12.068  -4.357  1.00 25.18 ? 81   HIS A CB  1 
ATOM   504  C  CG  . HIS A 1 81  ? -1.687  11.339  -3.367  1.00 25.15 ? 81   HIS A CG  1 
ATOM   505  N  ND1 . HIS A 1 81  ? -1.925  9.989   -3.468  1.00 26.04 ? 81   HIS A ND1 1 
ATOM   506  C  CD2 . HIS A 1 81  ? -2.323  11.758  -2.243  1.00 25.16 ? 81   HIS A CD2 1 
ATOM   507  C  CE1 . HIS A 1 81  ? -2.686  9.600   -2.452  1.00 25.83 ? 81   HIS A CE1 1 
ATOM   508  N  NE2 . HIS A 1 81  ? -2.936  10.650  -1.691  1.00 24.36 ? 81   HIS A NE2 1 
ATOM   509  N  N   . ARG A 1 82  ? 1.408   12.034  -1.753  1.00 26.44 ? 82   ARG A N   1 
ATOM   510  C  CA  . ARG A 1 82  ? 2.041   12.757  -0.676  1.00 26.63 ? 82   ARG A CA  1 
ATOM   511  C  C   . ARG A 1 82  ? 3.260   12.061  -0.218  1.00 27.07 ? 82   ARG A C   1 
ATOM   512  O  O   . ARG A 1 82  ? 3.305   10.829  -0.175  1.00 28.01 ? 82   ARG A O   1 
ATOM   513  C  CB  . ARG A 1 82  ? 1.173   12.825  0.510   1.00 26.19 ? 82   ARG A CB  1 
ATOM   514  C  CG  . ARG A 1 82  ? 0.176   13.900  0.600   1.00 26.84 ? 82   ARG A CG  1 
ATOM   515  C  CD  . ARG A 1 82  ? -0.569  13.373  1.752   1.00 28.64 ? 82   ARG A CD  1 
ATOM   516  N  NE  . ARG A 1 82  ? -1.478  14.258  2.388   1.00 33.53 ? 82   ARG A NE  1 
ATOM   517  C  CZ  . ARG A 1 82  ? -2.385  13.871  3.288   1.00 34.72 ? 82   ARG A CZ  1 
ATOM   518  N  NH1 . ARG A 1 82  ? -2.570  12.601  3.643   1.00 29.58 ? 82   ARG A NH1 1 
ATOM   519  N  NH2 . ARG A 1 82  ? -3.172  14.783  3.799   1.00 36.25 ? 82   ARG A NH2 1 
ATOM   520  N  N   . VAL A 1 83  ? 4.235   12.842  0.203   1.00 26.80 ? 83   VAL A N   1 
ATOM   521  C  CA  . VAL A 1 83  ? 5.390   12.273  0.844   1.00 26.82 ? 83   VAL A CA  1 
ATOM   522  C  C   . VAL A 1 83  ? 5.698   13.154  2.046   1.00 27.27 ? 83   VAL A C   1 
ATOM   523  O  O   . VAL A 1 83  ? 5.947   14.356  1.881   1.00 26.89 ? 83   VAL A O   1 
ATOM   524  C  CB  . VAL A 1 83  ? 6.536   12.222  -0.178  1.00 27.46 ? 83   VAL A CB  1 
ATOM   525  C  CG1 . VAL A 1 83  ? 7.901   11.916  0.451   1.00 26.36 ? 83   VAL A CG1 1 
ATOM   526  C  CG2 . VAL A 1 83  ? 6.158   11.225  -1.255  1.00 25.65 ? 83   VAL A CG2 1 
ATOM   527  N  N   . ILE A 1 84  ? 5.659   12.568  3.244   1.00 26.31 ? 84   ILE A N   1 
ATOM   528  C  CA  . ILE A 1 84  ? 5.940   13.320  4.453   1.00 25.77 ? 84   ILE A CA  1 
ATOM   529  C  C   . ILE A 1 84  ? 7.023   12.640  5.234   1.00 25.90 ? 84   ILE A C   1 
ATOM   530  O  O   . ILE A 1 84  ? 6.705   11.684  5.933   1.00 26.92 ? 84   ILE A O   1 
ATOM   531  C  CB  . ILE A 1 84  ? 4.708   13.389  5.314   1.00 25.46 ? 84   ILE A CB  1 
ATOM   532  C  CG1 . ILE A 1 84  ? 3.618   14.112  4.523   1.00 26.09 ? 84   ILE A CG1 1 
ATOM   533  C  CG2 . ILE A 1 84  ? 4.967   14.130  6.628   1.00 22.63 ? 84   ILE A CG2 1 
ATOM   534  C  CD1 . ILE A 1 84  ? 2.262   13.906  5.083   1.00 22.95 ? 84   ILE A CD1 1 
ATOM   535  N  N   . PRO A 1 85  ? 8.286   13.148  5.183   1.00 25.48 ? 85   PRO A N   1 
ATOM   536  C  CA  . PRO A 1 85  ? 9.452   12.460  5.856   1.00 25.10 ? 85   PRO A CA  1 
ATOM   537  C  C   . PRO A 1 85  ? 9.113   12.103  7.291   1.00 24.80 ? 85   PRO A C   1 
ATOM   538  O  O   . PRO A 1 85  ? 8.320   12.840  7.896   1.00 23.74 ? 85   PRO A O   1 
ATOM   539  C  CB  . PRO A 1 85  ? 10.574  13.529  5.839   1.00 23.74 ? 85   PRO A CB  1 
ATOM   540  C  CG  . PRO A 1 85  ? 10.240  14.361  4.608   1.00 25.09 ? 85   PRO A CG  1 
ATOM   541  C  CD  . PRO A 1 85  ? 8.695   14.409  4.527   1.00 24.56 ? 85   PRO A CD  1 
ATOM   542  N  N   . ASN A 1 86  ? 9.682   11.014  7.826   1.00 24.83 ? 86   ASN A N   1 
ATOM   543  C  CA  . ASN A 1 86  ? 9.321   10.507  9.192   1.00 27.60 ? 86   ASN A CA  1 
ATOM   544  C  C   . ASN A 1 86  ? 7.898   10.164  9.474   1.00 26.79 ? 86   ASN A C   1 
ATOM   545  O  O   . ASN A 1 86  ? 7.515   9.996   10.645  1.00 27.57 ? 86   ASN A O   1 
ATOM   546  C  CB  . ASN A 1 86  ? 9.719   11.490  10.293  1.00 28.37 ? 86   ASN A CB  1 
ATOM   547  C  CG  . ASN A 1 86  ? 11.137  11.869  10.164  1.00 33.95 ? 86   ASN A CG  1 
ATOM   548  O  OD1 . ASN A 1 86  ? 11.476  13.078  10.001  1.00 38.81 ? 86   ASN A OD1 1 
ATOM   549  N  ND2 . ASN A 1 86  ? 12.005  10.828  10.117  1.00 36.25 ? 86   ASN A ND2 1 
ATOM   550  N  N   . PHE A 1 87  ? 7.110   10.112  8.425   1.00 26.11 ? 87   PHE A N   1 
ATOM   551  C  CA  . PHE A 1 87  ? 5.738   9.723   8.566   1.00 26.36 ? 87   PHE A CA  1 
ATOM   552  C  C   . PHE A 1 87  ? 5.402   8.656   7.481   1.00 26.42 ? 87   PHE A C   1 
ATOM   553  O  O   . PHE A 1 87  ? 5.689   7.473   7.692   1.00 27.36 ? 87   PHE A O   1 
ATOM   554  C  CB  . PHE A 1 87  ? 4.847   10.967  8.552   1.00 25.89 ? 87   PHE A CB  1 
ATOM   555  C  CG  . PHE A 1 87  ? 3.427   10.655  8.732   1.00 25.74 ? 87   PHE A CG  1 
ATOM   556  C  CD1 . PHE A 1 87  ? 3.019   9.877   9.797   1.00 25.55 ? 87   PHE A CD1 1 
ATOM   557  C  CD2 . PHE A 1 87  ? 2.482   11.089  7.792   1.00 27.01 ? 87   PHE A CD2 1 
ATOM   558  C  CE1 . PHE A 1 87  ? 1.674   9.546   9.953   1.00 27.80 ? 87   PHE A CE1 1 
ATOM   559  C  CE2 . PHE A 1 87  ? 1.120   10.751  7.919   1.00 26.46 ? 87   PHE A CE2 1 
ATOM   560  C  CZ  . PHE A 1 87  ? 0.705   10.005  9.008   1.00 26.53 ? 87   PHE A CZ  1 
ATOM   561  N  N   . VAL A 1 88  ? 4.860   9.063   6.337   1.00 24.91 ? 88   VAL A N   1 
ATOM   562  C  CA  . VAL A 1 88  ? 4.444   8.132   5.313   1.00 25.77 ? 88   VAL A CA  1 
ATOM   563  C  C   . VAL A 1 88  ? 4.730   8.633   3.885   1.00 26.48 ? 88   VAL A C   1 
ATOM   564  O  O   . VAL A 1 88  ? 4.858   9.805   3.662   1.00 27.30 ? 88   VAL A O   1 
ATOM   565  C  CB  . VAL A 1 88  ? 2.954   7.786   5.386   1.00 25.20 ? 88   VAL A CB  1 
ATOM   566  C  CG1 . VAL A 1 88  ? 2.539   7.304   6.793   1.00 23.59 ? 88   VAL A CG1 1 
ATOM   567  C  CG2 . VAL A 1 88  ? 2.164   8.942   4.937   1.00 23.55 ? 88   VAL A CG2 1 
ATOM   568  N  N   . ILE A 1 89  ? 4.895   7.708   2.947   1.00 27.32 ? 89   ILE A N   1 
ATOM   569  C  CA  . ILE A 1 89  ? 4.698   7.930   1.527   1.00 27.25 ? 89   ILE A CA  1 
ATOM   570  C  C   . ILE A 1 89  ? 3.261   7.401   1.282   1.00 28.05 ? 89   ILE A C   1 
ATOM   571  O  O   . ILE A 1 89  ? 2.896   6.328   1.767   1.00 27.98 ? 89   ILE A O   1 
ATOM   572  C  CB  . ILE A 1 89  ? 5.654   7.075   0.773   1.00 27.01 ? 89   ILE A CB  1 
ATOM   573  C  CG1 . ILE A 1 89  ? 7.044   7.647   0.811   1.00 27.09 ? 89   ILE A CG1 1 
ATOM   574  C  CG2 . ILE A 1 89  ? 5.214   6.833   -0.677  1.00 29.08 ? 89   ILE A CG2 1 
ATOM   575  C  CD1 . ILE A 1 89  ? 8.024   6.567   0.303   1.00 30.77 ? 89   ILE A CD1 1 
ATOM   576  N  N   . GLN A 1 90  ? 2.439   8.151   0.554   1.00 28.32 ? 90   GLN A N   1 
ATOM   577  C  CA  . GLN A 1 90  ? 1.057   7.756   0.333   1.00 28.26 ? 90   GLN A CA  1 
ATOM   578  C  C   . GLN A 1 90  ? 0.775   7.661   -1.177  1.00 28.76 ? 90   GLN A C   1 
ATOM   579  O  O   . GLN A 1 90  ? 1.257   8.503   -1.940  1.00 27.71 ? 90   GLN A O   1 
ATOM   580  C  CB  . GLN A 1 90  ? 0.165   8.758   1.008   1.00 27.62 ? 90   GLN A CB  1 
ATOM   581  C  CG  . GLN A 1 90  ? -1.242  8.639   0.683   1.00 31.08 ? 90   GLN A CG  1 
ATOM   582  C  CD  . GLN A 1 90  ? -2.136  9.470   1.620   1.00 34.87 ? 90   GLN A CD  1 
ATOM   583  O  OE1 . GLN A 1 90  ? -1.677  10.226  2.416   1.00 32.87 ? 90   GLN A OE1 1 
ATOM   584  N  NE2 . GLN A 1 90  ? -3.435  9.298   1.494   1.00 41.17 ? 90   GLN A NE2 1 
ATOM   585  N  N   . GLY A 1 91  ? 0.014   6.635   -1.607  1.00 28.68 ? 91   GLY A N   1 
ATOM   586  C  CA  . GLY A 1 91  ? -0.246  6.429   -3.041  1.00 28.24 ? 91   GLY A CA  1 
ATOM   587  C  C   . GLY A 1 91  ? -1.536  5.688   -3.315  1.00 29.10 ? 91   GLY A C   1 
ATOM   588  O  O   . GLY A 1 91  ? -2.413  5.551   -2.435  1.00 28.43 ? 91   GLY A O   1 
ATOM   589  N  N   . GLY A 1 92  ? -1.655  5.200   -4.549  1.00 29.00 ? 92   GLY A N   1 
ATOM   590  C  CA  . GLY A 1 92  ? -2.776  4.368   -4.894  1.00 30.34 ? 92   GLY A CA  1 
ATOM   591  C  C   . GLY A 1 92  ? -4.025  5.049   -5.395  1.00 31.56 ? 92   GLY A C   1 
ATOM   592  O  O   . GLY A 1 92  ? -5.098  4.429   -5.439  1.00 31.65 ? 92   GLY A O   1 
ATOM   593  N  N   . ASP A 1 93  ? -3.904  6.321   -5.769  1.00 32.23 ? 93   ASP A N   1 
ATOM   594  C  CA  . ASP A 1 93  ? -5.022  7.069   -6.349  1.00 32.69 ? 93   ASP A CA  1 
ATOM   595  C  C   . ASP A 1 93  ? -4.807  7.344   -7.836  1.00 33.05 ? 93   ASP A C   1 
ATOM   596  O  O   . ASP A 1 93  ? -4.002  8.210   -8.219  1.00 33.22 ? 93   ASP A O   1 
ATOM   597  C  CB  . ASP A 1 93  ? -5.226  8.366   -5.596  1.00 32.76 ? 93   ASP A CB  1 
ATOM   598  C  CG  . ASP A 1 93  ? -6.425  9.155   -6.075  1.00 34.43 ? 93   ASP A CG  1 
ATOM   599  O  OD1 . ASP A 1 93  ? -7.048  8.862   -7.157  1.00 38.74 ? 93   ASP A OD1 1 
ATOM   600  O  OD2 . ASP A 1 93  ? -6.757  10.100  -5.340  1.00 33.98 ? 93   ASP A OD2 1 
ATOM   601  N  N   . PRO A 1 94  ? -5.548  6.617   -8.689  1.00 34.09 ? 94   PRO A N   1 
ATOM   602  C  CA  . PRO A 1 94  ? -5.404  6.800   -10.155 1.00 35.15 ? 94   PRO A CA  1 
ATOM   603  C  C   . PRO A 1 94  ? -5.622  8.270   -10.600 1.00 35.57 ? 94   PRO A C   1 
ATOM   604  O  O   . PRO A 1 94  ? -4.925  8.723   -11.518 1.00 36.12 ? 94   PRO A O   1 
ATOM   605  C  CB  . PRO A 1 94  ? -6.454  5.867   -10.751 1.00 35.06 ? 94   PRO A CB  1 
ATOM   606  C  CG  . PRO A 1 94  ? -7.353  5.445   -9.564  1.00 35.78 ? 94   PRO A CG  1 
ATOM   607  C  CD  . PRO A 1 94  ? -6.580  5.629   -8.314  1.00 33.88 ? 94   PRO A CD  1 
ATOM   608  N  N   . THR A 1 95  ? -6.495  9.038   -9.916  1.00 35.58 ? 95   THR A N   1 
ATOM   609  C  CA  . THR A 1 95  ? -6.647  10.504  -10.217 1.00 35.09 ? 95   THR A CA  1 
ATOM   610  C  C   . THR A 1 95  ? -5.427  11.346  -9.772  1.00 35.24 ? 95   THR A C   1 
ATOM   611  O  O   . THR A 1 95  ? -5.244  12.472  -10.238 1.00 36.07 ? 95   THR A O   1 
ATOM   612  C  CB  . THR A 1 95  ? -7.927  11.146  -9.585  1.00 34.93 ? 95   THR A CB  1 
ATOM   613  O  OG1 . THR A 1 95  ? -7.702  11.417  -8.185  1.00 36.47 ? 95   THR A OG1 1 
ATOM   614  C  CG2 . THR A 1 95  ? -9.202  10.295  -9.771  1.00 32.58 ? 95   THR A CG2 1 
ATOM   615  N  N   . GLY A 1 96  ? -4.604  10.828  -8.863  1.00 34.82 ? 96   GLY A N   1 
ATOM   616  C  CA  . GLY A 1 96  ? -3.457  11.604  -8.372  1.00 34.37 ? 96   GLY A CA  1 
ATOM   617  C  C   . GLY A 1 96  ? -3.854  12.708  -7.370  1.00 33.72 ? 96   GLY A C   1 
ATOM   618  O  O   . GLY A 1 96  ? -3.000  13.418  -6.879  1.00 33.29 ? 96   GLY A O   1 
ATOM   619  N  N   . THR A 1 97  ? -5.125  12.832  -7.018  1.00 33.51 ? 97   THR A N   1 
ATOM   620  C  CA  . THR A 1 97  ? -5.548  13.964  -6.181  1.00 33.19 ? 97   THR A CA  1 
ATOM   621  C  C   . THR A 1 97  ? -5.554  13.676  -4.698  1.00 33.74 ? 97   THR A C   1 
ATOM   622  O  O   . THR A 1 97  ? -5.574  14.594  -3.871  1.00 34.06 ? 97   THR A O   1 
ATOM   623  C  CB  . THR A 1 97  ? -7.014  14.398  -6.508  1.00 33.54 ? 97   THR A CB  1 
ATOM   624  O  OG1 . THR A 1 97  ? -7.934  13.419  -5.969  1.00 33.49 ? 97   THR A OG1 1 
ATOM   625  C  CG2 . THR A 1 97  ? -7.228  14.650  -8.052  1.00 30.44 ? 97   THR A CG2 1 
ATOM   626  N  N   . GLY A 1 98  ? -5.616  12.402  -4.347  1.00 33.68 ? 98   GLY A N   1 
ATOM   627  C  CA  . GLY A 1 98  ? -5.865  12.028  -2.970  1.00 34.03 ? 98   GLY A CA  1 
ATOM   628  C  C   . GLY A 1 98  ? -7.333  11.785  -2.665  1.00 35.16 ? 98   GLY A C   1 
ATOM   629  O  O   . GLY A 1 98  ? -7.669  11.431  -1.522  1.00 35.26 ? 98   GLY A O   1 
ATOM   630  N  N   . LYS A 1 99  ? -8.216  11.974  -3.650  1.00 36.13 ? 99   LYS A N   1 
ATOM   631  C  CA  . LYS A 1 99  ? -9.662  11.784  -3.402  1.00 37.91 ? 99   LYS A CA  1 
ATOM   632  C  C   . LYS A 1 99  ? -10.260 10.560  -4.038  1.00 38.48 ? 99   LYS A C   1 
ATOM   633  O  O   . LYS A 1 99  ? -11.401 10.211  -3.706  1.00 39.07 ? 99   LYS A O   1 
ATOM   634  C  CB  . LYS A 1 99  ? -10.511 12.939  -3.899  1.00 37.45 ? 99   LYS A CB  1 
ATOM   635  C  CG  . LYS A 1 99  ? -9.990  14.260  -3.532  1.00 40.31 ? 99   LYS A CG  1 
ATOM   636  C  CD  . LYS A 1 99  ? -11.020 15.284  -3.770  1.00 42.25 ? 99   LYS A CD  1 
ATOM   637  C  CE  . LYS A 1 99  ? -10.448 16.265  -4.747  1.00 44.03 ? 99   LYS A CE  1 
ATOM   638  N  NZ  . LYS A 1 99  ? -10.734 17.606  -4.198  1.00 44.16 ? 99   LYS A NZ  1 
ATOM   639  N  N   . GLY A 1 100 ? -9.536  9.934   -4.965  1.00 38.87 ? 100  GLY A N   1 
ATOM   640  C  CA  . GLY A 1 100 ? -10.098 8.820   -5.747  1.00 39.16 ? 100  GLY A CA  1 
ATOM   641  C  C   . GLY A 1 100 ? -9.718  7.444   -5.239  1.00 39.73 ? 100  GLY A C   1 
ATOM   642  O  O   . GLY A 1 100 ? -9.328  7.291   -4.102  1.00 39.15 ? 100  GLY A O   1 
ATOM   643  N  N   . GLY A 1 101 ? -9.811  6.443   -6.107  1.00 41.29 ? 101  GLY A N   1 
ATOM   644  C  CA  . GLY A 1 101 ? -9.508  5.073   -5.742  1.00 42.81 ? 101  GLY A CA  1 
ATOM   645  C  C   . GLY A 1 101 ? -10.767 4.230   -5.775  1.00 44.02 ? 101  GLY A C   1 
ATOM   646  O  O   . GLY A 1 101 ? -11.857 4.745   -5.600  1.00 43.54 ? 101  GLY A O   1 
ATOM   647  N  N   . LYS A 1 102 ? -10.607 2.938   -6.040  1.00 45.52 ? 102  LYS A N   1 
ATOM   648  C  CA  . LYS A 1 102 ? -11.685 1.973   -5.969  1.00 47.98 ? 102  LYS A CA  1 
ATOM   649  C  C   . LYS A 1 102 ? -11.121 0.619   -5.542  1.00 46.33 ? 102  LYS A C   1 
ATOM   650  O  O   . LYS A 1 102 ? -9.918  0.425   -5.582  1.00 46.76 ? 102  LYS A O   1 
ATOM   651  C  CB  . LYS A 1 102 ? -12.502 1.932   -7.289  1.00 49.29 ? 102  LYS A CB  1 
ATOM   652  C  CG  . LYS A 1 102 ? -11.858 1.335   -8.615  1.00 51.42 ? 102  LYS A CG  1 
ATOM   653  C  CD  . LYS A 1 102 ? -13.049 1.232   -9.730  1.00 52.76 ? 102  LYS A CD  1 
ATOM   654  C  CE  . LYS A 1 102 ? -12.658 0.726   -11.193 1.00 56.50 ? 102  LYS A CE  1 
ATOM   655  N  NZ  . LYS A 1 102 ? -12.294 -0.754  -11.291 1.00 58.74 ? 102  LYS A NZ  1 
ATOM   656  N  N   . SER A 1 103 ? -11.986 -0.273  -5.078  1.00 44.89 ? 103  SER A N   1 
ATOM   657  C  CA  . SER A 1 103 ? -11.608 -1.633  -4.719  1.00 43.75 ? 103  SER A CA  1 
ATOM   658  C  C   . SER A 1 103 ? -12.185 -2.666  -5.700  1.00 43.49 ? 103  SER A C   1 
ATOM   659  O  O   . SER A 1 103 ? -13.089 -2.371  -6.466  1.00 43.70 ? 103  SER A O   1 
ATOM   660  C  CB  . SER A 1 103 ? -12.061 -1.965  -3.299  1.00 43.61 ? 103  SER A CB  1 
ATOM   661  O  OG  . SER A 1 103 ? -13.455 -2.188  -3.255  1.00 43.69 ? 103  SER A OG  1 
ATOM   662  N  N   . ILE A 1 104 ? -11.661 -3.886  -5.677  1.00 43.16 ? 104  ILE A N   1 
ATOM   663  C  CA  . ILE A 1 104 ? -12.214 -4.972  -6.454  1.00 42.44 ? 104  ILE A CA  1 
ATOM   664  C  C   . ILE A 1 104 ? -13.563 -5.362  -5.875  1.00 42.74 ? 104  ILE A C   1 
ATOM   665  O  O   . ILE A 1 104 ? -14.282 -6.074  -6.466  1.00 41.54 ? 104  ILE A O   1 
ATOM   666  C  CB  . ILE A 1 104 ? -11.249 -6.171  -6.505  1.00 42.38 ? 104  ILE A CB  1 
ATOM   667  C  CG1 . ILE A 1 104 ? -11.153 -6.863  -5.130  1.00 42.34 ? 104  ILE A CG1 1 
ATOM   668  C  CG2 . ILE A 1 104 ? -9.905  -5.708  -7.065  1.00 41.68 ? 104  ILE A CG2 1 
ATOM   669  C  CD1 . ILE A 1 104 ? -10.299 -8.113  -5.096  1.00 41.53 ? 104  ILE A CD1 1 
ATOM   670  N  N   . TYR A 1 105 ? -13.929 -4.860  -4.720  1.00 44.46 ? 105  TYR A N   1 
ATOM   671  C  CA  . TYR A 1 105 ? -15.223 -5.210  -4.202  1.00 46.88 ? 105  TYR A CA  1 
ATOM   672  C  C   . TYR A 1 105 ? -16.342 -4.180  -4.503  1.00 49.78 ? 105  TYR A C   1 
ATOM   673  O  O   . TYR A 1 105 ? -17.380 -4.180  -3.846  1.00 50.48 ? 105  TYR A O   1 
ATOM   674  C  CB  . TYR A 1 105 ? -15.091 -5.407  -2.698  1.00 45.88 ? 105  TYR A CB  1 
ATOM   675  C  CG  . TYR A 1 105 ? -13.916 -6.272  -2.331  1.00 47.38 ? 105  TYR A CG  1 
ATOM   676  C  CD1 . TYR A 1 105 ? -13.929 -7.640  -2.579  1.00 49.15 ? 105  TYR A CD1 1 
ATOM   677  C  CD2 . TYR A 1 105 ? -12.766 -5.733  -1.761  1.00 47.19 ? 105  TYR A CD2 1 
ATOM   678  C  CE1 . TYR A 1 105 ? -12.824 -8.461  -2.257  1.00 48.26 ? 105  TYR A CE1 1 
ATOM   679  C  CE2 . TYR A 1 105 ? -11.662 -6.550  -1.433  1.00 46.14 ? 105  TYR A CE2 1 
ATOM   680  C  CZ  . TYR A 1 105 ? -11.702 -7.919  -1.681  1.00 46.40 ? 105  TYR A CZ  1 
ATOM   681  O  OH  . TYR A 1 105 ? -10.651 -8.747  -1.355  1.00 43.05 ? 105  TYR A OH  1 
ATOM   682  N  N   . GLY A 1 106 ? -16.186 -3.293  -5.477  1.00 52.43 ? 106  GLY A N   1 
ATOM   683  C  CA  . GLY A 1 106 ? -17.092 -2.127  -5.490  1.00 55.55 ? 106  GLY A CA  1 
ATOM   684  C  C   . GLY A 1 106 ? -16.438 -0.966  -4.725  1.00 57.70 ? 106  GLY A C   1 
ATOM   685  O  O   . GLY A 1 106 ? -15.198 -0.713  -4.863  1.00 59.04 ? 106  GLY A O   1 
ATOM   686  N  N   . GLU A 1 107 ? -17.201 -0.216  -3.930  1.00 57.95 ? 107  GLU A N   1 
ATOM   687  C  CA  . GLU A 1 107 ? -16.615 1.125   -3.599  1.00 58.13 ? 107  GLU A CA  1 
ATOM   688  C  C   . GLU A 1 107 ? -15.641 1.191   -2.425  1.00 56.06 ? 107  GLU A C   1 
ATOM   689  O  O   . GLU A 1 107 ? -14.590 1.834   -2.591  1.00 56.55 ? 107  GLU A O   1 
ATOM   690  C  CB  . GLU A 1 107 ? -17.625 2.310   -3.536  1.00 58.93 ? 107  GLU A CB  1 
ATOM   691  C  CG  . GLU A 1 107 ? -16.944 3.634   -4.022  1.00 63.04 ? 107  GLU A CG  1 
ATOM   692  C  CD  . GLU A 1 107 ? -17.437 4.915   -3.316  1.00 66.22 ? 107  GLU A CD  1 
ATOM   693  O  OE1 . GLU A 1 107 ? -18.370 4.820   -2.472  1.00 65.47 ? 107  GLU A OE1 1 
ATOM   694  O  OE2 . GLU A 1 107 ? -16.862 6.003   -3.619  1.00 66.41 ? 107  GLU A OE2 1 
ATOM   695  N  N   . TYR A 1 108 ? -16.000 0.555   -1.292  1.00 52.53 ? 108  TYR A N   1 
ATOM   696  C  CA  . TYR A 1 108 ? -15.250 0.587   -0.026  1.00 49.34 ? 108  TYR A CA  1 
ATOM   697  C  C   . TYR A 1 108 ? -15.342 -0.799  0.589   1.00 46.88 ? 108  TYR A C   1 
ATOM   698  O  O   . TYR A 1 108 ? -16.285 -1.483  0.311   1.00 46.23 ? 108  TYR A O   1 
ATOM   699  C  CB  . TYR A 1 108 ? -15.838 1.589   1.000   1.00 49.37 ? 108  TYR A CB  1 
ATOM   700  C  CG  . TYR A 1 108 ? -15.641 3.074   0.707   1.00 49.58 ? 108  TYR A CG  1 
ATOM   701  C  CD1 . TYR A 1 108 ? -14.447 3.562   0.146   1.00 47.61 ? 108  TYR A CD1 1 
ATOM   702  C  CD2 . TYR A 1 108 ? -16.648 4.009   1.035   1.00 48.33 ? 108  TYR A CD2 1 
ATOM   703  C  CE1 . TYR A 1 108 ? -14.273 4.920   -0.122  1.00 48.25 ? 108  TYR A CE1 1 
ATOM   704  C  CE2 . TYR A 1 108 ? -16.479 5.368   0.768   1.00 49.01 ? 108  TYR A CE2 1 
ATOM   705  C  CZ  . TYR A 1 108 ? -15.294 5.809   0.194   1.00 50.10 ? 108  TYR A CZ  1 
ATOM   706  O  OH  . TYR A 1 108 ? -15.138 7.140   -0.068  1.00 52.32 ? 108  TYR A OH  1 
ATOM   707  N  N   . PHE A 1 109 ? -14.395 -1.200  1.446   1.00 43.63 ? 109  PHE A N   1 
ATOM   708  C  CA  . PHE A 1 109 ? -14.524 -2.472  2.175   1.00 40.74 ? 109  PHE A CA  1 
ATOM   709  C  C   . PHE A 1 109 ? -13.958 -2.411  3.584   1.00 40.02 ? 109  PHE A C   1 
ATOM   710  O  O   . PHE A 1 109 ? -13.177 -1.529  3.893   1.00 40.47 ? 109  PHE A O   1 
ATOM   711  C  CB  . PHE A 1 109 ? -13.891 -3.637  1.388   1.00 38.97 ? 109  PHE A CB  1 
ATOM   712  C  CG  . PHE A 1 109 ? -12.398 -3.497  1.151   1.00 36.59 ? 109  PHE A CG  1 
ATOM   713  C  CD1 . PHE A 1 109 ? -11.469 -4.209  1.950   1.00 31.98 ? 109  PHE A CD1 1 
ATOM   714  C  CD2 . PHE A 1 109 ? -11.913 -2.706  0.101   1.00 32.42 ? 109  PHE A CD2 1 
ATOM   715  C  CE1 . PHE A 1 109 ? -10.078 -4.090  1.725   1.00 29.98 ? 109  PHE A CE1 1 
ATOM   716  C  CE2 . PHE A 1 109 ? -10.533 -2.594  -0.132  1.00 31.08 ? 109  PHE A CE2 1 
ATOM   717  C  CZ  . PHE A 1 109 ? -9.619  -3.284  0.671   1.00 31.29 ? 109  PHE A CZ  1 
ATOM   718  N  N   . GLU A 1 110 ? -14.321 -3.370  4.417   1.00 39.10 ? 110  GLU A N   1 
ATOM   719  C  CA  . GLU A 1 110 ? -13.982 -3.316  5.823   1.00 40.07 ? 110  GLU A CA  1 
ATOM   720  C  C   . GLU A 1 110 ? -12.467 -3.253  6.174   1.00 38.40 ? 110  GLU A C   1 
ATOM   721  O  O   . GLU A 1 110 ? -11.625 -3.604  5.376   1.00 36.70 ? 110  GLU A O   1 
ATOM   722  C  CB  . GLU A 1 110 ? -14.794 -4.352  6.673   1.00 41.19 ? 110  GLU A CB  1 
ATOM   723  C  CG  . GLU A 1 110 ? -14.527 -5.888  6.511   1.00 47.90 ? 110  GLU A CG  1 
ATOM   724  C  CD  . GLU A 1 110 ? -15.183 -6.567  5.239   1.00 58.00 ? 110  GLU A CD  1 
ATOM   725  O  OE1 . GLU A 1 110 ? -15.679 -5.901  4.205   1.00 57.59 ? 110  GLU A OE1 1 
ATOM   726  O  OE2 . GLU A 1 110 ? -15.153 -7.838  5.299   1.00 61.04 ? 110  GLU A OE2 1 
ATOM   727  N  N   . ASP A 1 111 ? -12.163 -2.707  7.343   1.00 37.07 ? 111  ASP A N   1 
ATOM   728  C  CA  . ASP A 1 111 ? -10.838 -2.825  7.938   1.00 37.66 ? 111  ASP A CA  1 
ATOM   729  C  C   . ASP A 1 111 ? -10.563 -4.286  8.299   1.00 37.54 ? 111  ASP A C   1 
ATOM   730  O  O   . ASP A 1 111 ? -11.495 -5.041  8.631   1.00 38.74 ? 111  ASP A O   1 
ATOM   731  C  CB  . ASP A 1 111 ? -10.739 -1.935  9.196   1.00 35.98 ? 111  ASP A CB  1 
ATOM   732  C  CG  . ASP A 1 111 ? -10.987 -0.457  8.881   1.00 36.95 ? 111  ASP A CG  1 
ATOM   733  O  OD1 . ASP A 1 111 ? -10.457 0.028   7.859   1.00 34.01 ? 111  ASP A OD1 1 
ATOM   734  O  OD2 . ASP A 1 111 ? -11.708 0.229   9.641   1.00 37.55 ? 111  ASP A OD2 1 
ATOM   735  N  N   . GLU A 1 112 ? -9.297  -4.690  8.238   1.00 36.76 ? 112  GLU A N   1 
ATOM   736  C  CA  . GLU A 1 112 ? -8.852  -5.942  8.887   1.00 36.28 ? 112  GLU A CA  1 
ATOM   737  C  C   . GLU A 1 112 ? -7.767  -5.636  9.902   1.00 36.46 ? 112  GLU A C   1 
ATOM   738  O  O   . GLU A 1 112 ? -6.599  -5.753  9.587   1.00 37.37 ? 112  GLU A O   1 
ATOM   739  C  CB  . GLU A 1 112 ? -8.316  -6.947  7.871   1.00 35.48 ? 112  GLU A CB  1 
ATOM   740  C  CG  . GLU A 1 112 ? -9.338  -7.447  6.892   1.00 34.88 ? 112  GLU A CG  1 
ATOM   741  C  CD  . GLU A 1 112 ? -8.738  -8.228  5.712   1.00 35.73 ? 112  GLU A CD  1 
ATOM   742  O  OE1 . GLU A 1 112 ? -7.971  -7.624  4.917   1.00 32.48 ? 112  GLU A OE1 1 
ATOM   743  O  OE2 . GLU A 1 112 ? -9.082  -9.435  5.563   1.00 35.77 ? 112  GLU A OE2 1 
ATOM   744  N  N   . ILE A 1 113 ? -8.164  -5.226  11.099  1.00 36.70 ? 113  ILE A N   1 
ATOM   745  C  CA  . ILE A 1 113 ? -7.245  -4.820  12.168  1.00 37.49 ? 113  ILE A CA  1 
ATOM   746  C  C   . ILE A 1 113 ? -6.791  -6.063  12.930  1.00 38.44 ? 113  ILE A C   1 
ATOM   747  O  O   . ILE A 1 113 ? -7.598  -6.879  13.291  1.00 38.94 ? 113  ILE A O   1 
ATOM   748  C  CB  . ILE A 1 113 ? -7.949  -3.810  13.117  1.00 36.73 ? 113  ILE A CB  1 
ATOM   749  C  CG1 . ILE A 1 113 ? -8.335  -2.573  12.325  1.00 35.55 ? 113  ILE A CG1 1 
ATOM   750  C  CG2 . ILE A 1 113 ? -7.093  -3.438  14.321  1.00 35.99 ? 113  ILE A CG2 1 
ATOM   751  C  CD1 . ILE A 1 113 ? -7.219  -2.059  11.499  1.00 32.36 ? 113  ILE A CD1 1 
ATOM   752  N  N   . ASN A 1 114 ? -5.494  -6.215  13.169  1.00 39.55 ? 114  ASN A N   1 
ATOM   753  C  CA  . ASN A 1 114 ? -4.986  -7.455  13.743  1.00 40.23 ? 114  ASN A CA  1 
ATOM   754  C  C   . ASN A 1 114 ? -4.096  -7.086  14.915  1.00 40.75 ? 114  ASN A C   1 
ATOM   755  O  O   . ASN A 1 114 ? -3.128  -6.339  14.729  1.00 41.31 ? 114  ASN A O   1 
ATOM   756  C  CB  . ASN A 1 114 ? -4.150  -8.206  12.672  1.00 39.76 ? 114  ASN A CB  1 
ATOM   757  C  CG  . ASN A 1 114 ? -4.995  -8.718  11.487  1.00 41.60 ? 114  ASN A CG  1 
ATOM   758  O  OD1 . ASN A 1 114 ? -5.806  -9.639  11.670  1.00 43.81 ? 114  ASN A OD1 1 
ATOM   759  N  ND2 . ASN A 1 114 ? -4.811  -8.127  10.258  1.00 40.62 ? 114  ASN A ND2 1 
ATOM   760  N  N   . LYS A 1 115 ? -4.375  -7.585  16.114  1.00 40.65 ? 115  LYS A N   1 
ATOM   761  C  CA  . LYS A 1 115 ? -3.477  -7.275  17.264  1.00 41.31 ? 115  LYS A CA  1 
ATOM   762  C  C   . LYS A 1 115 ? -1.991  -7.626  17.024  1.00 39.41 ? 115  LYS A C   1 
ATOM   763  O  O   . LYS A 1 115 ? -1.077  -7.066  17.687  1.00 39.33 ? 115  LYS A O   1 
ATOM   764  C  CB  . LYS A 1 115 ? -3.960  -7.982  18.538  1.00 41.89 ? 115  LYS A CB  1 
ATOM   765  C  CG  . LYS A 1 115 ? -4.335  -9.473  18.283  1.00 45.32 ? 115  LYS A CG  1 
ATOM   766  C  CD  . LYS A 1 115 ? -4.574  -10.255 19.552  1.00 45.60 ? 115  LYS A CD  1 
ATOM   767  C  CE  . LYS A 1 115 ? -3.303  -10.998 19.892  1.00 54.01 ? 115  LYS A CE  1 
ATOM   768  N  NZ  . LYS A 1 115 ? -3.701  -12.395 20.124  1.00 57.77 ? 115  LYS A NZ  1 
ATOM   769  N  N   . GLU A 1 116 ? -1.770  -8.559  16.089  1.00 37.67 ? 116  GLU A N   1 
ATOM   770  C  CA  . GLU A 1 116 ? -0.446  -9.059  15.755  1.00 35.65 ? 116  GLU A CA  1 
ATOM   771  C  C   . GLU A 1 116 ? 0.292   -8.120  14.840  1.00 35.29 ? 116  GLU A C   1 
ATOM   772  O  O   . GLU A 1 116 ? 1.468   -8.308  14.644  1.00 35.96 ? 116  GLU A O   1 
ATOM   773  C  CB  . GLU A 1 116 ? -0.505  -10.391 14.998  1.00 35.61 ? 116  GLU A CB  1 
ATOM   774  C  CG  . GLU A 1 116 ? -1.023  -11.611 15.758  1.00 36.09 ? 116  GLU A CG  1 
ATOM   775  C  CD  . GLU A 1 116 ? -2.522  -11.684 15.694  1.00 39.84 ? 116  GLU A CD  1 
ATOM   776  O  OE1 . GLU A 1 116 ? -3.176  -10.794 15.046  1.00 39.34 ? 116  GLU A OE1 1 
ATOM   777  O  OE2 . GLU A 1 116 ? -3.043  -12.620 16.323  1.00 41.96 ? 116  GLU A OE2 1 
ATOM   778  N  N   . LEU A 1 117 ? -0.380  -7.158  14.211  1.00 34.30 ? 117  LEU A N   1 
ATOM   779  C  CA  . LEU A 1 117 ? 0.312   -6.248  13.279  1.00 33.30 ? 117  LEU A CA  1 
ATOM   780  C  C   . LEU A 1 117 ? 0.227   -4.821  13.770  1.00 32.93 ? 117  LEU A C   1 
ATOM   781  O  O   . LEU A 1 117 ? -0.849  -4.264  13.928  1.00 32.77 ? 117  LEU A O   1 
ATOM   782  C  CB  . LEU A 1 117 ? -0.256  -6.329  11.870  1.00 32.29 ? 117  LEU A CB  1 
ATOM   783  C  CG  . LEU A 1 117 ? -0.070  -7.718  11.271  1.00 31.71 ? 117  LEU A CG  1 
ATOM   784  C  CD1 . LEU A 1 117 ? -0.711  -7.702  9.937   1.00 28.35 ? 117  LEU A CD1 1 
ATOM   785  C  CD2 . LEU A 1 117 ? 1.361   -8.155  11.188  1.00 28.98 ? 117  LEU A CD2 1 
ATOM   786  N  N   . LYS A 1 118 ? 1.378   -4.226  13.982  1.00 32.32 ? 118  LYS A N   1 
ATOM   787  C  CA  . LYS A 1 118 ? 1.400   -2.858  14.417  1.00 32.44 ? 118  LYS A CA  1 
ATOM   788  C  C   . LYS A 1 118 ? 2.370   -2.053  13.584  1.00 31.68 ? 118  LYS A C   1 
ATOM   789  O  O   . LYS A 1 118 ? 3.263   -2.621  12.906  1.00 31.77 ? 118  LYS A O   1 
ATOM   790  C  CB  . LYS A 1 118 ? 1.736   -2.802  15.897  1.00 32.62 ? 118  LYS A CB  1 
ATOM   791  C  CG  . LYS A 1 118 ? 0.532   -3.017  16.708  1.00 33.94 ? 118  LYS A CG  1 
ATOM   792  C  CD  . LYS A 1 118 ? 0.930   -3.228  18.097  1.00 38.11 ? 118  LYS A CD  1 
ATOM   793  C  CE  . LYS A 1 118 ? -0.018  -4.262  18.668  1.00 43.26 ? 118  LYS A CE  1 
ATOM   794  N  NZ  . LYS A 1 118 ? -1.006  -3.529  19.457  1.00 41.10 ? 118  LYS A NZ  1 
ATOM   795  N  N   . HIS A 1 119 ? 2.204   -0.732  13.636  1.00 30.70 ? 119  HIS A N   1 
ATOM   796  C  CA  . HIS A 1 119 ? 3.002   0.149   12.807  1.00 30.12 ? 119  HIS A CA  1 
ATOM   797  C  C   . HIS A 1 119 ? 4.255   0.392   13.591  1.00 30.63 ? 119  HIS A C   1 
ATOM   798  O  O   . HIS A 1 119 ? 4.377   1.408   14.282  1.00 31.65 ? 119  HIS A O   1 
ATOM   799  C  CB  . HIS A 1 119 ? 2.265   1.445   12.550  1.00 29.82 ? 119  HIS A CB  1 
ATOM   800  C  CG  . HIS A 1 119 ? 1.015   1.293   11.719  1.00 29.78 ? 119  HIS A CG  1 
ATOM   801  N  ND1 . HIS A 1 119 ? -0.227  1.020   12.267  1.00 26.28 ? 119  HIS A ND1 1 
ATOM   802  C  CD2 . HIS A 1 119 ? 0.817   1.413   10.379  1.00 25.77 ? 119  HIS A CD2 1 
ATOM   803  C  CE1 . HIS A 1 119 ? -1.128  0.993   11.296  1.00 25.36 ? 119  HIS A CE1 1 
ATOM   804  N  NE2 . HIS A 1 119 ? -0.522  1.237   10.147  1.00 23.00 ? 119  HIS A NE2 1 
ATOM   805  N  N   . THR A 1 120 ? 5.185   -0.558  13.499  1.00 30.15 ? 120  THR A N   1 
ATOM   806  C  CA  . THR A 1 120 ? 6.343   -0.574  14.368  1.00 30.27 ? 120  THR A CA  1 
ATOM   807  C  C   . THR A 1 120 ? 7.635   -0.061  13.764  1.00 30.86 ? 120  THR A C   1 
ATOM   808  O  O   . THR A 1 120 ? 8.612   0.139   14.496  1.00 31.42 ? 120  THR A O   1 
ATOM   809  C  CB  . THR A 1 120 ? 6.699   -2.001  14.863  1.00 30.98 ? 120  THR A CB  1 
ATOM   810  O  OG1 . THR A 1 120 ? 6.894   -2.833  13.725  1.00 29.74 ? 120  THR A OG1 1 
ATOM   811  C  CG2 . THR A 1 120 ? 5.637   -2.574  15.832  1.00 28.43 ? 120  THR A CG2 1 
ATOM   812  N  N   . GLY A 1 121 ? 7.690   0.120   12.453  1.00 30.71 ? 121  GLY A N   1 
ATOM   813  C  CA  . GLY A 1 121 ? 8.916   0.619   11.835  1.00 29.56 ? 121  GLY A CA  1 
ATOM   814  C  C   . GLY A 1 121 ? 8.588   1.086   10.449  1.00 28.86 ? 121  GLY A C   1 
ATOM   815  O  O   . GLY A 1 121 ? 7.414   0.996   10.008  1.00 28.58 ? 121  GLY A O   1 
ATOM   816  N  N   . ALA A 1 122 ? 9.631   1.542   9.771   1.00 27.20 ? 122  ALA A N   1 
ATOM   817  C  CA  . ALA A 1 122 ? 9.577   2.006   8.382   1.00 27.42 ? 122  ALA A CA  1 
ATOM   818  C  C   . ALA A 1 122 ? 9.292   0.807   7.439   1.00 27.80 ? 122  ALA A C   1 
ATOM   819  O  O   . ALA A 1 122 ? 9.663   -0.314  7.757   1.00 27.94 ? 122  ALA A O   1 
ATOM   820  C  CB  . ALA A 1 122 ? 10.935  2.665   8.019   1.00 25.22 ? 122  ALA A CB  1 
ATOM   821  N  N   . GLY A 1 123 ? 8.630   1.020   6.309   1.00 27.70 ? 123  GLY A N   1 
ATOM   822  C  CA  . GLY A 1 123 ? 8.544   -0.037  5.314   1.00 27.51 ? 123  GLY A CA  1 
ATOM   823  C  C   . GLY A 1 123 ? 7.235   -0.807  5.374   1.00 27.77 ? 123  GLY A C   1 
ATOM   824  O  O   . GLY A 1 123 ? 7.003   -1.743  4.572   1.00 28.05 ? 123  GLY A O   1 
ATOM   825  N  N   . ILE A 1 124 ? 6.350   -0.416  6.288   1.00 26.93 ? 124  ILE A N   1 
ATOM   826  C  CA  . ILE A 1 124 ? 5.115   -1.180  6.463   1.00 25.59 ? 124  ILE A CA  1 
ATOM   827  C  C   . ILE A 1 124 ? 4.065   -0.611  5.524   1.00 26.99 ? 124  ILE A C   1 
ATOM   828  O  O   . ILE A 1 124 ? 4.012   0.616   5.373   1.00 27.45 ? 124  ILE A O   1 
ATOM   829  C  CB  . ILE A 1 124 ? 4.661   -1.129  7.884   1.00 24.16 ? 124  ILE A CB  1 
ATOM   830  C  CG1 . ILE A 1 124 ? 5.609   -2.005  8.702   1.00 23.82 ? 124  ILE A CG1 1 
ATOM   831  C  CG2 . ILE A 1 124 ? 3.252   -1.591  7.989   1.00 21.27 ? 124  ILE A CG2 1 
ATOM   832  C  CD1 . ILE A 1 124 ? 5.428   -1.811  10.168  1.00 20.93 ? 124  ILE A CD1 1 
ATOM   833  N  N   . LEU A 1 125 ? 3.251   -1.468  4.887   1.00 26.85 ? 125  LEU A N   1 
ATOM   834  C  CA  . LEU A 1 125 ? 2.199   -0.991  3.991   1.00 26.99 ? 125  LEU A CA  1 
ATOM   835  C  C   . LEU A 1 125 ? 0.908   -1.134  4.719   1.00 28.57 ? 125  LEU A C   1 
ATOM   836  O  O   . LEU A 1 125 ? 0.579   -2.188  5.286   1.00 29.14 ? 125  LEU A O   1 
ATOM   837  C  CB  . LEU A 1 125 ? 2.156   -1.746  2.660   1.00 26.31 ? 125  LEU A CB  1 
ATOM   838  C  CG  . LEU A 1 125 ? 3.105   -1.323  1.535   1.00 24.24 ? 125  LEU A CG  1 
ATOM   839  C  CD1 . LEU A 1 125 ? 4.542   -1.716  1.753   1.00 21.13 ? 125  LEU A CD1 1 
ATOM   840  C  CD2 . LEU A 1 125 ? 2.611   -1.882  0.219   1.00 19.81 ? 125  LEU A CD2 1 
ATOM   841  N  N   . SER A 1 126 ? 0.145   -0.060  4.689   1.00 30.03 ? 126  SER A N   1 
ATOM   842  C  CA  . SER A 1 126 ? -1.049  0.034   5.481   1.00 30.90 ? 126  SER A CA  1 
ATOM   843  C  C   . SER A 1 126 ? -2.083  0.767   4.648   1.00 31.45 ? 126  SER A C   1 
ATOM   844  O  O   . SER A 1 126 ? -1.716  1.668   3.852   1.00 33.51 ? 126  SER A O   1 
ATOM   845  C  CB  . SER A 1 126 ? -0.668  0.850   6.691   1.00 30.31 ? 126  SER A CB  1 
ATOM   846  O  OG  . SER A 1 126 ? -1.672  0.783   7.647   1.00 33.09 ? 126  SER A OG  1 
ATOM   847  N  N   . MET A 1 127 ? -3.356  0.428   4.781   1.00 30.79 ? 127  MET A N   1 
ATOM   848  C  CA  . MET A 1 127 ? -4.355  1.132   3.973   1.00 30.64 ? 127  MET A CA  1 
ATOM   849  C  C   . MET A 1 127 ? -4.672  2.577   4.441   1.00 32.29 ? 127  MET A C   1 
ATOM   850  O  O   . MET A 1 127 ? -4.884  2.886   5.633   1.00 32.73 ? 127  MET A O   1 
ATOM   851  C  CB  . MET A 1 127 ? -5.635  0.341   3.868   1.00 29.79 ? 127  MET A CB  1 
ATOM   852  C  CG  . MET A 1 127 ? -5.506  -0.962  3.162   1.00 28.12 ? 127  MET A CG  1 
ATOM   853  S  SD  . MET A 1 127 ? -5.130  -0.881  1.402   1.00 27.47 ? 127  MET A SD  1 
ATOM   854  C  CE  . MET A 1 127 ? -6.540  0.061   0.822   1.00 23.75 ? 127  MET A CE  1 
ATOM   855  N  N   . SER A 1 128 ? -4.705  3.474   3.479   1.00 32.82 ? 128  SER A N   1 
ATOM   856  C  CA  . SER A 1 128 ? -5.136  4.805   3.722   1.00 33.85 ? 128  SER A CA  1 
ATOM   857  C  C   . SER A 1 128 ? -6.660  4.755   3.633   1.00 33.85 ? 128  SER A C   1 
ATOM   858  O  O   . SER A 1 128 ? -7.187  3.845   3.051   1.00 34.69 ? 128  SER A O   1 
ATOM   859  C  CB  . SER A 1 128 ? -4.558  5.682   2.643   1.00 33.68 ? 128  SER A CB  1 
ATOM   860  O  OG  . SER A 1 128 ? -4.737  7.012   3.052   1.00 40.80 ? 128  SER A OG  1 
ATOM   861  N  N   . ASN A 1 129 ? -7.385  5.708   4.195   1.00 34.18 ? 129  ASN A N   1 
ATOM   862  C  CA  . ASN A 1 129 ? -8.823  5.577   4.251   1.00 34.45 ? 129  ASN A CA  1 
ATOM   863  C  C   . ASN A 1 129 ? -9.478  6.882   4.719   1.00 35.73 ? 129  ASN A C   1 
ATOM   864  O  O   . ASN A 1 129 ? -8.773  7.902   4.830   1.00 37.15 ? 129  ASN A O   1 
ATOM   865  C  CB  . ASN A 1 129 ? -9.178  4.411   5.165   1.00 34.02 ? 129  ASN A CB  1 
ATOM   866  C  CG  . ASN A 1 129 ? -8.849  4.681   6.603   1.00 34.80 ? 129  ASN A CG  1 
ATOM   867  O  OD1 . ASN A 1 129 ? -9.110  5.778   7.119   1.00 35.01 ? 129  ASN A OD1 1 
ATOM   868  N  ND2 . ASN A 1 129 ? -8.288  3.679   7.285   1.00 32.19 ? 129  ASN A ND2 1 
ATOM   869  N  N   . ASN A 1 130 ? -10.792 6.872   4.997   1.00 35.82 ? 130  ASN A N   1 
ATOM   870  C  CA  . ASN A 1 130 ? -11.546 8.080   5.444   1.00 36.34 ? 130  ASN A CA  1 
ATOM   871  C  C   . ASN A 1 130 ? -12.271 7.930   6.765   1.00 36.25 ? 130  ASN A C   1 
ATOM   872  O  O   . ASN A 1 130 ? -13.285 8.601   6.987   1.00 38.43 ? 130  ASN A O   1 
ATOM   873  C  CB  . ASN A 1 130 ? -12.595 8.541   4.407   1.00 35.73 ? 130  ASN A CB  1 
ATOM   874  C  CG  . ASN A 1 130 ? -12.030 8.608   2.981   1.00 38.80 ? 130  ASN A CG  1 
ATOM   875  O  OD1 . ASN A 1 130 ? -12.754 8.331   2.017   1.00 40.08 ? 130  ASN A OD1 1 
ATOM   876  N  ND2 . ASN A 1 130 ? -10.745 8.953   2.838   1.00 37.17 ? 130  ASN A ND2 1 
ATOM   877  N  N   . GLY A 1 131 ? -11.754 7.088   7.645   1.00 36.03 ? 131  GLY A N   1 
ATOM   878  C  CA  . GLY A 1 131 ? -12.459 6.691   8.843   1.00 35.48 ? 131  GLY A CA  1 
ATOM   879  C  C   . GLY A 1 131 ? -12.674 5.187   8.673   1.00 36.01 ? 131  GLY A C   1 
ATOM   880  O  O   . GLY A 1 131 ? -12.236 4.581   7.669   1.00 34.75 ? 131  GLY A O   1 
ATOM   881  N  N   . PRO A 1 132 ? -13.369 4.574   9.640   1.00 35.98 ? 132  PRO A N   1 
ATOM   882  C  CA  . PRO A 1 132 ? -13.527 3.130   9.673   1.00 36.04 ? 132  PRO A CA  1 
ATOM   883  C  C   . PRO A 1 132 ? -14.183 2.605   8.413   1.00 37.05 ? 132  PRO A C   1 
ATOM   884  O  O   . PRO A 1 132 ? -15.047 3.272   7.844   1.00 37.07 ? 132  PRO A O   1 
ATOM   885  C  CB  . PRO A 1 132 ? -14.426 2.905   10.881  1.00 35.93 ? 132  PRO A CB  1 
ATOM   886  C  CG  . PRO A 1 132 ? -14.103 4.146   11.798  1.00 36.25 ? 132  PRO A CG  1 
ATOM   887  C  CD  . PRO A 1 132 ? -14.013 5.252   10.779  1.00 35.46 ? 132  PRO A CD  1 
ATOM   888  N  N   . ASN A 1 133 ? -13.727 1.433   7.965   1.00 37.11 ? 133  ASN A N   1 
ATOM   889  C  CA  . ASN A 1 133 ? -14.317 0.704   6.830   1.00 37.62 ? 133  ASN A CA  1 
ATOM   890  C  C   . ASN A 1 133 ? -14.544 1.493   5.564   1.00 37.52 ? 133  ASN A C   1 
ATOM   891  O  O   . ASN A 1 133 ? -15.590 1.349   4.931   1.00 38.86 ? 133  ASN A O   1 
ATOM   892  C  CB  . ASN A 1 133 ? -15.599 -0.009  7.227   1.00 36.27 ? 133  ASN A CB  1 
ATOM   893  C  CG  . ASN A 1 133 ? -15.446 -0.711  8.515   1.00 38.13 ? 133  ASN A CG  1 
ATOM   894  O  OD1 . ASN A 1 133 ? -14.631 -1.615  8.655   1.00 41.37 ? 133  ASN A OD1 1 
ATOM   895  N  ND2 . ASN A 1 133 ? -16.170 -0.261  9.503   1.00 37.67 ? 133  ASN A ND2 1 
ATOM   896  N  N   . THR A 1 134 ? -13.565 2.296   5.187   1.00 36.74 ? 134  THR A N   1 
ATOM   897  C  CA  . THR A 1 134 ? -13.626 3.046   3.933   1.00 35.68 ? 134  THR A CA  1 
ATOM   898  C  C   . THR A 1 134 ? -12.318 2.821   3.160   1.00 35.42 ? 134  THR A C   1 
ATOM   899  O  O   . THR A 1 134 ? -11.710 3.785   2.634   1.00 34.96 ? 134  THR A O   1 
ATOM   900  C  CB  . THR A 1 134 ? -13.780 4.553   4.192   1.00 36.42 ? 134  THR A CB  1 
ATOM   901  O  OG1 . THR A 1 134 ? -12.782 4.960   5.165   1.00 35.03 ? 134  THR A OG1 1 
ATOM   902  C  CG2 . THR A 1 134 ? -15.229 4.878   4.686   1.00 35.21 ? 134  THR A CG2 1 
ATOM   903  N  N   . ASN A 1 135 ? -11.889 1.549   3.097   1.00 33.97 ? 135  ASN A N   1 
ATOM   904  C  CA  . ASN A 1 135 ? -10.770 1.168   2.260   1.00 32.39 ? 135  ASN A CA  1 
ATOM   905  C  C   . ASN A 1 135 ? -11.118 1.137   0.767   1.00 32.09 ? 135  ASN A C   1 
ATOM   906  O  O   . ASN A 1 135 ? -12.203 0.725   0.386   1.00 32.14 ? 135  ASN A O   1 
ATOM   907  C  CB  . ASN A 1 135 ? -10.196 -0.154  2.752   1.00 31.94 ? 135  ASN A CB  1 
ATOM   908  C  CG  . ASN A 1 135 ? -9.840  -0.125  4.249   1.00 32.13 ? 135  ASN A CG  1 
ATOM   909  O  OD1 . ASN A 1 135 ? -8.755  0.341   4.636   1.00 34.14 ? 135  ASN A OD1 1 
ATOM   910  N  ND2 . ASN A 1 135 ? -10.737 -0.645  5.089   1.00 28.28 ? 135  ASN A ND2 1 
ATOM   911  N  N   . SER A 1 136 ? -10.204 1.571   -0.088  1.00 31.47 ? 136  SER A N   1 
ATOM   912  C  CA  . SER A 1 136 ? -10.423 1.382   -1.513  1.00 32.01 ? 136  SER A CA  1 
ATOM   913  C  C   . SER A 1 136 ? -9.126  0.905   -2.167  1.00 31.41 ? 136  SER A C   1 
ATOM   914  O  O   . SER A 1 136 ? -8.863  -0.308  -2.148  1.00 31.65 ? 136  SER A O   1 
ATOM   915  C  CB  . SER A 1 136 ? -11.024 2.633   -2.187  1.00 31.72 ? 136  SER A CB  1 
ATOM   916  O  OG  . SER A 1 136 ? -10.137 3.732   -2.072  1.00 32.37 ? 136  SER A OG  1 
ATOM   917  N  N   . SER A 1 137 ? -8.300  1.813   -2.684  1.00 30.13 ? 137  SER A N   1 
ATOM   918  C  CA  . SER A 1 137 ? -7.010  1.393   -3.186  1.00 30.05 ? 137  SER A CA  1 
ATOM   919  C  C   . SER A 1 137 ? -5.834  2.223   -2.678  1.00 30.49 ? 137  SER A C   1 
ATOM   920  O  O   . SER A 1 137 ? -4.674  2.035   -3.120  1.00 30.46 ? 137  SER A O   1 
ATOM   921  C  CB  . SER A 1 137 ? -7.022  1.500   -4.685  1.00 30.11 ? 137  SER A CB  1 
ATOM   922  O  OG  . SER A 1 137 ? -7.384  2.817   -5.019  1.00 28.25 ? 137  SER A OG  1 
ATOM   923  N  N   . GLN A 1 138 ? -6.097  3.189   -1.805  1.00 29.80 ? 138  GLN A N   1 
ATOM   924  C  CA  . GLN A 1 138 ? -4.979  4.051   -1.381  1.00 29.37 ? 138  GLN A CA  1 
ATOM   925  C  C   . GLN A 1 138 ? -4.250  3.408   -0.214  1.00 28.16 ? 138  GLN A C   1 
ATOM   926  O  O   . GLN A 1 138 ? -4.909  2.826   0.639   1.00 28.15 ? 138  GLN A O   1 
ATOM   927  C  CB  . GLN A 1 138 ? -5.476  5.444   -1.016  1.00 29.33 ? 138  GLN A CB  1 
ATOM   928  C  CG  . GLN A 1 138 ? -5.762  6.346   -2.208  1.00 29.72 ? 138  GLN A CG  1 
ATOM   929  C  CD  . GLN A 1 138 ? -6.039  7.752   -1.736  1.00 30.13 ? 138  GLN A CD  1 
ATOM   930  O  OE1 . GLN A 1 138 ? -5.325  8.273   -0.903  1.00 34.02 ? 138  GLN A OE1 1 
ATOM   931  N  NE2 . GLN A 1 138 ? -7.082  8.354   -2.236  1.00 30.91 ? 138  GLN A NE2 1 
ATOM   932  N  N   . PHE A 1 139 ? -2.924  3.504   -0.154  1.00 26.54 ? 139  PHE A N   1 
ATOM   933  C  CA  . PHE A 1 139 ? -2.222  2.878   0.941   1.00 26.44 ? 139  PHE A CA  1 
ATOM   934  C  C   . PHE A 1 139 ? -1.051  3.765   1.273   1.00 27.78 ? 139  PHE A C   1 
ATOM   935  O  O   . PHE A 1 139 ? -0.692  4.628   0.454   1.00 27.92 ? 139  PHE A O   1 
ATOM   936  C  CB  . PHE A 1 139 ? -1.705  1.502   0.487   1.00 26.34 ? 139  PHE A CB  1 
ATOM   937  C  CG  . PHE A 1 139 ? -0.830  1.566   -0.728  1.00 22.37 ? 139  PHE A CG  1 
ATOM   938  C  CD1 . PHE A 1 139 ? 0.549   1.577   -0.605  1.00 20.37 ? 139  PHE A CD1 1 
ATOM   939  C  CD2 . PHE A 1 139 ? -1.392  1.663   -2.010  1.00 24.67 ? 139  PHE A CD2 1 
ATOM   940  C  CE1 . PHE A 1 139 ? 1.393   1.689   -1.748  1.00 21.39 ? 139  PHE A CE1 1 
ATOM   941  C  CE2 . PHE A 1 139 ? -0.566  1.771   -3.186  1.00 23.66 ? 139  PHE A CE2 1 
ATOM   942  C  CZ  . PHE A 1 139 ? 0.830   1.797   -3.041  1.00 23.63 ? 139  PHE A CZ  1 
ATOM   943  N  N   . PHE A 1 140 ? -0.431  3.537   2.435   1.00 28.79 ? 140  PHE A N   1 
ATOM   944  C  CA  . PHE A 1 140 ? 0.833   4.194   2.781   1.00 29.89 ? 140  PHE A CA  1 
ATOM   945  C  C   . PHE A 1 140 ? 1.923   3.170   2.793   1.00 29.22 ? 140  PHE A C   1 
ATOM   946  O  O   . PHE A 1 140 ? 1.628   1.990   2.977   1.00 30.90 ? 140  PHE A O   1 
ATOM   947  C  CB  . PHE A 1 140 ? 0.912   4.597   4.243   1.00 31.54 ? 140  PHE A CB  1 
ATOM   948  C  CG  . PHE A 1 140 ? -0.265  5.184   4.774   1.00 34.34 ? 140  PHE A CG  1 
ATOM   949  C  CD1 . PHE A 1 140 ? -0.689  6.481   4.317   1.00 41.04 ? 140  PHE A CD1 1 
ATOM   950  C  CD2 . PHE A 1 140 ? -0.937  4.528   5.800   1.00 38.85 ? 140  PHE A CD2 1 
ATOM   951  C  CE1 . PHE A 1 140 ? -1.863  7.156   4.854   1.00 40.31 ? 140  PHE A CE1 1 
ATOM   952  C  CE2 . PHE A 1 140 ? -2.079  5.145   6.368   1.00 43.42 ? 140  PHE A CE2 1 
ATOM   953  C  CZ  . PHE A 1 140 ? -2.548  6.502   5.886   1.00 39.38 ? 140  PHE A CZ  1 
ATOM   954  N  N   . ILE A 1 141 ? 3.163   3.644   2.708   1.00 27.06 ? 141  ILE A N   1 
ATOM   955  C  CA  . ILE A 1 141 ? 4.363   2.944   3.134   1.00 25.25 ? 141  ILE A CA  1 
ATOM   956  C  C   . ILE A 1 141 ? 4.914   3.793   4.290   1.00 25.40 ? 141  ILE A C   1 
ATOM   957  O  O   . ILE A 1 141 ? 5.103   5.011   4.116   1.00 26.39 ? 141  ILE A O   1 
ATOM   958  C  CB  . ILE A 1 141 ? 5.348   2.890   2.000   1.00 24.32 ? 141  ILE A CB  1 
ATOM   959  C  CG1 . ILE A 1 141 ? 4.657   2.238   0.814   1.00 23.39 ? 141  ILE A CG1 1 
ATOM   960  C  CG2 . ILE A 1 141 ? 6.501   2.094   2.379   1.00 23.36 ? 141  ILE A CG2 1 
ATOM   961  C  CD1 . ILE A 1 141 ? 5.428   2.218   -0.416  1.00 21.52 ? 141  ILE A CD1 1 
ATOM   962  N  N   . THR A 1 142 ? 5.118   3.208   5.472   1.00 24.07 ? 142  THR A N   1 
ATOM   963  C  CA  . THR A 1 142 ? 5.504   3.975   6.621   1.00 22.95 ? 142  THR A CA  1 
ATOM   964  C  C   . THR A 1 142 ? 6.995   4.293   6.521   1.00 24.11 ? 142  THR A C   1 
ATOM   965  O  O   . THR A 1 142 ? 7.778   3.576   5.820   1.00 23.16 ? 142  THR A O   1 
ATOM   966  C  CB  . THR A 1 142 ? 5.247   3.236   7.903   1.00 22.73 ? 142  THR A CB  1 
ATOM   967  O  OG1 . THR A 1 142 ? 5.993   2.022   7.862   1.00 24.08 ? 142  THR A OG1 1 
ATOM   968  C  CG2 . THR A 1 142 ? 3.784   2.936   8.065   1.00 20.70 ? 142  THR A CG2 1 
ATOM   969  N  N   . LEU A 1 143 ? 7.390   5.382   7.189   1.00 24.25 ? 143  LEU A N   1 
ATOM   970  C  CA  . LEU A 1 143 ? 8.800   5.765   7.189   1.00 25.15 ? 143  LEU A CA  1 
ATOM   971  C  C   . LEU A 1 143 ? 9.418   5.802   8.565   1.00 25.92 ? 143  LEU A C   1 
ATOM   972  O  O   . LEU A 1 143 ? 10.575  6.168   8.674   1.00 28.14 ? 143  LEU A O   1 
ATOM   973  C  CB  . LEU A 1 143 ? 9.011   7.143   6.529   1.00 23.74 ? 143  LEU A CB  1 
ATOM   974  C  CG  . LEU A 1 143 ? 8.565   7.289   5.095   1.00 22.69 ? 143  LEU A CG  1 
ATOM   975  C  CD1 . LEU A 1 143 ? 8.512   8.793   4.660   1.00 17.50 ? 143  LEU A CD1 1 
ATOM   976  C  CD2 . LEU A 1 143 ? 9.453   6.441   4.155   1.00 18.97 ? 143  LEU A CD2 1 
ATOM   977  N  N   . ALA A 1 144 ? 8.665   5.438   9.595   1.00 26.45 ? 144  ALA A N   1 
ATOM   978  C  CA  . ALA A 1 144 ? 9.085   5.437   11.013  1.00 26.98 ? 144  ALA A CA  1 
ATOM   979  C  C   . ALA A 1 144 ? 7.990   4.619   11.776  1.00 27.73 ? 144  ALA A C   1 
ATOM   980  O  O   . ALA A 1 144 ? 6.937   4.380   11.203  1.00 26.43 ? 144  ALA A O   1 
ATOM   981  C  CB  . ALA A 1 144 ? 9.104   6.878   11.551  1.00 25.20 ? 144  ALA A CB  1 
ATOM   982  N  N   . PRO A 1 145 ? 8.223   4.240   13.069  1.00 28.49 ? 145  PRO A N   1 
ATOM   983  C  CA  . PRO A 1 145 ? 7.139   3.719   13.918  1.00 28.14 ? 145  PRO A CA  1 
ATOM   984  C  C   . PRO A 1 145 ? 6.023   4.733   14.033  1.00 28.65 ? 145  PRO A C   1 
ATOM   985  O  O   . PRO A 1 145 ? 6.312   5.888   14.252  1.00 29.84 ? 145  PRO A O   1 
ATOM   986  C  CB  . PRO A 1 145 ? 7.802   3.562   15.312  1.00 28.12 ? 145  PRO A CB  1 
ATOM   987  C  CG  . PRO A 1 145 ? 9.220   4.083   15.204  1.00 26.82 ? 145  PRO A CG  1 
ATOM   988  C  CD  . PRO A 1 145 ? 9.543   4.267   13.767  1.00 28.98 ? 145  PRO A CD  1 
ATOM   989  N  N   . LEU A 1 146 ? 4.766   4.326   13.904  1.00 28.60 ? 146  LEU A N   1 
ATOM   990  C  CA  . LEU A 1 146 ? 3.639   5.241   14.055  1.00 28.69 ? 146  LEU A CA  1 
ATOM   991  C  C   . LEU A 1 146 ? 2.542   4.627   14.932  1.00 29.31 ? 146  LEU A C   1 
ATOM   992  O  O   . LEU A 1 146 ? 1.449   4.329   14.442  1.00 29.32 ? 146  LEU A O   1 
ATOM   993  C  CB  . LEU A 1 146 ? 3.059   5.544   12.689  1.00 27.73 ? 146  LEU A CB  1 
ATOM   994  C  CG  . LEU A 1 146 ? 4.133   6.144   11.786  1.00 30.15 ? 146  LEU A CG  1 
ATOM   995  C  CD1 . LEU A 1 146 ? 3.715   6.094   10.327  1.00 30.53 ? 146  LEU A CD1 1 
ATOM   996  C  CD2 . LEU A 1 146 ? 4.504   7.607   12.201  1.00 31.25 ? 146  LEU A CD2 1 
ATOM   997  N  N   . PRO A 1 147 ? 2.813   4.425   16.227  1.00 29.88 ? 147  PRO A N   1 
ATOM   998  C  CA  . PRO A 1 147 ? 1.775   3.735   17.065  1.00 30.17 ? 147  PRO A CA  1 
ATOM   999  C  C   . PRO A 1 147 ? 0.438   4.438   16.971  1.00 31.31 ? 147  PRO A C   1 
ATOM   1000 O  O   . PRO A 1 147 ? -0.604  3.806   17.117  1.00 32.11 ? 147  PRO A O   1 
ATOM   1001 C  CB  . PRO A 1 147 ? 2.303   3.831   18.503  1.00 28.33 ? 147  PRO A CB  1 
ATOM   1002 C  CG  . PRO A 1 147 ? 3.532   4.872   18.414  1.00 28.50 ? 147  PRO A CG  1 
ATOM   1003 C  CD  . PRO A 1 147 ? 4.031   4.786   16.987  1.00 30.01 ? 147  PRO A CD  1 
ATOM   1004 N  N   . HIS A 1 148 ? 0.417   5.742   16.718  1.00 32.25 ? 148  HIS A N   1 
ATOM   1005 C  CA  . HIS A 1 148 ? -0.920  6.392   16.660  1.00 32.23 ? 148  HIS A CA  1 
ATOM   1006 C  C   . HIS A 1 148 ? -1.849  5.842   15.517  1.00 32.63 ? 148  HIS A C   1 
ATOM   1007 O  O   . HIS A 1 148 ? -3.079  6.035   15.562  1.00 33.89 ? 148  HIS A O   1 
ATOM   1008 C  CB  . HIS A 1 148 ? -0.810  7.933   16.678  1.00 32.73 ? 148  HIS A CB  1 
ATOM   1009 C  CG  . HIS A 1 148 ? -0.549  8.543   15.322  1.00 32.74 ? 148  HIS A CG  1 
ATOM   1010 N  ND1 . HIS A 1 148 ? 0.717   8.622   14.766  1.00 32.08 ? 148  HIS A ND1 1 
ATOM   1011 C  CD2 . HIS A 1 148 ? -1.397  9.063   14.395  1.00 31.65 ? 148  HIS A CD2 1 
ATOM   1012 C  CE1 . HIS A 1 148 ? 0.647   9.182   13.566  1.00 31.35 ? 148  HIS A CE1 1 
ATOM   1013 N  NE2 . HIS A 1 148 ? -0.626  9.442   13.306  1.00 35.13 ? 148  HIS A NE2 1 
ATOM   1014 N  N   . LEU A 1 149 ? -1.295  5.143   14.517  1.00 31.70 ? 149  LEU A N   1 
ATOM   1015 C  CA  . LEU A 1 149 ? -2.133  4.564   13.427  1.00 30.70 ? 149  LEU A CA  1 
ATOM   1016 C  C   . LEU A 1 149 ? -2.670  3.164   13.748  1.00 30.49 ? 149  LEU A C   1 
ATOM   1017 O  O   . LEU A 1 149 ? -3.627  2.721   13.105  1.00 30.27 ? 149  LEU A O   1 
ATOM   1018 C  CB  . LEU A 1 149 ? -1.358  4.499   12.113  1.00 29.36 ? 149  LEU A CB  1 
ATOM   1019 C  CG  . LEU A 1 149 ? -0.812  5.824   11.603  1.00 29.16 ? 149  LEU A CG  1 
ATOM   1020 C  CD1 . LEU A 1 149 ? -0.045  5.657   10.303  1.00 23.82 ? 149  LEU A CD1 1 
ATOM   1021 C  CD2 . LEU A 1 149 ? -1.974  6.822   11.487  1.00 27.96 ? 149  LEU A CD2 1 
ATOM   1022 N  N   . ASP A 1 150 ? -2.032  2.467   14.702  1.00 29.95 ? 150  ASP A N   1 
ATOM   1023 C  CA  . ASP A 1 150 ? -2.417  1.111   15.093  1.00 30.96 ? 150  ASP A CA  1 
ATOM   1024 C  C   . ASP A 1 150 ? -3.885  1.091   15.339  1.00 31.57 ? 150  ASP A C   1 
ATOM   1025 O  O   . ASP A 1 150 ? -4.348  1.872   16.098  1.00 33.53 ? 150  ASP A O   1 
ATOM   1026 C  CB  . ASP A 1 150 ? -1.749  0.701   16.403  1.00 29.71 ? 150  ASP A CB  1 
ATOM   1027 C  CG  . ASP A 1 150 ? -0.283  0.460   16.242  1.00 32.47 ? 150  ASP A CG  1 
ATOM   1028 O  OD1 . ASP A 1 150 ? 0.180   0.287   15.075  1.00 33.84 ? 150  ASP A OD1 1 
ATOM   1029 O  OD2 . ASP A 1 150 ? 0.422   0.469   17.274  1.00 36.16 ? 150  ASP A OD2 1 
ATOM   1030 N  N   . GLY A 1 151 ? -4.646  0.214   14.716  1.00 32.65 ? 151  GLY A N   1 
ATOM   1031 C  CA  . GLY A 1 151 ? -6.063  0.139   15.053  1.00 32.21 ? 151  GLY A CA  1 
ATOM   1032 C  C   . GLY A 1 151 ? -6.916  1.012   14.159  1.00 32.51 ? 151  GLY A C   1 
ATOM   1033 O  O   . GLY A 1 151 ? -8.097  0.840   14.166  1.00 33.02 ? 151  GLY A O   1 
ATOM   1034 N  N   . LYS A 1 152 ? -6.352  1.937   13.389  1.00 32.06 ? 152  LYS A N   1 
ATOM   1035 C  CA  . LYS A 1 152 ? -7.170  2.700   12.456  1.00 32.74 ? 152  LYS A CA  1 
ATOM   1036 C  C   . LYS A 1 152 ? -6.881  2.388   10.998  1.00 32.16 ? 152  LYS A C   1 
ATOM   1037 O  O   . LYS A 1 152 ? -7.662  2.766   10.117  1.00 32.67 ? 152  LYS A O   1 
ATOM   1038 C  CB  . LYS A 1 152 ? -6.907  4.190   12.591  1.00 33.57 ? 152  LYS A CB  1 
ATOM   1039 C  CG  . LYS A 1 152 ? -7.532  4.918   13.767  1.00 37.88 ? 152  LYS A CG  1 
ATOM   1040 C  CD  . LYS A 1 152 ? -6.496  6.006   14.157  1.00 46.01 ? 152  LYS A CD  1 
ATOM   1041 C  CE  . LYS A 1 152 ? -7.087  7.264   14.752  1.00 48.22 ? 152  LYS A CE  1 
ATOM   1042 N  NZ  . LYS A 1 152 ? -8.075  6.882   15.807  1.00 50.03 ? 152  LYS A NZ  1 
ATOM   1043 N  N   . HIS A 1 153 ? -5.744  1.759   10.725  1.00 30.57 ? 153  HIS A N   1 
ATOM   1044 C  CA  . HIS A 1 153 ? -5.359  1.403   9.361   1.00 29.94 ? 153  HIS A CA  1 
ATOM   1045 C  C   . HIS A 1 153 ? -4.950  -0.073  9.247   1.00 30.24 ? 153  HIS A C   1 
ATOM   1046 O  O   . HIS A 1 153 ? -4.249  -0.621  10.145  1.00 30.55 ? 153  HIS A O   1 
ATOM   1047 C  CB  . HIS A 1 153 ? -4.212  2.286   8.905   1.00 29.85 ? 153  HIS A CB  1 
ATOM   1048 C  CG  . HIS A 1 153 ? -4.554  3.737   8.926   1.00 31.56 ? 153  HIS A CG  1 
ATOM   1049 N  ND1 . HIS A 1 153 ? -5.110  4.383   7.841   1.00 31.96 ? 153  HIS A ND1 1 
ATOM   1050 C  CD2 . HIS A 1 153 ? -4.470  4.662   9.917   1.00 31.01 ? 153  HIS A CD2 1 
ATOM   1051 C  CE1 . HIS A 1 153 ? -5.328  5.650   8.157   1.00 30.96 ? 153  HIS A CE1 1 
ATOM   1052 N  NE2 . HIS A 1 153 ? -4.957  5.842   9.412   1.00 30.86 ? 153  HIS A NE2 1 
ATOM   1053 N  N   . THR A 1 154 ? -5.383  -0.713  8.157   1.00 29.27 ? 154  THR A N   1 
ATOM   1054 C  CA  . THR A 1 154 ? -5.099  -2.127  7.893   1.00 28.55 ? 154  THR A CA  1 
ATOM   1055 C  C   . THR A 1 154 ? -3.682  -2.310  7.391   1.00 27.06 ? 154  THR A C   1 
ATOM   1056 O  O   . THR A 1 154 ? -3.359  -1.922  6.280   1.00 27.19 ? 154  THR A O   1 
ATOM   1057 C  CB  . THR A 1 154 ? -6.076  -2.748  6.843   1.00 28.85 ? 154  THR A CB  1 
ATOM   1058 O  OG1 . THR A 1 154 ? -7.433  -2.620  7.309   1.00 31.08 ? 154  THR A OG1 1 
ATOM   1059 C  CG2 . THR A 1 154 ? -5.756  -4.219  6.645   1.00 29.24 ? 154  THR A CG2 1 
ATOM   1060 N  N   . ILE A 1 155 ? -2.838  -2.886  8.240   1.00 26.39 ? 155  ILE A N   1 
ATOM   1061 C  CA  . ILE A 1 155 ? -1.483  -3.268  7.841   1.00 25.08 ? 155  ILE A CA  1 
ATOM   1062 C  C   . ILE A 1 155 ? -1.699  -4.535  7.047   1.00 25.97 ? 155  ILE A C   1 
ATOM   1063 O  O   . ILE A 1 155 ? -2.425  -5.450  7.524   1.00 25.90 ? 155  ILE A O   1 
ATOM   1064 C  CB  . ILE A 1 155 ? -0.580  -3.569  9.044   1.00 23.76 ? 155  ILE A CB  1 
ATOM   1065 C  CG1 . ILE A 1 155 ? -0.198  -2.247  9.716   1.00 23.84 ? 155  ILE A CG1 1 
ATOM   1066 C  CG2 . ILE A 1 155 ? 0.625   -4.344  8.605   1.00 18.30 ? 155  ILE A CG2 1 
ATOM   1067 C  CD1 . ILE A 1 155 ? 0.100   -2.335  11.166  1.00 18.83 ? 155  ILE A CD1 1 
ATOM   1068 N  N   . PHE A 1 156 ? -1.107  -4.577  5.849   1.00 25.24 ? 156  PHE A N   1 
ATOM   1069 C  CA  . PHE A 1 156 ? -1.222  -5.763  4.981   1.00 24.93 ? 156  PHE A CA  1 
ATOM   1070 C  C   . PHE A 1 156 ? 0.071   -6.217  4.281   1.00 25.51 ? 156  PHE A C   1 
ATOM   1071 O  O   . PHE A 1 156 ? 0.037   -7.224  3.617   1.00 27.74 ? 156  PHE A O   1 
ATOM   1072 C  CB  . PHE A 1 156 ? -2.327  -5.569  3.930   1.00 23.79 ? 156  PHE A CB  1 
ATOM   1073 C  CG  . PHE A 1 156 ? -2.029  -4.488  2.939   1.00 21.99 ? 156  PHE A CG  1 
ATOM   1074 C  CD1 . PHE A 1 156 ? -1.506  -4.791  1.704   1.00 21.22 ? 156  PHE A CD1 1 
ATOM   1075 C  CD2 . PHE A 1 156 ? -2.235  -3.163  3.259   1.00 21.68 ? 156  PHE A CD2 1 
ATOM   1076 C  CE1 . PHE A 1 156 ? -1.230  -3.771  0.757   1.00 23.17 ? 156  PHE A CE1 1 
ATOM   1077 C  CE2 . PHE A 1 156 ? -1.925  -2.127  2.355   1.00 23.99 ? 156  PHE A CE2 1 
ATOM   1078 C  CZ  . PHE A 1 156 ? -1.426  -2.427  1.103   1.00 21.74 ? 156  PHE A CZ  1 
ATOM   1079 N  N   . ALA A 1 157 ? 1.195   -5.504  4.372   1.00 25.41 ? 157  ALA A N   1 
ATOM   1080 C  CA  . ALA A 1 157 ? 2.426   -5.955  3.707   1.00 25.09 ? 157  ALA A CA  1 
ATOM   1081 C  C   . ALA A 1 157 ? 3.602   -5.178  4.279   1.00 25.70 ? 157  ALA A C   1 
ATOM   1082 O  O   . ALA A 1 157 ? 3.421   -4.339  5.119   1.00 25.55 ? 157  ALA A O   1 
ATOM   1083 C  CB  . ALA A 1 157 ? 2.338   -5.776  2.189   1.00 24.20 ? 157  ALA A CB  1 
ATOM   1084 N  N   . ARG A 1 158 ? 4.808   -5.479  3.851   1.00 26.93 ? 158  ARG A N   1 
ATOM   1085 C  CA  . ARG A 1 158 ? 5.949   -4.664  4.210   1.00 28.26 ? 158  ARG A CA  1 
ATOM   1086 C  C   . ARG A 1 158 ? 6.936   -4.783  3.074   1.00 27.23 ? 158  ARG A C   1 
ATOM   1087 O  O   . ARG A 1 158 ? 6.908   -5.748  2.310   1.00 27.07 ? 158  ARG A O   1 
ATOM   1088 C  CB  . ARG A 1 158 ? 6.582   -5.106  5.520   1.00 27.79 ? 158  ARG A CB  1 
ATOM   1089 C  CG  . ARG A 1 158 ? 7.476   -6.408  5.369   1.00 36.00 ? 158  ARG A CG  1 
ATOM   1090 C  CD  . ARG A 1 158 ? 8.902   -6.192  5.985   1.00 44.84 ? 158  ARG A CD  1 
ATOM   1091 N  NE  . ARG A 1 158 ? 8.861   -5.022  6.909   1.00 49.22 ? 158  ARG A NE  1 
ATOM   1092 C  CZ  . ARG A 1 158 ? 9.529   -3.850  6.810   1.00 46.95 ? 158  ARG A CZ  1 
ATOM   1093 N  NH1 . ARG A 1 158 ? 10.445  -3.563  5.827   1.00 40.87 ? 158  ARG A NH1 1 
ATOM   1094 N  NH2 . ARG A 1 158 ? 9.256   -2.960  7.773   1.00 44.88 ? 158  ARG A NH2 1 
ATOM   1095 N  N   . VAL A 1 159 ? 7.765   -3.760  2.936   1.00 27.56 ? 159  VAL A N   1 
ATOM   1096 C  CA  . VAL A 1 159 ? 8.815   -3.753  1.929   1.00 26.57 ? 159  VAL A CA  1 
ATOM   1097 C  C   . VAL A 1 159 ? 9.838   -4.810  2.334   1.00 27.73 ? 159  VAL A C   1 
ATOM   1098 O  O   . VAL A 1 159 ? 10.429  -4.737  3.423   1.00 27.16 ? 159  VAL A O   1 
ATOM   1099 C  CB  . VAL A 1 159 ? 9.441   -2.385  1.819   1.00 25.61 ? 159  VAL A CB  1 
ATOM   1100 C  CG1 . VAL A 1 159 ? 10.620  -2.457  0.969   1.00 23.09 ? 159  VAL A CG1 1 
ATOM   1101 C  CG2 . VAL A 1 159 ? 8.450   -1.413  1.261   1.00 23.27 ? 159  VAL A CG2 1 
ATOM   1102 N  N   . SER A 1 160 ? 10.032  -5.794  1.450   1.00 28.66 ? 160  SER A N   1 
ATOM   1103 C  CA  . SER A 1 160 ? 10.913  -6.938  1.727   1.00 30.21 ? 160  SER A CA  1 
ATOM   1104 C  C   . SER A 1 160 ? 12.228  -6.886  0.974   1.00 30.60 ? 160  SER A C   1 
ATOM   1105 O  O   . SER A 1 160 ? 13.112  -7.669  1.253   1.00 29.44 ? 160  SER A O   1 
ATOM   1106 C  CB  . SER A 1 160 ? 10.224  -8.288  1.427   1.00 30.05 ? 160  SER A CB  1 
ATOM   1107 O  OG  . SER A 1 160 ? 9.650   -8.311  0.120   1.00 30.61 ? 160  SER A OG  1 
ATOM   1108 N  N   . LYS A 1 161 ? 12.334  -5.996  -0.002  1.00 31.83 ? 161  LYS A N   1 
ATOM   1109 C  CA  . LYS A 1 161 ? 13.605  -5.792  -0.698  1.00 34.02 ? 161  LYS A CA  1 
ATOM   1110 C  C   . LYS A 1 161 ? 13.728  -4.342  -1.090  1.00 32.18 ? 161  LYS A C   1 
ATOM   1111 O  O   . LYS A 1 161 ? 12.794  -3.749  -1.640  1.00 31.04 ? 161  LYS A O   1 
ATOM   1112 C  CB  . LYS A 1 161 ? 13.699  -6.680  -1.938  1.00 33.86 ? 161  LYS A CB  1 
ATOM   1113 C  CG  . LYS A 1 161 ? 15.111  -6.871  -2.501  1.00 38.93 ? 161  LYS A CG  1 
ATOM   1114 C  CD  . LYS A 1 161 ? 15.153  -8.081  -3.519  1.00 39.72 ? 161  LYS A CD  1 
ATOM   1115 C  CE  . LYS A 1 161 ? 14.611  -9.526  -2.871  1.00 49.94 ? 161  LYS A CE  1 
ATOM   1116 N  NZ  . LYS A 1 161 ? 14.789  -10.855 -3.717  1.00 45.44 ? 161  LYS A NZ  1 
ATOM   1117 N  N   . ASN A 1 162 ? 14.895  -3.782  -0.786  1.00 31.87 ? 162  ASN A N   1 
ATOM   1118 C  CA  . ASN A 1 162 ? 15.302  -2.483  -1.312  1.00 31.71 ? 162  ASN A CA  1 
ATOM   1119 C  C   . ASN A 1 162 ? 14.578  -1.293  -0.700  1.00 31.26 ? 162  ASN A C   1 
ATOM   1120 O  O   . ASN A 1 162 ? 14.031  -0.454  -1.395  1.00 30.27 ? 162  ASN A O   1 
ATOM   1121 C  CB  . ASN A 1 162 ? 15.275  -2.417  -2.847  1.00 31.31 ? 162  ASN A CB  1 
ATOM   1122 C  CG  . ASN A 1 162 ? 16.031  -1.213  -3.370  1.00 35.07 ? 162  ASN A CG  1 
ATOM   1123 O  OD1 . ASN A 1 162 ? 16.980  -0.739  -2.729  1.00 43.06 ? 162  ASN A OD1 1 
ATOM   1124 N  ND2 . ASN A 1 162 ? 15.622  -0.690  -4.517  1.00 35.21 ? 162  ASN A ND2 1 
ATOM   1125 N  N   . MET A 1 163 ? 14.616  -1.222  0.621   1.00 31.12 ? 163  MET A N   1 
ATOM   1126 C  CA  . MET A 1 163 ? 14.223  -0.020  1.313   1.00 31.62 ? 163  MET A CA  1 
ATOM   1127 C  C   . MET A 1 163 ? 14.930  1.267   0.785   1.00 32.39 ? 163  MET A C   1 
ATOM   1128 O  O   . MET A 1 163 ? 14.368  2.354   0.928   1.00 33.25 ? 163  MET A O   1 
ATOM   1129 C  CB  . MET A 1 163 ? 14.440  -0.165  2.820   1.00 30.95 ? 163  MET A CB  1 
ATOM   1130 C  CG  . MET A 1 163 ? 13.310  -0.891  3.557   1.00 31.88 ? 163  MET A CG  1 
ATOM   1131 S  SD  . MET A 1 163 ? 11.736  0.037   3.486   1.00 34.97 ? 163  MET A SD  1 
ATOM   1132 C  CE  . MET A 1 163 ? 12.166  1.484   4.479   1.00 30.46 ? 163  MET A CE  1 
ATOM   1133 N  N   . THR A 1 164 ? 16.118  1.177   0.170   1.00 31.03 ? 164  THR A N   1 
ATOM   1134 C  CA  . THR A 1 164 ? 16.758  2.373   -0.345  1.00 30.93 ? 164  THR A CA  1 
ATOM   1135 C  C   . THR A 1 164 ? 15.817  3.169   -1.275  1.00 30.91 ? 164  THR A C   1 
ATOM   1136 O  O   . THR A 1 164 ? 15.823  4.416   -1.288  1.00 30.15 ? 164  THR A O   1 
ATOM   1137 C  CB  . THR A 1 164 ? 18.029  2.000   -1.113  1.00 31.08 ? 164  THR A CB  1 
ATOM   1138 O  OG1 . THR A 1 164 ? 18.892  1.373   -0.195  1.00 31.96 ? 164  THR A OG1 1 
ATOM   1139 C  CG2 . THR A 1 164 ? 18.765  3.231   -1.629  1.00 29.57 ? 164  THR A CG2 1 
ATOM   1140 N  N   . CYS A 1 165 ? 15.018  2.432   -2.040  1.00 30.64 ? 165  CYS A N   1 
ATOM   1141 C  CA  . CYS A 1 165 ? 14.117  3.037   -2.985  1.00 30.81 ? 165  CYS A CA  1 
ATOM   1142 C  C   . CYS A 1 165 ? 13.071  3.905   -2.263  1.00 31.21 ? 165  CYS A C   1 
ATOM   1143 O  O   . CYS A 1 165 ? 12.769  5.045   -2.669  1.00 31.77 ? 165  CYS A O   1 
ATOM   1144 C  CB  . CYS A 1 165 ? 13.443  1.950   -3.793  1.00 30.77 ? 165  CYS A CB  1 
ATOM   1145 S  SG  . CYS A 1 165 ? 12.297  2.630   -4.990  1.00 32.07 ? 165  CYS A SG  1 
ATOM   1146 N  N   . ILE A 1 166 ? 12.532  3.351   -1.173  1.00 30.24 ? 166  ILE A N   1 
ATOM   1147 C  CA  . ILE A 1 166 ? 11.626  4.064   -0.277  1.00 28.89 ? 166  ILE A CA  1 
ATOM   1148 C  C   . ILE A 1 166 ? 12.327  5.297   0.291   1.00 28.09 ? 166  ILE A C   1 
ATOM   1149 O  O   . ILE A 1 166 ? 11.730  6.327   0.387   1.00 27.66 ? 166  ILE A O   1 
ATOM   1150 C  CB  . ILE A 1 166 ? 11.072  3.132   0.846   1.00 27.75 ? 166  ILE A CB  1 
ATOM   1151 C  CG1 . ILE A 1 166 ? 10.295  1.950   0.265   1.00 28.30 ? 166  ILE A CG1 1 
ATOM   1152 C  CG2 . ILE A 1 166 ? 10.219  3.832   1.793   1.00 26.44 ? 166  ILE A CG2 1 
ATOM   1153 C  CD1 . ILE A 1 166 ? 9.512   2.102   -1.019  1.00 27.56 ? 166  ILE A CD1 1 
ATOM   1154 N  N   . GLU A 1 167 ? 13.606  5.201   0.608   1.00 28.07 ? 167  GLU A N   1 
ATOM   1155 C  CA  . GLU A 1 167 ? 14.285  6.352   1.153   1.00 28.94 ? 167  GLU A CA  1 
ATOM   1156 C  C   . GLU A 1 167 ? 14.537  7.413   0.093   1.00 28.60 ? 167  GLU A C   1 
ATOM   1157 O  O   . GLU A 1 167 ? 14.394  8.599   0.352   1.00 29.16 ? 167  GLU A O   1 
ATOM   1158 C  CB  . GLU A 1 167 ? 15.525  5.946   1.896   1.00 28.41 ? 167  GLU A CB  1 
ATOM   1159 C  CG  . GLU A 1 167 ? 15.100  5.293   3.183   1.00 33.33 ? 167  GLU A CG  1 
ATOM   1160 C  CD  . GLU A 1 167 ? 16.137  4.344   3.701   1.00 40.14 ? 167  GLU A CD  1 
ATOM   1161 O  OE1 . GLU A 1 167 ? 17.214  4.246   3.070   1.00 41.11 ? 167  GLU A OE1 1 
ATOM   1162 O  OE2 . GLU A 1 167 ? 15.867  3.709   4.750   1.00 42.49 ? 167  GLU A OE2 1 
ATOM   1163 N  N   . ASN A 1 168 ? 14.822  6.988   -1.118  1.00 27.45 ? 168  ASN A N   1 
ATOM   1164 C  CA  . ASN A 1 168 ? 14.986  7.928   -2.178  1.00 26.59 ? 168  ASN A CA  1 
ATOM   1165 C  C   . ASN A 1 168 ? 13.730  8.722   -2.463  1.00 27.25 ? 168  ASN A C   1 
ATOM   1166 O  O   . ASN A 1 168 ? 13.779  9.957   -2.635  1.00 27.32 ? 168  ASN A O   1 
ATOM   1167 C  CB  . ASN A 1 168 ? 15.481  7.158   -3.351  1.00 25.80 ? 168  ASN A CB  1 
ATOM   1168 C  CG  . ASN A 1 168 ? 16.885  6.694   -3.112  1.00 25.75 ? 168  ASN A CG  1 
ATOM   1169 O  OD1 . ASN A 1 168 ? 17.596  7.149   -2.154  1.00 26.78 ? 168  ASN A OD1 1 
ATOM   1170 N  ND2 . ASN A 1 168 ? 17.311  5.812   -3.931  1.00 23.49 ? 168  ASN A ND2 1 
ATOM   1171 N  N   . ILE A 1 169 ? 12.592  8.026   -2.411  1.00 26.62 ? 169  ILE A N   1 
ATOM   1172 C  CA  . ILE A 1 169 ? 11.320  8.658   -2.612  1.00 25.60 ? 169  ILE A CA  1 
ATOM   1173 C  C   . ILE A 1 169 ? 11.101  9.663   -1.468  1.00 26.25 ? 169  ILE A C   1 
ATOM   1174 O  O   . ILE A 1 169 ? 10.595  10.767  -1.716  1.00 26.42 ? 169  ILE A O   1 
ATOM   1175 C  CB  . ILE A 1 169 ? 10.221  7.622   -2.650  1.00 24.95 ? 169  ILE A CB  1 
ATOM   1176 C  CG1 . ILE A 1 169 ? 10.266  6.862   -3.961  1.00 24.39 ? 169  ILE A CG1 1 
ATOM   1177 C  CG2 . ILE A 1 169 ? 8.883   8.217   -2.467  1.00 24.56 ? 169  ILE A CG2 1 
ATOM   1178 C  CD1 . ILE A 1 169 ? 9.207   5.719   -3.991  1.00 23.97 ? 169  ILE A CD1 1 
ATOM   1179 N  N   . ALA A 1 170 ? 11.492  9.326   -0.235  1.00 25.05 ? 170  ALA A N   1 
ATOM   1180 C  CA  . ALA A 1 170 ? 11.199  10.238  0.868   1.00 25.04 ? 170  ALA A CA  1 
ATOM   1181 C  C   . ALA A 1 170 ? 12.084  11.523  0.854   1.00 25.60 ? 170  ALA A C   1 
ATOM   1182 O  O   . ALA A 1 170 ? 11.744  12.545  1.467   1.00 26.37 ? 170  ALA A O   1 
ATOM   1183 C  CB  . ALA A 1 170 ? 11.268  9.546   2.156   1.00 23.85 ? 170  ALA A CB  1 
ATOM   1184 N  N   . SER A 1 171 ? 13.181  11.472  0.094   1.00 25.88 ? 171  SER A N   1 
ATOM   1185 C  CA  . SER A 1 171 ? 14.141  12.577  -0.007  1.00 25.38 ? 171  SER A CA  1 
ATOM   1186 C  C   . SER A 1 171 ? 13.733  13.670  -1.009  1.00 24.53 ? 171  SER A C   1 
ATOM   1187 O  O   . SER A 1 171 ? 14.388  14.707  -1.069  1.00 23.72 ? 171  SER A O   1 
ATOM   1188 C  CB  . SER A 1 171 ? 15.485  12.038  -0.477  1.00 25.26 ? 171  SER A CB  1 
ATOM   1189 O  OG  . SER A 1 171 ? 15.474  11.905  -1.912  1.00 27.70 ? 171  SER A OG  1 
ATOM   1190 N  N   . VAL A 1 172 ? 12.717  13.412  -1.833  1.00 23.63 ? 172  VAL A N   1 
ATOM   1191 C  CA  . VAL A 1 172 ? 12.354  14.321  -2.881  1.00 23.76 ? 172  VAL A CA  1 
ATOM   1192 C  C   . VAL A 1 172 ? 11.595  15.524  -2.291  1.00 24.97 ? 172  VAL A C   1 
ATOM   1193 O  O   . VAL A 1 172 ? 10.753  15.387  -1.399  1.00 25.31 ? 172  VAL A O   1 
ATOM   1194 C  CB  . VAL A 1 172 ? 11.516  13.604  -3.979  1.00 24.62 ? 172  VAL A CB  1 
ATOM   1195 C  CG1 . VAL A 1 172 ? 10.822  14.646  -4.897  1.00 25.16 ? 172  VAL A CG1 1 
ATOM   1196 C  CG2 . VAL A 1 172 ? 12.373  12.656  -4.836  1.00 22.50 ? 172  VAL A CG2 1 
ATOM   1197 N  N   . GLN A 1 173 ? 11.866  16.713  -2.810  1.00 25.43 ? 173  GLN A N   1 
ATOM   1198 C  CA  . GLN A 1 173 ? 11.214  17.898  -2.294  1.00 26.29 ? 173  GLN A CA  1 
ATOM   1199 C  C   . GLN A 1 173 ? 9.713   17.894  -2.514  1.00 26.05 ? 173  GLN A C   1 
ATOM   1200 O  O   . GLN A 1 173 ? 9.236   17.339  -3.470  1.00 24.83 ? 173  GLN A O   1 
ATOM   1201 C  CB  . GLN A 1 173 ? 11.807  19.108  -2.972  1.00 26.62 ? 173  GLN A CB  1 
ATOM   1202 C  CG  . GLN A 1 173 ? 13.043  19.661  -2.262  1.00 31.87 ? 173  GLN A CG  1 
ATOM   1203 C  CD  . GLN A 1 173 ? 13.652  20.817  -3.084  1.00 38.18 ? 173  GLN A CD  1 
ATOM   1204 O  OE1 . GLN A 1 173 ? 12.943  21.777  -3.470  1.00 41.78 ? 173  GLN A OE1 1 
ATOM   1205 N  NE2 . GLN A 1 173 ? 14.943  20.702  -3.415  1.00 35.51 ? 173  GLN A NE2 1 
ATOM   1206 N  N   . THR A 1 174 ? 8.982   18.586  -1.646  1.00 26.33 ? 174  THR A N   1 
ATOM   1207 C  CA  . THR A 1 174 ? 7.529   18.605  -1.685  1.00 26.51 ? 174  THR A CA  1 
ATOM   1208 C  C   . THR A 1 174 ? 6.983   20.018  -1.473  1.00 26.30 ? 174  THR A C   1 
ATOM   1209 O  O   . THR A 1 174 ? 7.628   20.865  -0.891  1.00 26.73 ? 174  THR A O   1 
ATOM   1210 C  CB  . THR A 1 174 ? 6.936   17.718  -0.557  1.00 26.33 ? 174  THR A CB  1 
ATOM   1211 O  OG1 . THR A 1 174 ? 7.431   18.208  0.683   1.00 28.34 ? 174  THR A OG1 1 
ATOM   1212 C  CG2 . THR A 1 174 ? 7.401   16.275  -0.661  1.00 26.40 ? 174  THR A CG2 1 
ATOM   1213 N  N   . THR A 1 175 ? 5.754   20.250  -1.902  1.00 25.83 ? 175  THR A N   1 
ATOM   1214 C  CA  . THR A 1 175 ? 5.056   21.506  -1.671  1.00 24.36 ? 175  THR A CA  1 
ATOM   1215 C  C   . THR A 1 175 ? 4.522   21.555  -0.238  1.00 25.12 ? 175  THR A C   1 
ATOM   1216 O  O   . THR A 1 175 ? 4.634   20.594  0.534   1.00 25.24 ? 175  THR A O   1 
ATOM   1217 C  CB  . THR A 1 175 ? 3.851   21.575  -2.585  1.00 24.47 ? 175  THR A CB  1 
ATOM   1218 O  OG1 . THR A 1 175 ? 2.922   20.539  -2.209  1.00 23.59 ? 175  THR A OG1 1 
ATOM   1219 C  CG2 . THR A 1 175 ? 4.282   21.392  -4.041  1.00 20.62 ? 175  THR A CG2 1 
ATOM   1220 N  N   . ALA A 1 176 ? 3.918   22.678  0.119   1.00 24.87 ? 176  ALA A N   1 
ATOM   1221 C  CA  . ALA A 1 176 ? 3.505   22.912  1.500   1.00 24.64 ? 176  ALA A CA  1 
ATOM   1222 C  C   . ALA A 1 176 ? 2.355   21.933  1.866   1.00 25.11 ? 176  ALA A C   1 
ATOM   1223 O  O   . ALA A 1 176 ? 2.105   21.629  3.062   1.00 23.81 ? 176  ALA A O   1 
ATOM   1224 C  CB  . ALA A 1 176 ? 3.052   24.395  1.668   1.00 23.78 ? 176  ALA A CB  1 
ATOM   1225 N  N   . THR A 1 177 ? 1.611   21.467  0.846   1.00 24.94 ? 177  THR A N   1 
ATOM   1226 C  CA  . THR A 1 177 ? 0.610   20.409  1.127   1.00 24.78 ? 177  THR A CA  1 
ATOM   1227 C  C   . THR A 1 177 ? 1.184   18.994  0.852   1.00 25.60 ? 177  THR A C   1 
ATOM   1228 O  O   . THR A 1 177 ? 0.432   18.060  0.757   1.00 25.18 ? 177  THR A O   1 
ATOM   1229 C  CB  . THR A 1 177 ? -0.680  20.635  0.403   1.00 24.25 ? 177  THR A CB  1 
ATOM   1230 O  OG1 . THR A 1 177 ? -0.414  20.718  -1.012  1.00 22.94 ? 177  THR A OG1 1 
ATOM   1231 C  CG2 . THR A 1 177 ? -1.325  21.903  0.918   1.00 21.50 ? 177  THR A CG2 1 
ATOM   1232 N  N   . ASN A 1 178 ? 2.525   18.871  0.752   1.00 25.56 ? 178  ASN A N   1 
ATOM   1233 C  CA  . ASN A 1 178 ? 3.255   17.593  0.804   1.00 25.61 ? 178  ASN A CA  1 
ATOM   1234 C  C   . ASN A 1 178 ? 3.241   16.772  -0.446  1.00 25.54 ? 178  ASN A C   1 
ATOM   1235 O  O   . ASN A 1 178 ? 3.423   15.564  -0.383  1.00 26.16 ? 178  ASN A O   1 
ATOM   1236 C  CB  . ASN A 1 178 ? 2.849   16.749  2.007   1.00 24.80 ? 178  ASN A CB  1 
ATOM   1237 C  CG  . ASN A 1 178 ? 3.013   17.504  3.294   1.00 28.38 ? 178  ASN A CG  1 
ATOM   1238 O  OD1 . ASN A 1 178 ? 2.035   17.730  4.010   1.00 31.26 ? 178  ASN A OD1 1 
ATOM   1239 N  ND2 . ASN A 1 178 ? 4.246   17.966  3.578   1.00 27.62 ? 178  ASN A ND2 1 
ATOM   1240 N  N   . LYS A 1 179 ? 3.052   17.422  -1.578  1.00 25.48 ? 179  LYS A N   1 
ATOM   1241 C  CA  . LYS A 1 179 ? 3.114   16.737  -2.813  1.00 26.33 ? 179  LYS A CA  1 
ATOM   1242 C  C   . LYS A 1 179 ? 4.504   16.862  -3.431  1.00 27.47 ? 179  LYS A C   1 
ATOM   1243 O  O   . LYS A 1 179 ? 5.076   17.947  -3.431  1.00 28.22 ? 179  LYS A O   1 
ATOM   1244 C  CB  . LYS A 1 179 ? 2.097   17.337  -3.736  1.00 26.64 ? 179  LYS A CB  1 
ATOM   1245 C  CG  . LYS A 1 179 ? 1.938   16.502  -4.968  1.00 29.37 ? 179  LYS A CG  1 
ATOM   1246 C  CD  . LYS A 1 179 ? 0.911   17.031  -5.909  1.00 32.32 ? 179  LYS A CD  1 
ATOM   1247 C  CE  . LYS A 1 179 ? 0.768   16.016  -7.017  1.00 34.31 ? 179  LYS A CE  1 
ATOM   1248 N  NZ  . LYS A 1 179 ? 0.339   16.641  -8.244  1.00 36.74 ? 179  LYS A NZ  1 
ATOM   1249 N  N   . PRO A 1 180 ? 5.077   15.759  -3.948  1.00 27.70 ? 180  PRO A N   1 
ATOM   1250 C  CA  . PRO A 1 180 ? 6.424   15.896  -4.514  1.00 27.02 ? 180  PRO A CA  1 
ATOM   1251 C  C   . PRO A 1 180 ? 6.404   16.894  -5.676  1.00 27.53 ? 180  PRO A C   1 
ATOM   1252 O  O   . PRO A 1 180 ? 5.442   16.902  -6.438  1.00 27.73 ? 180  PRO A O   1 
ATOM   1253 C  CB  . PRO A 1 180 ? 6.733   14.483  -5.021  1.00 26.60 ? 180  PRO A CB  1 
ATOM   1254 C  CG  . PRO A 1 180 ? 5.840   13.579  -4.151  1.00 26.18 ? 180  PRO A CG  1 
ATOM   1255 C  CD  . PRO A 1 180 ? 4.573   14.369  -4.045  1.00 28.17 ? 180  PRO A CD  1 
ATOM   1256 N  N   . ILE A 1 181 ? 7.439   17.730  -5.790  1.00 27.20 ? 181  ILE A N   1 
ATOM   1257 C  CA  . ILE A 1 181 ? 7.493   18.778  -6.794  1.00 27.53 ? 181  ILE A CA  1 
ATOM   1258 C  C   . ILE A 1 181 ? 7.576   18.196  -8.220  1.00 28.98 ? 181  ILE A C   1 
ATOM   1259 O  O   . ILE A 1 181 ? 7.196   18.880  -9.175  1.00 29.94 ? 181  ILE A O   1 
ATOM   1260 C  CB  . ILE A 1 181 ? 8.640   19.749  -6.540  1.00 27.45 ? 181  ILE A CB  1 
ATOM   1261 C  CG1 . ILE A 1 181 ? 9.979   18.987  -6.561  1.00 28.16 ? 181  ILE A CG1 1 
ATOM   1262 C  CG2 . ILE A 1 181 ? 8.449   20.435  -5.176  1.00 24.04 ? 181  ILE A CG2 1 
ATOM   1263 C  CD1 . ILE A 1 181 ? 11.222  19.862  -6.800  1.00 28.50 ? 181  ILE A CD1 1 
ATOM   1264 N  N   . PHE A 1 182 ? 8.047   16.956  -8.382  1.00 29.07 ? 182  PHE A N   1 
ATOM   1265 C  CA  . PHE A 1 182 ? 7.893   16.246  -9.659  1.00 29.77 ? 182  PHE A CA  1 
ATOM   1266 C  C   . PHE A 1 182 ? 7.294   14.885  -9.385  1.00 30.58 ? 182  PHE A C   1 
ATOM   1267 O  O   . PHE A 1 182 ? 7.323   14.426  -8.260  1.00 32.50 ? 182  PHE A O   1 
ATOM   1268 C  CB  . PHE A 1 182 ? 9.201   16.117  -10.429 1.00 29.79 ? 182  PHE A CB  1 
ATOM   1269 C  CG  . PHE A 1 182 ? 10.319  15.449  -9.666  1.00 28.93 ? 182  PHE A CG  1 
ATOM   1270 C  CD1 . PHE A 1 182 ? 10.465  14.067  -9.668  1.00 27.60 ? 182  PHE A CD1 1 
ATOM   1271 C  CD2 . PHE A 1 182 ? 11.281  16.209  -9.015  1.00 28.68 ? 182  PHE A CD2 1 
ATOM   1272 C  CE1 . PHE A 1 182 ? 11.549  13.462  -8.992  1.00 27.38 ? 182  PHE A CE1 1 
ATOM   1273 C  CE2 . PHE A 1 182 ? 12.360  15.594  -8.312  1.00 28.41 ? 182  PHE A CE2 1 
ATOM   1274 C  CZ  . PHE A 1 182 ? 12.483  14.239  -8.301  1.00 26.14 ? 182  PHE A CZ  1 
ATOM   1275 N  N   . ASP A 1 183 ? 6.724   14.249  -10.386 1.00 30.08 ? 183  ASP A N   1 
ATOM   1276 C  CA  . ASP A 1 183 ? 5.956   13.076  -10.109 1.00 30.67 ? 183  ASP A CA  1 
ATOM   1277 C  C   . ASP A 1 183 ? 6.784   11.842  -9.705  1.00 30.41 ? 183  ASP A C   1 
ATOM   1278 O  O   . ASP A 1 183 ? 7.822   11.501  -10.301 1.00 30.28 ? 183  ASP A O   1 
ATOM   1279 C  CB  . ASP A 1 183 ? 5.126   12.771  -11.317 1.00 31.39 ? 183  ASP A CB  1 
ATOM   1280 C  CG  . ASP A 1 183 ? 3.846   13.583  -11.367 1.00 33.20 ? 183  ASP A CG  1 
ATOM   1281 O  OD1 . ASP A 1 183 ? 3.521   14.286  -10.400 1.00 38.81 ? 183  ASP A OD1 1 
ATOM   1282 O  OD2 . ASP A 1 183 ? 3.131   13.498  -12.384 1.00 35.25 ? 183  ASP A OD2 1 
ATOM   1283 N  N   . LEU A 1 184 ? 6.320   11.167  -8.670  1.00 29.66 ? 184  LEU A N   1 
ATOM   1284 C  CA  . LEU A 1 184 ? 6.970   9.918   -8.263  1.00 28.33 ? 184  LEU A CA  1 
ATOM   1285 C  C   . LEU A 1 184 ? 5.961   8.817   -8.472  1.00 27.33 ? 184  LEU A C   1 
ATOM   1286 O  O   . LEU A 1 184 ? 4.885   8.835   -7.876  1.00 26.23 ? 184  LEU A O   1 
ATOM   1287 C  CB  . LEU A 1 184 ? 7.382   10.024  -6.815  1.00 27.90 ? 184  LEU A CB  1 
ATOM   1288 C  CG  . LEU A 1 184 ? 8.224   11.236  -6.436  1.00 28.26 ? 184  LEU A CG  1 
ATOM   1289 C  CD1 . LEU A 1 184 ? 8.583   11.117  -4.966  1.00 27.12 ? 184  LEU A CD1 1 
ATOM   1290 C  CD2 . LEU A 1 184 ? 9.495   11.335  -7.266  1.00 25.12 ? 184  LEU A CD2 1 
ATOM   1291 N  N   . LYS A 1 185 ? 6.282   7.877   -9.355  1.00 27.83 ? 185  LYS A N   1 
ATOM   1292 C  CA  . LYS A 1 185 ? 5.255   6.968   -9.812  1.00 28.88 ? 185  LYS A CA  1 
ATOM   1293 C  C   . LYS A 1 185 ? 5.607   5.516   -9.883  1.00 27.51 ? 185  LYS A C   1 
ATOM   1294 O  O   . LYS A 1 185 ? 6.743   5.132   -10.109 1.00 26.63 ? 185  LYS A O   1 
ATOM   1295 C  CB  . LYS A 1 185 ? 4.647   7.429   -11.141 1.00 29.09 ? 185  LYS A CB  1 
ATOM   1296 C  CG  . LYS A 1 185 ? 5.652   7.670   -12.226 1.00 31.93 ? 185  LYS A CG  1 
ATOM   1297 C  CD  . LYS A 1 185 ? 5.051   8.074   -13.617 1.00 33.19 ? 185  LYS A CD  1 
ATOM   1298 C  CE  . LYS A 1 185 ? 4.213   9.388   -13.636 1.00 38.75 ? 185  LYS A CE  1 
ATOM   1299 N  NZ  . LYS A 1 185 ? 4.634   10.101  -14.861 1.00 40.50 ? 185  LYS A NZ  1 
ATOM   1300 N  N   . ILE A 1 186 ? 4.575   4.708   -9.659  1.00 27.88 ? 186  ILE A N   1 
ATOM   1301 C  CA  . ILE A 1 186 ? 4.586   3.293   -9.982  1.00 27.04 ? 186  ILE A CA  1 
ATOM   1302 C  C   . ILE A 1 186 ? 4.451   3.159   -11.512 1.00 27.82 ? 186  ILE A C   1 
ATOM   1303 O  O   . ILE A 1 186 ? 3.438   3.499   -12.059 1.00 28.93 ? 186  ILE A O   1 
ATOM   1304 C  CB  . ILE A 1 186 ? 3.435   2.562   -9.277  1.00 27.06 ? 186  ILE A CB  1 
ATOM   1305 C  CG1 . ILE A 1 186 ? 3.584   2.664   -7.739  1.00 25.43 ? 186  ILE A CG1 1 
ATOM   1306 C  CG2 . ILE A 1 186 ? 3.443   1.106   -9.714  1.00 26.25 ? 186  ILE A CG2 1 
ATOM   1307 C  CD1 . ILE A 1 186 ? 2.359   2.177   -6.902  1.00 24.65 ? 186  ILE A CD1 1 
ATOM   1308 N  N   . LEU A 1 187 ? 5.503   2.737   -12.193 1.00 28.50 ? 187  LEU A N   1 
ATOM   1309 C  CA  . LEU A 1 187 ? 5.432   2.417   -13.588 1.00 29.93 ? 187  LEU A CA  1 
ATOM   1310 C  C   . LEU A 1 187 ? 4.586   1.164   -13.787 1.00 31.64 ? 187  LEU A C   1 
ATOM   1311 O  O   . LEU A 1 187 ? 3.579   1.193   -14.515 1.00 31.73 ? 187  LEU A O   1 
ATOM   1312 C  CB  . LEU A 1 187 ? 6.824   2.185   -14.093 1.00 29.43 ? 187  LEU A CB  1 
ATOM   1313 C  CG  . LEU A 1 187 ? 7.711   3.395   -13.815 1.00 29.89 ? 187  LEU A CG  1 
ATOM   1314 C  CD1 . LEU A 1 187 ? 9.149   3.028   -13.998 1.00 29.23 ? 187  LEU A CD1 1 
ATOM   1315 C  CD2 . LEU A 1 187 ? 7.315   4.613   -14.758 1.00 28.45 ? 187  LEU A CD2 1 
ATOM   1316 N  N   . ARG A 1 188 ? 4.954   0.073   -13.101 1.00 33.16 ? 188  ARG A N   1 
ATOM   1317 C  CA  . ARG A 1 188 ? 4.153   -1.173  -13.137 1.00 34.15 ? 188  ARG A CA  1 
ATOM   1318 C  C   . ARG A 1 188 ? 4.488   -2.111  -11.979 1.00 34.47 ? 188  ARG A C   1 
ATOM   1319 O  O   . ARG A 1 188 ? 5.415   -1.875  -11.188 1.00 33.95 ? 188  ARG A O   1 
ATOM   1320 C  CB  . ARG A 1 188 ? 4.433   -1.908  -14.450 1.00 33.53 ? 188  ARG A CB  1 
ATOM   1321 C  CG  . ARG A 1 188 ? 5.918   -2.119  -14.631 1.00 34.62 ? 188  ARG A CG  1 
ATOM   1322 C  CD  . ARG A 1 188 ? 6.292   -3.110  -15.713 1.00 37.89 ? 188  ARG A CD  1 
ATOM   1323 N  NE  . ARG A 1 188 ? 7.748   -3.271  -15.614 1.00 40.98 ? 188  ARG A NE  1 
ATOM   1324 C  CZ  . ARG A 1 188 ? 8.388   -4.426  -15.364 1.00 40.28 ? 188  ARG A CZ  1 
ATOM   1325 N  NH1 . ARG A 1 188 ? 7.697   -5.572  -15.226 1.00 35.54 ? 188  ARG A NH1 1 
ATOM   1326 N  NH2 . ARG A 1 188 ? 9.726   -4.421  -15.254 1.00 38.57 ? 188  ARG A NH2 1 
ATOM   1327 N  N   . THR A 1 189 ? 3.764   -3.213  -11.932 1.00 35.88 ? 189  THR A N   1 
ATOM   1328 C  CA  . THR A 1 189 ? 3.979   -4.232  -10.906 1.00 37.81 ? 189  THR A CA  1 
ATOM   1329 C  C   . THR A 1 189 ? 4.332   -5.593  -11.506 1.00 39.21 ? 189  THR A C   1 
ATOM   1330 O  O   . THR A 1 189 ? 3.959   -5.928  -12.608 1.00 38.66 ? 189  THR A O   1 
ATOM   1331 C  CB  . THR A 1 189 ? 2.785   -4.342  -10.002 1.00 37.09 ? 189  THR A CB  1 
ATOM   1332 O  OG1 . THR A 1 189 ? 1.655   -4.808  -10.745 1.00 39.30 ? 189  THR A OG1 1 
ATOM   1333 C  CG2 . THR A 1 189 ? 2.424   -2.976  -9.466  1.00 37.65 ? 189  THR A CG2 1 
ATOM   1334 N  N   . SER A 1 190 ? 5.060   -6.379  -10.753 1.00 41.90 ? 190  SER A N   1 
ATOM   1335 C  CA  . SER A 1 190 ? 5.502   -7.673  -11.209 1.00 43.62 ? 190  SER A CA  1 
ATOM   1336 C  C   . SER A 1 190 ? 5.173   -8.729  -10.210 1.00 45.29 ? 190  SER A C   1 
ATOM   1337 O  O   . SER A 1 190 ? 5.318   -8.545  -9.009  1.00 45.06 ? 190  SER A O   1 
ATOM   1338 C  CB  . SER A 1 190 ? 6.995   -7.662  -11.253 1.00 43.64 ? 190  SER A CB  1 
ATOM   1339 O  OG  . SER A 1 190 ? 7.354   -8.285  -12.411 1.00 44.86 ? 190  SER A OG  1 
ATOM   1340 N  N   . THR A 1 191 ? 4.745   -9.862  -10.732 1.00 48.54 ? 191  THR A N   1 
ATOM   1341 C  CA  . THR A 1 191 ? 4.672   -11.129 -9.989  1.00 50.13 ? 191  THR A CA  1 
ATOM   1342 C  C   . THR A 1 191 ? 5.328   -12.245 -10.803 1.00 49.86 ? 191  THR A C   1 
ATOM   1343 O  O   . THR A 1 191 ? 6.086   -13.012 -10.246 1.00 50.76 ? 191  THR A O   1 
ATOM   1344 C  CB  . THR A 1 191 ? 3.231   -11.483 -9.736  1.00 50.49 ? 191  THR A CB  1 
ATOM   1345 O  OG1 . THR A 1 191 ? 3.021   -11.545 -8.319  1.00 52.41 ? 191  THR A OG1 1 
ATOM   1346 C  CG2 . THR A 1 191 ? 2.804   -12.802 -10.525 1.00 51.93 ? 191  THR A CG2 1 
HETATM 1347 CL CL  . CL  B 2 .   ? 0.636   -14.833 5.060   1.00 28.63 ? 1000 CL  A CL  1 
HETATM 1348 CL CL  . CL  C 2 .   ? 11.909  2.937   11.798  1.00 39.56 ? 1001 CL  A CL  1 
HETATM 1349 CL CL  . CL  D 2 .   ? 11.767  9.943   6.112   1.00 39.52 ? 1002 CL  A CL  1 
HETATM 1350 CL CL  . CL  E 2 .   ? -4.290  17.363  4.858   1.00 67.23 ? 1003 CL  A CL  1 
HETATM 1351 CL CL  . CL  F 2 .   ? -5.194  10.284  4.075   1.00 54.09 ? 1004 CL  A CL  1 
HETATM 1352 O  O   . HOH G 3 .   ? -7.619  -0.997  -14.021 1.00 9.94  ? 1005 HOH A O   1 
HETATM 1353 O  O   . HOH G 3 .   ? 0.210   20.850  5.178   1.00 17.89 ? 1006 HOH A O   1 
HETATM 1354 O  O   . HOH G 3 .   ? 17.889  -1.379  0.903   1.00 21.94 ? 1007 HOH A O   1 
HETATM 1355 O  O   . HOH G 3 .   ? 9.222   -2.728  12.393  1.00 19.92 ? 1008 HOH A O   1 
HETATM 1356 O  O   . HOH G 3 .   ? -7.694  0.678   6.912   1.00 27.25 ? 1009 HOH A O   1 
HETATM 1357 O  O   . HOH G 3 .   ? 15.529  -3.525  2.551   1.00 19.77 ? 1010 HOH A O   1 
HETATM 1358 O  O   . HOH G 3 .   ? -1.995  8.352   -5.687  1.00 23.68 ? 1011 HOH A O   1 
HETATM 1359 O  O   . HOH G 3 .   ? -8.667  -3.173  5.002   1.00 26.05 ? 1012 HOH A O   1 
HETATM 1360 O  O   . HOH G 3 .   ? -10.464 6.735   -8.815  1.00 22.25 ? 1013 HOH A O   1 
HETATM 1361 O  O   . HOH G 3 .   ? 2.031   -13.065 13.128  1.00 24.53 ? 1014 HOH A O   1 
HETATM 1362 O  O   . HOH G 3 .   ? 6.513   15.622  -12.959 1.00 25.11 ? 1015 HOH A O   1 
HETATM 1363 O  O   . HOH G 3 .   ? 11.075  -8.057  5.217   1.00 17.63 ? 1016 HOH A O   1 
HETATM 1364 O  O   . HOH G 3 .   ? -1.915  11.041  -11.482 1.00 23.35 ? 1017 HOH A O   1 
HETATM 1365 O  O   . HOH G 3 .   ? -3.590  14.992  -1.832  1.00 24.05 ? 1018 HOH A O   1 
HETATM 1366 O  O   . HOH G 3 .   ? 3.573   -13.514 1.679   1.00 24.09 ? 1019 HOH A O   1 
HETATM 1367 O  O   . HOH G 3 .   ? -6.096  -3.432  -0.412  1.00 29.37 ? 1020 HOH A O   1 
HETATM 1368 O  O   . HOH G 3 .   ? 4.401   12.148  -6.896  1.00 25.37 ? 1021 HOH A O   1 
HETATM 1369 O  O   . HOH G 3 .   ? 17.225  1.737   -5.692  1.00 20.78 ? 1022 HOH A O   1 
HETATM 1370 O  O   . HOH G 3 .   ? -0.692  17.264  3.136   1.00 27.91 ? 1023 HOH A O   1 
HETATM 1371 O  O   . HOH G 3 .   ? 17.091  -5.305  0.398   1.00 20.21 ? 1024 HOH A O   1 
HETATM 1372 O  O   . HOH G 3 .   ? 6.642   16.922  2.585   1.00 35.09 ? 1025 HOH A O   1 
HETATM 1373 O  O   . HOH G 3 .   ? 3.730   14.901  -7.715  1.00 27.60 ? 1026 HOH A O   1 
HETATM 1374 O  O   . HOH G 3 .   ? 0.849   -20.354 1.981   1.00 27.65 ? 1027 HOH A O   1 
HETATM 1375 O  O   . HOH G 3 .   ? -0.711  -1.992  -11.445 1.00 28.12 ? 1028 HOH A O   1 
HETATM 1376 O  O   . HOH G 3 .   ? 3.299   -5.105  11.328  1.00 29.51 ? 1029 HOH A O   1 
HETATM 1377 O  O   . HOH G 3 .   ? -3.974  13.897  0.540   1.00 35.22 ? 1030 HOH A O   1 
HETATM 1378 O  O   . HOH G 3 .   ? -3.746  -5.348  9.876   1.00 25.91 ? 1031 HOH A O   1 
HETATM 1379 O  O   . HOH G 3 .   ? 1.702   -3.729  -13.517 1.00 30.81 ? 1032 HOH A O   1 
HETATM 1380 O  O   . HOH G 3 .   ? 13.725  17.112  -4.817  1.00 33.65 ? 1033 HOH A O   1 
HETATM 1381 O  O   . HOH G 3 .   ? -3.690  -1.319  12.552  1.00 29.39 ? 1034 HOH A O   1 
HETATM 1382 O  O   . HOH G 3 .   ? -1.112  18.707  -2.862  1.00 31.22 ? 1035 HOH A O   1 
HETATM 1383 O  O   . HOH G 3 .   ? 4.261   24.904  -1.613  1.00 32.26 ? 1036 HOH A O   1 
HETATM 1384 O  O   . HOH G 3 .   ? 8.162   -4.253  9.787   1.00 24.44 ? 1037 HOH A O   1 
HETATM 1385 O  O   . HOH G 3 .   ? -16.068 8.232   2.994   1.00 32.33 ? 1038 HOH A O   1 
HETATM 1386 O  O   . HOH G 3 .   ? 13.473  -4.674  3.600   1.00 29.02 ? 1039 HOH A O   1 
HETATM 1387 O  O   . HOH G 3 .   ? -1.000  15.713  -2.862  1.00 26.58 ? 1040 HOH A O   1 
HETATM 1388 O  O   . HOH G 3 .   ? 1.559   20.906  -6.690  1.00 30.74 ? 1041 HOH A O   1 
HETATM 1389 O  O   . HOH G 3 .   ? 0.205   5.088   -6.409  1.00 31.22 ? 1042 HOH A O   1 
HETATM 1390 O  O   . HOH G 3 .   ? -9.443  -19.676 4.951   1.00 29.70 ? 1043 HOH A O   1 
HETATM 1391 O  O   . HOH G 3 .   ? 1.266   -24.581 -0.410  1.00 36.08 ? 1044 HOH A O   1 
HETATM 1392 O  O   . HOH G 3 .   ? 0.844   20.692  -3.987  1.00 32.09 ? 1045 HOH A O   1 
HETATM 1393 O  O   . HOH G 3 .   ? -1.876  8.795   -9.877  1.00 32.13 ? 1046 HOH A O   1 
HETATM 1394 O  O   . HOH G 3 .   ? -6.714  -9.402  16.358  1.00 27.53 ? 1047 HOH A O   1 
HETATM 1395 O  O   . HOH G 3 .   ? 10.457  19.742  0.588   1.00 33.72 ? 1048 HOH A O   1 
HETATM 1396 O  O   . HOH G 3 .   ? -8.091  -15.192 11.444  1.00 29.94 ? 1049 HOH A O   1 
HETATM 1397 O  O   . HOH G 3 .   ? -7.949  3.219   0.421   1.00 32.97 ? 1050 HOH A O   1 
HETATM 1398 O  O   . HOH G 3 .   ? 9.252   -0.851  -15.743 1.00 22.46 ? 1051 HOH A O   1 
HETATM 1399 O  O   . HOH G 3 .   ? -3.563  -4.047  12.309  1.00 28.38 ? 1052 HOH A O   1 
HETATM 1400 O  O   . HOH G 3 .   ? 13.478  7.756   4.620   1.00 30.20 ? 1053 HOH A O   1 
HETATM 1401 O  O   . HOH G 3 .   ? -11.439 -18.433 5.809   1.00 28.97 ? 1054 HOH A O   1 
HETATM 1402 O  O   . HOH G 3 .   ? -5.048  -12.673 12.001  1.00 31.43 ? 1055 HOH A O   1 
HETATM 1403 O  O   . HOH G 3 .   ? -3.558  0.141   -16.224 1.00 24.41 ? 1056 HOH A O   1 
HETATM 1404 O  O   . HOH G 3 .   ? 3.485   -5.694  14.693  1.00 34.22 ? 1057 HOH A O   1 
HETATM 1405 O  O   . HOH G 3 .   ? -6.512  -16.782 13.038  1.00 25.06 ? 1058 HOH A O   1 
HETATM 1406 O  O   . HOH G 3 .   ? -4.779  9.655   13.218  1.00 27.92 ? 1059 HOH A O   1 
HETATM 1407 O  O   . HOH G 3 .   ? 0.593   23.158  -1.577  1.00 37.01 ? 1060 HOH A O   1 
HETATM 1408 O  O   . HOH G 3 .   ? 15.903  -0.150  -7.967  1.00 30.69 ? 1061 HOH A O   1 
HETATM 1409 O  O   . HOH G 3 .   ? -6.722  8.540   1.321   1.00 26.33 ? 1062 HOH A O   1 
HETATM 1410 O  O   . HOH G 3 .   ? -5.423  -11.405 -10.359 1.00 35.30 ? 1063 HOH A O   1 
HETATM 1411 O  O   . HOH G 3 .   ? -7.681  -17.813 -8.382  1.00 29.78 ? 1064 HOH A O   1 
HETATM 1412 O  O   . HOH G 3 .   ? 8.954   0.191   17.197  1.00 34.75 ? 1065 HOH A O   1 
HETATM 1413 O  O   . HOH G 3 .   ? 11.393  0.492   -14.713 1.00 37.00 ? 1066 HOH A O   1 
HETATM 1414 O  O   . HOH G 3 .   ? -1.179  11.596  11.093  1.00 31.83 ? 1067 HOH A O   1 
HETATM 1415 O  O   . HOH G 3 .   ? -5.806  3.225   -12.899 1.00 29.16 ? 1068 HOH A O   1 
HETATM 1416 O  O   . HOH G 3 .   ? 12.107  1.158   -12.258 1.00 33.67 ? 1069 HOH A O   1 
HETATM 1417 O  O   . HOH G 3 .   ? -8.461  -19.197 9.683   1.00 29.18 ? 1070 HOH A O   1 
HETATM 1418 O  O   . HOH G 3 .   ? -1.331  13.335  -11.350 1.00 32.20 ? 1071 HOH A O   1 
HETATM 1419 O  O   . HOH G 3 .   ? 2.533   7.905   16.365  1.00 30.55 ? 1072 HOH A O   1 
HETATM 1420 O  O   . HOH G 3 .   ? -10.135 -19.940 11.785  1.00 32.17 ? 1073 HOH A O   1 
HETATM 1421 O  O   . HOH G 3 .   ? 14.824  9.909   2.638   1.00 38.21 ? 1074 HOH A O   1 
HETATM 1422 O  O   . HOH G 3 .   ? -14.269 -21.187 1.460   1.00 29.44 ? 1075 HOH A O   1 
HETATM 1423 O  O   . HOH G 3 .   ? 5.365   1.980   11.017  1.00 38.79 ? 1076 HOH A O   1 
HETATM 1424 O  O   . HOH G 3 .   ? -10.856 -5.724  11.797  1.00 32.27 ? 1077 HOH A O   1 
HETATM 1425 O  O   . HOH G 3 .   ? -12.324 -21.197 -0.292  1.00 33.78 ? 1078 HOH A O   1 
HETATM 1426 O  O   . HOH G 3 .   ? -5.053  11.454  0.600   1.00 41.83 ? 1079 HOH A O   1 
HETATM 1427 O  O   . HOH G 3 .   ? 3.970   -10.629 -13.312 1.00 35.43 ? 1080 HOH A O   1 
HETATM 1428 O  O   . HOH G 3 .   ? 5.445   -5.585  9.479   1.00 32.47 ? 1081 HOH A O   1 
HETATM 1429 O  O   . HOH G 3 .   ? -10.577 -13.828 7.145   1.00 36.44 ? 1082 HOH A O   1 
HETATM 1430 O  O   . HOH G 3 .   ? 1.128   10.424  -18.106 1.00 31.40 ? 1083 HOH A O   1 
HETATM 1431 O  O   . HOH G 3 .   ? -7.459  -11.190 10.223  1.00 29.67 ? 1084 HOH A O   1 
HETATM 1432 O  O   . HOH G 3 .   ? -9.912  20.377  -3.429  1.00 27.06 ? 1085 HOH A O   1 
HETATM 1433 O  O   . HOH G 3 .   ? -10.338 2.460   10.808  1.00 38.48 ? 1086 HOH A O   1 
HETATM 1434 O  O   . HOH G 3 .   ? -11.096 2.364   6.538   1.00 39.25 ? 1087 HOH A O   1 
HETATM 1435 O  O   . HOH G 3 .   ? 15.508  16.693  -2.983  0.50 37.14 ? 1088 HOH A O   1 
HETATM 1436 O  O   . HOH G 3 .   ? 6.755   23.908  -4.392  1.00 32.08 ? 1089 HOH A O   1 
HETATM 1437 O  O   . HOH G 3 .   ? -13.567 -15.133 2.755   1.00 41.49 ? 1090 HOH A O   1 
HETATM 1438 O  O   . HOH G 3 .   ? 3.874   19.118  -7.358  1.00 45.02 ? 1091 HOH A O   1 
HETATM 1439 O  O   . HOH G 3 .   ? -6.440  -12.208 -7.798  1.00 45.16 ? 1092 HOH A O   1 
HETATM 1440 O  O   . HOH G 3 .   ? -5.574  1.227   -15.008 1.00 31.50 ? 1093 HOH A O   1 
HETATM 1441 O  O   . HOH G 3 .   ? 6.428   -17.925 -0.109  1.00 37.02 ? 1094 HOH A O   1 
HETATM 1442 O  O   . HOH G 3 .   ? -11.563 -9.710  -8.840  1.00 32.31 ? 1095 HOH A O   1 
HETATM 1443 O  O   . HOH G 3 .   ? -5.484  -11.228 13.943  1.00 35.20 ? 1096 HOH A O   1 
HETATM 1444 O  O   . HOH G 3 .   ? -6.009  7.892   6.000   1.00 38.34 ? 1097 HOH A O   1 
HETATM 1445 O  O   . HOH G 3 .   ? 8.618   20.242  2.731   1.00 35.31 ? 1098 HOH A O   1 
HETATM 1446 O  O   . HOH G 3 .   ? 12.368  5.443   6.340   1.00 34.66 ? 1099 HOH A O   1 
HETATM 1447 O  O   . HOH G 3 .   ? -11.530 -15.598 4.698   1.00 33.72 ? 1100 HOH A O   1 
HETATM 1448 O  O   . HOH G 3 .   ? 16.044  4.402   -5.196  1.00 38.49 ? 1101 HOH A O   1 
HETATM 1449 O  O   . HOH G 3 .   ? -10.727 -8.555  10.648  1.00 39.46 ? 1102 HOH A O   1 
HETATM 1450 O  O   . HOH G 3 .   ? 7.354   15.789  8.014   1.00 44.95 ? 1103 HOH A O   1 
HETATM 1451 O  O   . HOH G 3 .   ? 8.199   -10.684 -10.373 1.00 39.21 ? 1104 HOH A O   1 
HETATM 1452 O  O   . HOH G 3 .   ? 5.799   22.368  -7.211  1.00 40.88 ? 1105 HOH A O   1 
HETATM 1453 O  O   . HOH G 3 .   ? -6.808  -15.256 -9.669  1.00 33.81 ? 1106 HOH A O   1 
HETATM 1454 O  O   . HOH G 3 .   ? -9.011  17.589  -6.809  1.00 44.73 ? 1107 HOH A O   1 
HETATM 1455 O  O   . HOH G 3 .   ? -9.520  -11.323 -7.285  1.00 42.79 ? 1108 HOH A O   1 
HETATM 1456 O  O   . HOH G 3 .   ? 15.990  18.645  -0.591  0.50 29.96 ? 1109 HOH A O   1 
HETATM 1457 O  O   . HOH G 3 .   ? 0.790   -10.323 -11.387 1.00 67.03 ? 1110 HOH A O   1 
HETATM 1458 O  O   . HOH G 3 .   ? -6.732  2.959   -16.969 1.00 34.53 ? 1111 HOH A O   1 
HETATM 1459 O  O   . HOH G 3 .   ? 3.646   1.113   16.999  1.00 46.35 ? 1112 HOH A O   1 
HETATM 1460 O  O   . HOH G 3 .   ? -4.940  8.435   10.348  1.00 41.50 ? 1113 HOH A O   1 
HETATM 1461 O  O   . HOH G 3 .   ? -15.403 -18.100 -6.216  1.00 41.84 ? 1114 HOH A O   1 
HETATM 1462 O  O   . HOH G 3 .   ? -18.291 -13.529 -3.290  1.00 52.08 ? 1115 HOH A O   1 
HETATM 1463 O  O   . HOH G 3 .   ? -5.171  1.356   -17.819 1.00 26.59 ? 1116 HOH A O   1 
HETATM 1464 O  O   . HOH G 3 .   ? -0.467  6.416   20.000  1.00 36.11 ? 1117 HOH A O   1 
HETATM 1465 O  O   . HOH G 3 .   ? 1.666   23.741  -4.426  1.00 35.31 ? 1118 HOH A O   1 
HETATM 1466 O  O   . HOH G 3 .   ? -12.191 -4.262  -10.372 1.00 35.41 ? 1119 HOH A O   1 
HETATM 1467 O  O   . HOH G 3 .   ? -10.318 5.025   0.672   1.00 36.98 ? 1120 HOH A O   1 
HETATM 1468 O  O   . HOH G 3 .   ? 11.950  22.209  -0.175  1.00 37.98 ? 1121 HOH A O   1 
HETATM 1469 O  O   . HOH G 3 .   ? -0.123  9.629   -13.474 1.00 33.60 ? 1122 HOH A O   1 
HETATM 1470 O  O   . HOH G 3 .   ? -0.300  2.965   -17.859 1.00 36.83 ? 1123 HOH A O   1 
HETATM 1471 O  O   . HOH G 3 .   ? 13.108  -2.643  -13.853 1.00 41.32 ? 1124 HOH A O   1 
HETATM 1472 O  O   . HOH G 3 .   ? 3.651   3.129   -16.528 1.00 38.66 ? 1125 HOH A O   1 
HETATM 1473 O  O   . HOH G 3 .   ? -0.323  -10.999 19.285  1.00 44.61 ? 1126 HOH A O   1 
# 
loop_
_pdbx_poly_seq_scheme.asym_id 
_pdbx_poly_seq_scheme.entity_id 
_pdbx_poly_seq_scheme.seq_id 
_pdbx_poly_seq_scheme.mon_id 
_pdbx_poly_seq_scheme.ndb_seq_num 
_pdbx_poly_seq_scheme.pdb_seq_num 
_pdbx_poly_seq_scheme.auth_seq_num 
_pdbx_poly_seq_scheme.pdb_mon_id 
_pdbx_poly_seq_scheme.auth_mon_id 
_pdbx_poly_seq_scheme.pdb_strand_id 
_pdbx_poly_seq_scheme.pdb_ins_code 
_pdbx_poly_seq_scheme.hetero 
A 1 1   GLY 1   1   ?   ?   ?   A . n 
A 1 2   TYR 2   2   ?   ?   ?   A . n 
A 1 3   SER 3   3   ?   ?   ?   A . n 
A 1 4   ASP 4   4   ?   ?   ?   A . n 
A 1 5   ASP 5   5   ?   ?   ?   A . n 
A 1 6   GLU 6   6   ?   ?   ?   A . n 
A 1 7   GLU 7   7   ?   ?   ?   A . n 
A 1 8   GLU 8   8   ?   ?   ?   A . n 
A 1 9   GLU 9   9   ?   ?   ?   A . n 
A 1 10  SER 10  10  ?   ?   ?   A . n 
A 1 11  ASN 11  11  ?   ?   ?   A . n 
A 1 12  ALA 12  12  ?   ?   ?   A . n 
A 1 13  ILE 13  13  ?   ?   ?   A . n 
A 1 14  ASN 14  14  ?   ?   ?   A . n 
A 1 15  VAL 15  15  ?   ?   ?   A . n 
A 1 16  VAL 16  16  ?   ?   ?   A . n 
A 1 17  SER 17  17  ?   ?   ?   A . n 
A 1 18  GLU 18  18  ?   ?   ?   A . n 
A 1 19  LYS 19  19  ?   ?   ?   A . n 
A 1 20  THR 20  20  ?   ?   ?   A . n 
A 1 21  LYS 21  21  ?   ?   ?   A . n 
A 1 22  SER 22  22  ?   ?   ?   A . n 
A 1 23  LEU 23  23  23  LEU LEU A . n 
A 1 24  GLU 24  24  24  GLU GLU A . n 
A 1 25  GLU 25  25  25  GLU GLU A . n 
A 1 26  LYS 26  26  26  LYS LYS A . n 
A 1 27  ILE 27  27  27  ILE ILE A . n 
A 1 28  ALA 28  28  28  ALA ALA A . n 
A 1 29  TYR 29  29  29  TYR TYR A . n 
A 1 30  TYR 30  30  30  TYR TYR A . n 
A 1 31  LYS 31  31  31  LYS LYS A . n 
A 1 32  MET 32  32  32  MET MET A . n 
A 1 33  LYS 33  33  33  LYS LYS A . n 
A 1 34  GLY 34  34  34  GLY GLY A . n 
A 1 35  HIS 35  35  35  HIS HIS A . n 
A 1 36  THR 36  36  36  THR THR A . n 
A 1 37  GLU 37  37  37  GLU GLU A . n 
A 1 38  ARG 38  38  38  ARG ARG A . n 
A 1 39  GLY 39  39  39  GLY GLY A . n 
A 1 40  TYR 40  40  40  TYR TYR A . n 
A 1 41  ILE 41  41  41  ILE ILE A . n 
A 1 42  THR 42  42  42  THR THR A . n 
A 1 43  ILE 43  43  43  ILE ILE A . n 
A 1 44  TYR 44  44  44  TYR TYR A . n 
A 1 45  THR 45  45  45  THR THR A . n 
A 1 46  ASN 46  46  46  ASN ASN A . n 
A 1 47  LEU 47  47  47  LEU LEU A . n 
A 1 48  GLY 48  48  48  GLY GLY A . n 
A 1 49  ASP 49  49  49  ASP ASP A . n 
A 1 50  PHE 50  50  50  PHE PHE A . n 
A 1 51  GLU 51  51  51  GLU GLU A . n 
A 1 52  VAL 52  52  52  VAL VAL A . n 
A 1 53  GLU 53  53  53  GLU GLU A . n 
A 1 54  LEU 54  54  54  LEU LEU A . n 
A 1 55  TYR 55  55  55  TYR TYR A . n 
A 1 56  TRP 56  56  56  TRP TRP A . n 
A 1 57  TYR 57  57  57  TYR TYR A . n 
A 1 58  HIS 58  58  58  HIS HIS A . n 
A 1 59  SER 59  59  59  SER SER A . n 
A 1 60  PRO 60  60  60  PRO PRO A . n 
A 1 61  LYS 61  61  61  LYS LYS A . n 
A 1 62  THR 62  62  62  THR THR A . n 
A 1 63  CYS 63  63  63  CYS CYS A . n 
A 1 64  LEU 64  64  64  LEU LEU A . n 
A 1 65  ASN 65  65  65  ASN ASN A . n 
A 1 66  PHE 66  66  66  PHE PHE A . n 
A 1 67  TYR 67  67  67  TYR TYR A . n 
A 1 68  THR 68  68  68  THR THR A . n 
A 1 69  LEU 69  69  69  LEU LEU A . n 
A 1 70  CYS 70  70  70  CYS CYS A . n 
A 1 71  GLU 71  71  71  GLU GLU A . n 
A 1 72  MET 72  72  72  MET MET A . n 
A 1 73  GLY 73  73  73  GLY GLY A . n 
A 1 74  PHE 74  74  74  PHE PHE A . n 
A 1 75  TYR 75  75  75  TYR TYR A . n 
A 1 76  ASP 76  76  76  ASP ASP A . n 
A 1 77  ASN 77  77  77  ASN ASN A . n 
A 1 78  THR 78  78  78  THR THR A . n 
A 1 79  ILE 79  79  79  ILE ILE A . n 
A 1 80  PHE 80  80  80  PHE PHE A . n 
A 1 81  HIS 81  81  81  HIS HIS A . n 
A 1 82  ARG 82  82  82  ARG ARG A . n 
A 1 83  VAL 83  83  83  VAL VAL A . n 
A 1 84  ILE 84  84  84  ILE ILE A . n 
A 1 85  PRO 85  85  85  PRO PRO A . n 
A 1 86  ASN 86  86  86  ASN ASN A . n 
A 1 87  PHE 87  87  87  PHE PHE A . n 
A 1 88  VAL 88  88  88  VAL VAL A . n 
A 1 89  ILE 89  89  89  ILE ILE A . n 
A 1 90  GLN 90  90  90  GLN GLN A . n 
A 1 91  GLY 91  91  91  GLY GLY A . n 
A 1 92  GLY 92  92  92  GLY GLY A . n 
A 1 93  ASP 93  93  93  ASP ASP A . n 
A 1 94  PRO 94  94  94  PRO PRO A . n 
A 1 95  THR 95  95  95  THR THR A . n 
A 1 96  GLY 96  96  96  GLY GLY A . n 
A 1 97  THR 97  97  97  THR THR A . n 
A 1 98  GLY 98  98  98  GLY GLY A . n 
A 1 99  LYS 99  99  99  LYS LYS A . n 
A 1 100 GLY 100 100 100 GLY GLY A . n 
A 1 101 GLY 101 101 101 GLY GLY A . n 
A 1 102 LYS 102 102 102 LYS LYS A . n 
A 1 103 SER 103 103 103 SER SER A . n 
A 1 104 ILE 104 104 104 ILE ILE A . n 
A 1 105 TYR 105 105 105 TYR TYR A . n 
A 1 106 GLY 106 106 106 GLY GLY A . n 
A 1 107 GLU 107 107 107 GLU GLU A . n 
A 1 108 TYR 108 108 108 TYR TYR A . n 
A 1 109 PHE 109 109 109 PHE PHE A . n 
A 1 110 GLU 110 110 110 GLU GLU A . n 
A 1 111 ASP 111 111 111 ASP ASP A . n 
A 1 112 GLU 112 112 112 GLU GLU A . n 
A 1 113 ILE 113 113 113 ILE ILE A . n 
A 1 114 ASN 114 114 114 ASN ASN A . n 
A 1 115 LYS 115 115 115 LYS LYS A . n 
A 1 116 GLU 116 116 116 GLU GLU A . n 
A 1 117 LEU 117 117 117 LEU LEU A . n 
A 1 118 LYS 118 118 118 LYS LYS A . n 
A 1 119 HIS 119 119 119 HIS HIS A . n 
A 1 120 THR 120 120 120 THR THR A . n 
A 1 121 GLY 121 121 121 GLY GLY A . n 
A 1 122 ALA 122 122 122 ALA ALA A . n 
A 1 123 GLY 123 123 123 GLY GLY A . n 
A 1 124 ILE 124 124 124 ILE ILE A . n 
A 1 125 LEU 125 125 125 LEU LEU A . n 
A 1 126 SER 126 126 126 SER SER A . n 
A 1 127 MET 127 127 127 MET MET A . n 
A 1 128 SER 128 128 128 SER SER A . n 
A 1 129 ASN 129 129 129 ASN ASN A . n 
A 1 130 ASN 130 130 130 ASN ASN A . n 
A 1 131 GLY 131 131 131 GLY GLY A . n 
A 1 132 PRO 132 132 132 PRO PRO A . n 
A 1 133 ASN 133 133 133 ASN ASN A . n 
A 1 134 THR 134 134 134 THR THR A . n 
A 1 135 ASN 135 135 135 ASN ASN A . n 
A 1 136 SER 136 136 136 SER SER A . n 
A 1 137 SER 137 137 137 SER SER A . n 
A 1 138 GLN 138 138 138 GLN GLN A . n 
A 1 139 PHE 139 139 139 PHE PHE A . n 
A 1 140 PHE 140 140 140 PHE PHE A . n 
A 1 141 ILE 141 141 141 ILE ILE A . n 
A 1 142 THR 142 142 142 THR THR A . n 
A 1 143 LEU 143 143 143 LEU LEU A . n 
A 1 144 ALA 144 144 144 ALA ALA A . n 
A 1 145 PRO 145 145 145 PRO PRO A . n 
A 1 146 LEU 146 146 146 LEU LEU A . n 
A 1 147 PRO 147 147 147 PRO PRO A . n 
A 1 148 HIS 148 148 148 HIS HIS A . n 
A 1 149 LEU 149 149 149 LEU LEU A . n 
A 1 150 ASP 150 150 150 ASP ASP A . n 
A 1 151 GLY 151 151 151 GLY GLY A . n 
A 1 152 LYS 152 152 152 LYS LYS A . n 
A 1 153 HIS 153 153 153 HIS HIS A . n 
A 1 154 THR 154 154 154 THR THR A . n 
A 1 155 ILE 155 155 155 ILE ILE A . n 
A 1 156 PHE 156 156 156 PHE PHE A . n 
A 1 157 ALA 157 157 157 ALA ALA A . n 
A 1 158 ARG 158 158 158 ARG ARG A . n 
A 1 159 VAL 159 159 159 VAL VAL A . n 
A 1 160 SER 160 160 160 SER SER A . n 
A 1 161 LYS 161 161 161 LYS LYS A . n 
A 1 162 ASN 162 162 162 ASN ASN A . n 
A 1 163 MET 163 163 163 MET MET A . n 
A 1 164 THR 164 164 164 THR THR A . n 
A 1 165 CYS 165 165 165 CYS CYS A . n 
A 1 166 ILE 166 166 166 ILE ILE A . n 
A 1 167 GLU 167 167 167 GLU GLU A . n 
A 1 168 ASN 168 168 168 ASN ASN A . n 
A 1 169 ILE 169 169 169 ILE ILE A . n 
A 1 170 ALA 170 170 170 ALA ALA A . n 
A 1 171 SER 171 171 171 SER SER A . n 
A 1 172 VAL 172 172 172 VAL VAL A . n 
A 1 173 GLN 173 173 173 GLN GLN A . n 
A 1 174 THR 174 174 174 THR THR A . n 
A 1 175 THR 175 175 175 THR THR A . n 
A 1 176 ALA 176 176 176 ALA ALA A . n 
A 1 177 THR 177 177 177 THR THR A . n 
A 1 178 ASN 178 178 178 ASN ASN A . n 
A 1 179 LYS 179 179 179 LYS LYS A . n 
A 1 180 PRO 180 180 180 PRO PRO A . n 
A 1 181 ILE 181 181 181 ILE ILE A . n 
A 1 182 PHE 182 182 182 PHE PHE A . n 
A 1 183 ASP 183 183 183 ASP ASP A . n 
A 1 184 LEU 184 184 184 LEU LEU A . n 
A 1 185 LYS 185 185 185 LYS LYS A . n 
A 1 186 ILE 186 186 186 ILE ILE A . n 
A 1 187 LEU 187 187 187 LEU LEU A . n 
A 1 188 ARG 188 188 188 ARG ARG A . n 
A 1 189 THR 189 189 189 THR THR A . n 
A 1 190 SER 190 190 190 SER SER A . n 
A 1 191 THR 191 191 191 THR THR A . n 
A 1 192 ALA 192 192 ?   ?   ?   A . n 
A 1 193 VAL 193 193 ?   ?   ?   A . n 
A 1 194 ASN 194 194 ?   ?   ?   A . n 
A 1 195 ALA 195 195 ?   ?   ?   A . n 
A 1 196 ASP 196 196 ?   ?   ?   A . n 
# 
_pdbx_SG_project.id                    1 
_pdbx_SG_project.project_name          ? 
_pdbx_SG_project.full_name_of_center   'Structural Genomics Consortium' 
_pdbx_SG_project.initial_of_center     SGC 
# 
loop_
_pdbx_nonpoly_scheme.asym_id 
_pdbx_nonpoly_scheme.entity_id 
_pdbx_nonpoly_scheme.mon_id 
_pdbx_nonpoly_scheme.ndb_seq_num 
_pdbx_nonpoly_scheme.pdb_seq_num 
_pdbx_nonpoly_scheme.auth_seq_num 
_pdbx_nonpoly_scheme.pdb_mon_id 
_pdbx_nonpoly_scheme.auth_mon_id 
_pdbx_nonpoly_scheme.pdb_strand_id 
_pdbx_nonpoly_scheme.pdb_ins_code 
B 2 CL  1   1000 1000 CL  CL  A . 
C 2 CL  1   1001 1001 CL  CL  A . 
D 2 CL  1   1002 1002 CL  CL  A . 
E 2 CL  1   1003 1003 CL  CL  A . 
F 2 CL  1   1004 1004 CL  CL  A . 
G 3 HOH 1   1005 1    HOH HOH A . 
G 3 HOH 2   1006 2    HOH HOH A . 
G 3 HOH 3   1007 3    HOH HOH A . 
G 3 HOH 4   1008 4    HOH HOH A . 
G 3 HOH 5   1009 5    HOH HOH A . 
G 3 HOH 6   1010 6    HOH HOH A . 
G 3 HOH 7   1011 7    HOH HOH A . 
G 3 HOH 8   1012 8    HOH HOH A . 
G 3 HOH 9   1013 9    HOH HOH A . 
G 3 HOH 10  1014 10   HOH HOH A . 
G 3 HOH 11  1015 11   HOH HOH A . 
G 3 HOH 12  1016 12   HOH HOH A . 
G 3 HOH 13  1017 13   HOH HOH A . 
G 3 HOH 14  1018 14   HOH HOH A . 
G 3 HOH 15  1019 15   HOH HOH A . 
G 3 HOH 16  1020 16   HOH HOH A . 
G 3 HOH 17  1021 17   HOH HOH A . 
G 3 HOH 18  1022 18   HOH HOH A . 
G 3 HOH 19  1023 19   HOH HOH A . 
G 3 HOH 20  1024 20   HOH HOH A . 
G 3 HOH 21  1025 21   HOH HOH A . 
G 3 HOH 22  1026 22   HOH HOH A . 
G 3 HOH 23  1027 23   HOH HOH A . 
G 3 HOH 24  1028 24   HOH HOH A . 
G 3 HOH 25  1029 25   HOH HOH A . 
G 3 HOH 26  1030 26   HOH HOH A . 
G 3 HOH 27  1031 27   HOH HOH A . 
G 3 HOH 28  1032 28   HOH HOH A . 
G 3 HOH 29  1033 29   HOH HOH A . 
G 3 HOH 30  1034 30   HOH HOH A . 
G 3 HOH 31  1035 31   HOH HOH A . 
G 3 HOH 32  1036 32   HOH HOH A . 
G 3 HOH 33  1037 33   HOH HOH A . 
G 3 HOH 34  1038 34   HOH HOH A . 
G 3 HOH 35  1039 35   HOH HOH A . 
G 3 HOH 36  1040 36   HOH HOH A . 
G 3 HOH 37  1041 37   HOH HOH A . 
G 3 HOH 38  1042 38   HOH HOH A . 
G 3 HOH 39  1043 39   HOH HOH A . 
G 3 HOH 40  1044 40   HOH HOH A . 
G 3 HOH 41  1045 41   HOH HOH A . 
G 3 HOH 42  1046 42   HOH HOH A . 
G 3 HOH 43  1047 43   HOH HOH A . 
G 3 HOH 44  1048 44   HOH HOH A . 
G 3 HOH 45  1049 45   HOH HOH A . 
G 3 HOH 46  1050 46   HOH HOH A . 
G 3 HOH 47  1051 47   HOH HOH A . 
G 3 HOH 48  1052 48   HOH HOH A . 
G 3 HOH 49  1053 49   HOH HOH A . 
G 3 HOH 50  1054 50   HOH HOH A . 
G 3 HOH 51  1055 51   HOH HOH A . 
G 3 HOH 52  1056 52   HOH HOH A . 
G 3 HOH 53  1057 53   HOH HOH A . 
G 3 HOH 54  1058 54   HOH HOH A . 
G 3 HOH 55  1059 55   HOH HOH A . 
G 3 HOH 56  1060 56   HOH HOH A . 
G 3 HOH 57  1061 57   HOH HOH A . 
G 3 HOH 58  1062 58   HOH HOH A . 
G 3 HOH 59  1063 59   HOH HOH A . 
G 3 HOH 60  1064 60   HOH HOH A . 
G 3 HOH 61  1065 61   HOH HOH A . 
G 3 HOH 62  1066 62   HOH HOH A . 
G 3 HOH 63  1067 63   HOH HOH A . 
G 3 HOH 64  1068 64   HOH HOH A . 
G 3 HOH 65  1069 65   HOH HOH A . 
G 3 HOH 66  1070 66   HOH HOH A . 
G 3 HOH 67  1071 67   HOH HOH A . 
G 3 HOH 68  1072 68   HOH HOH A . 
G 3 HOH 69  1073 69   HOH HOH A . 
G 3 HOH 70  1074 70   HOH HOH A . 
G 3 HOH 71  1075 71   HOH HOH A . 
G 3 HOH 72  1076 72   HOH HOH A . 
G 3 HOH 73  1077 73   HOH HOH A . 
G 3 HOH 74  1078 74   HOH HOH A . 
G 3 HOH 75  1079 75   HOH HOH A . 
G 3 HOH 76  1080 76   HOH HOH A . 
G 3 HOH 77  1081 77   HOH HOH A . 
G 3 HOH 78  1082 78   HOH HOH A . 
G 3 HOH 79  1083 79   HOH HOH A . 
G 3 HOH 80  1084 80   HOH HOH A . 
G 3 HOH 81  1085 81   HOH HOH A . 
G 3 HOH 82  1086 82   HOH HOH A . 
G 3 HOH 83  1087 83   HOH HOH A . 
G 3 HOH 84  1088 84   HOH HOH A . 
G 3 HOH 85  1089 85   HOH HOH A . 
G 3 HOH 86  1090 86   HOH HOH A . 
G 3 HOH 87  1091 87   HOH HOH A . 
G 3 HOH 88  1092 88   HOH HOH A . 
G 3 HOH 89  1093 89   HOH HOH A . 
G 3 HOH 90  1094 90   HOH HOH A . 
G 3 HOH 91  1095 91   HOH HOH A . 
G 3 HOH 92  1096 92   HOH HOH A . 
G 3 HOH 93  1097 93   HOH HOH A . 
G 3 HOH 94  1098 94   HOH HOH A . 
G 3 HOH 95  1099 95   HOH HOH A . 
G 3 HOH 96  1100 96   HOH HOH A . 
G 3 HOH 97  1101 97   HOH HOH A . 
G 3 HOH 98  1102 98   HOH HOH A . 
G 3 HOH 99  1103 99   HOH HOH A . 
G 3 HOH 100 1104 100  HOH HOH A . 
G 3 HOH 101 1105 101  HOH HOH A . 
G 3 HOH 102 1106 102  HOH HOH A . 
G 3 HOH 103 1107 103  HOH HOH A . 
G 3 HOH 104 1108 104  HOH HOH A . 
G 3 HOH 105 1109 105  HOH HOH A . 
G 3 HOH 106 1110 106  HOH HOH A . 
G 3 HOH 107 1111 107  HOH HOH A . 
G 3 HOH 108 1112 108  HOH HOH A . 
G 3 HOH 109 1113 109  HOH HOH A . 
G 3 HOH 110 1114 110  HOH HOH A . 
G 3 HOH 111 1115 111  HOH HOH A . 
G 3 HOH 112 1116 112  HOH HOH A . 
G 3 HOH 113 1117 113  HOH HOH A . 
G 3 HOH 114 1118 114  HOH HOH A . 
G 3 HOH 115 1119 115  HOH HOH A . 
G 3 HOH 116 1120 116  HOH HOH A . 
G 3 HOH 117 1121 117  HOH HOH A . 
G 3 HOH 118 1122 118  HOH HOH A . 
G 3 HOH 119 1123 119  HOH HOH A . 
G 3 HOH 120 1124 120  HOH HOH A . 
G 3 HOH 121 1125 121  HOH HOH A . 
G 3 HOH 122 1126 122  HOH HOH A . 
# 
_pdbx_struct_assembly.id                   1 
_pdbx_struct_assembly.details              author_defined_assembly 
_pdbx_struct_assembly.method_details       ? 
_pdbx_struct_assembly.oligomeric_details   monomeric 
_pdbx_struct_assembly.oligomeric_count     1 
# 
_pdbx_struct_assembly_gen.assembly_id       1 
_pdbx_struct_assembly_gen.oper_expression   1 
_pdbx_struct_assembly_gen.asym_id_list      A,B,C,D,E,F,G 
# 
_pdbx_struct_oper_list.id                   1 
_pdbx_struct_oper_list.type                 'identity operation' 
_pdbx_struct_oper_list.name                 1_555 
_pdbx_struct_oper_list.symmetry_operation   x,y,z 
_pdbx_struct_oper_list.matrix[1][1]         1.0000000000 
_pdbx_struct_oper_list.matrix[1][2]         0.0000000000 
_pdbx_struct_oper_list.matrix[1][3]         0.0000000000 
_pdbx_struct_oper_list.vector[1]            0.0000000000 
_pdbx_struct_oper_list.matrix[2][1]         0.0000000000 
_pdbx_struct_oper_list.matrix[2][2]         1.0000000000 
_pdbx_struct_oper_list.matrix[2][3]         0.0000000000 
_pdbx_struct_oper_list.vector[2]            0.0000000000 
_pdbx_struct_oper_list.matrix[3][1]         0.0000000000 
_pdbx_struct_oper_list.matrix[3][2]         0.0000000000 
_pdbx_struct_oper_list.matrix[3][3]         1.0000000000 
_pdbx_struct_oper_list.vector[3]            0.0000000000 
# 
_pdbx_struct_special_symmetry.id              1 
_pdbx_struct_special_symmetry.PDB_model_num   1 
_pdbx_struct_special_symmetry.auth_asym_id    A 
_pdbx_struct_special_symmetry.auth_comp_id    HOH 
_pdbx_struct_special_symmetry.auth_seq_id     1088 
_pdbx_struct_special_symmetry.PDB_ins_code    ? 
_pdbx_struct_special_symmetry.label_asym_id   G 
_pdbx_struct_special_symmetry.label_comp_id   HOH 
_pdbx_struct_special_symmetry.label_seq_id    . 
# 
loop_
_pdbx_audit_revision_history.ordinal 
_pdbx_audit_revision_history.data_content_type 
_pdbx_audit_revision_history.major_revision 
_pdbx_audit_revision_history.minor_revision 
_pdbx_audit_revision_history.revision_date 
1 'Structure model' 1 0 2005-10-11 
2 'Structure model' 1 1 2008-05-01 
3 'Structure model' 1 2 2011-07-13 
4 'Structure model' 1 3 2017-10-11 
5 'Structure model' 1 4 2023-08-23 
# 
_pdbx_audit_revision_details.ordinal             1 
_pdbx_audit_revision_details.revision_ordinal    1 
_pdbx_audit_revision_details.data_content_type   'Structure model' 
_pdbx_audit_revision_details.provider            repository 
_pdbx_audit_revision_details.type                'Initial release' 
_pdbx_audit_revision_details.description         ? 
_pdbx_audit_revision_details.details             ? 
# 
loop_
_pdbx_audit_revision_group.ordinal 
_pdbx_audit_revision_group.revision_ordinal 
_pdbx_audit_revision_group.data_content_type 
_pdbx_audit_revision_group.group 
1 2 'Structure model' 'Version format compliance' 
2 3 'Structure model' 'Version format compliance' 
3 4 'Structure model' 'Refinement description'    
4 5 'Structure model' 'Data collection'           
5 5 'Structure model' 'Database references'       
6 5 'Structure model' 'Derived calculations'      
7 5 'Structure model' 'Refinement description'    
# 
loop_
_pdbx_audit_revision_category.ordinal 
_pdbx_audit_revision_category.revision_ordinal 
_pdbx_audit_revision_category.data_content_type 
_pdbx_audit_revision_category.category 
1 4 'Structure model' software                      
2 5 'Structure model' chem_comp_atom                
3 5 'Structure model' chem_comp_bond                
4 5 'Structure model' database_2                    
5 5 'Structure model' pdbx_initial_refinement_model 
6 5 'Structure model' struct_site                   
# 
loop_
_pdbx_audit_revision_item.ordinal 
_pdbx_audit_revision_item.revision_ordinal 
_pdbx_audit_revision_item.data_content_type 
_pdbx_audit_revision_item.item 
1 4 'Structure model' '_software.classification'            
2 4 'Structure model' '_software.name'                      
3 5 'Structure model' '_database_2.pdbx_DOI'                
4 5 'Structure model' '_database_2.pdbx_database_accession' 
5 5 'Structure model' '_struct_site.pdbx_auth_asym_id'      
6 5 'Structure model' '_struct_site.pdbx_auth_comp_id'      
7 5 'Structure model' '_struct_site.pdbx_auth_seq_id'       
# 
loop_
_software.name 
_software.classification 
_software.version 
_software.citation_id 
_software.pdbx_ordinal 
REFMAC      refinement        5.2.0005 ? 1 
SBC-Collect 'data collection' .        ? 2 
HKL-2000    'data scaling'    .        ? 3 
PHASER      phasing           .        ? 4 
O           'model building'  .        ? 5 
# 
_pdbx_database_remark.id     300 
_pdbx_database_remark.text   
;BIOMOLECULE:1
THIS ENTRY CONTAINS THE CRYSTALLOGRAPHIC ASYMMETRIC UNIT 
WHICH CONSISTS OF 1 CHAIN. THE BIOLOGICAL UNIT IS UNKNOWN.
;
# 
loop_
_pdbx_validate_rmsd_bond.id 
_pdbx_validate_rmsd_bond.PDB_model_num 
_pdbx_validate_rmsd_bond.auth_atom_id_1 
_pdbx_validate_rmsd_bond.auth_asym_id_1 
_pdbx_validate_rmsd_bond.auth_comp_id_1 
_pdbx_validate_rmsd_bond.auth_seq_id_1 
_pdbx_validate_rmsd_bond.PDB_ins_code_1 
_pdbx_validate_rmsd_bond.label_alt_id_1 
_pdbx_validate_rmsd_bond.auth_atom_id_2 
_pdbx_validate_rmsd_bond.auth_asym_id_2 
_pdbx_validate_rmsd_bond.auth_comp_id_2 
_pdbx_validate_rmsd_bond.auth_seq_id_2 
_pdbx_validate_rmsd_bond.PDB_ins_code_2 
_pdbx_validate_rmsd_bond.label_alt_id_2 
_pdbx_validate_rmsd_bond.bond_value 
_pdbx_validate_rmsd_bond.bond_target_value 
_pdbx_validate_rmsd_bond.bond_deviation 
_pdbx_validate_rmsd_bond.bond_standard_deviation 
_pdbx_validate_rmsd_bond.linker_flag 
1 1 CD A GLU 110 ? ? OE1 A GLU 110 ? ? 1.326 1.252 0.074 0.011 N 
2 1 CZ A PHE 140 ? ? CE2 A PHE 140 ? ? 1.514 1.369 0.145 0.019 N 
3 1 CD A LYS 161 ? ? CE  A LYS 161 ? ? 1.673 1.508 0.165 0.025 N 
# 
loop_
_pdbx_validate_rmsd_angle.id 
_pdbx_validate_rmsd_angle.PDB_model_num 
_pdbx_validate_rmsd_angle.auth_atom_id_1 
_pdbx_validate_rmsd_angle.auth_asym_id_1 
_pdbx_validate_rmsd_angle.auth_comp_id_1 
_pdbx_validate_rmsd_angle.auth_seq_id_1 
_pdbx_validate_rmsd_angle.PDB_ins_code_1 
_pdbx_validate_rmsd_angle.label_alt_id_1 
_pdbx_validate_rmsd_angle.auth_atom_id_2 
_pdbx_validate_rmsd_angle.auth_asym_id_2 
_pdbx_validate_rmsd_angle.auth_comp_id_2 
_pdbx_validate_rmsd_angle.auth_seq_id_2 
_pdbx_validate_rmsd_angle.PDB_ins_code_2 
_pdbx_validate_rmsd_angle.label_alt_id_2 
_pdbx_validate_rmsd_angle.auth_atom_id_3 
_pdbx_validate_rmsd_angle.auth_asym_id_3 
_pdbx_validate_rmsd_angle.auth_comp_id_3 
_pdbx_validate_rmsd_angle.auth_seq_id_3 
_pdbx_validate_rmsd_angle.PDB_ins_code_3 
_pdbx_validate_rmsd_angle.label_alt_id_3 
_pdbx_validate_rmsd_angle.angle_value 
_pdbx_validate_rmsd_angle.angle_target_value 
_pdbx_validate_rmsd_angle.angle_deviation 
_pdbx_validate_rmsd_angle.angle_standard_deviation 
_pdbx_validate_rmsd_angle.linker_flag 
1 1 CA A LEU 23  ? ? CB A LEU 23  ? ? CG  A LEU 23  ? ? 131.10 115.30 15.80  2.30 N 
2 1 CB A LEU 23  ? ? CG A LEU 23  ? ? CD2 A LEU 23  ? ? 122.43 111.00 11.43  1.70 N 
3 1 NE A ARG 82  ? ? CZ A ARG 82  ? ? NH1 A ARG 82  ? ? 123.42 120.30 3.12   0.50 N 
4 1 CB A PHE 140 ? ? CA A PHE 140 ? ? C   A PHE 140 ? ? 97.84  110.40 -12.56 2.00 N 
5 1 NE A ARG 158 ? ? CZ A ARG 158 ? ? NH1 A ARG 158 ? ? 124.19 120.30 3.89   0.50 N 
6 1 NE A ARG 158 ? ? CZ A ARG 158 ? ? NH2 A ARG 158 ? ? 115.02 120.30 -5.28  0.50 N 
# 
loop_
_pdbx_validate_torsion.id 
_pdbx_validate_torsion.PDB_model_num 
_pdbx_validate_torsion.auth_comp_id 
_pdbx_validate_torsion.auth_asym_id 
_pdbx_validate_torsion.auth_seq_id 
_pdbx_validate_torsion.PDB_ins_code 
_pdbx_validate_torsion.label_alt_id 
_pdbx_validate_torsion.phi 
_pdbx_validate_torsion.psi 
1 1 ARG A 38  ? ? -157.57 56.86   
2 1 ASN A 86  ? ? 57.36   11.58   
3 1 PHE A 87  ? ? -132.26 -94.73  
4 1 ASN A 129 ? ? -170.32 -171.18 
5 1 SER A 136 ? ? -136.47 -92.77  
6 1 ASN A 162 ? ? 73.23   53.86   
# 
loop_
_pdbx_unobs_or_zero_occ_residues.id 
_pdbx_unobs_or_zero_occ_residues.PDB_model_num 
_pdbx_unobs_or_zero_occ_residues.polymer_flag 
_pdbx_unobs_or_zero_occ_residues.occupancy_flag 
_pdbx_unobs_or_zero_occ_residues.auth_asym_id 
_pdbx_unobs_or_zero_occ_residues.auth_comp_id 
_pdbx_unobs_or_zero_occ_residues.auth_seq_id 
_pdbx_unobs_or_zero_occ_residues.PDB_ins_code 
_pdbx_unobs_or_zero_occ_residues.label_asym_id 
_pdbx_unobs_or_zero_occ_residues.label_comp_id 
_pdbx_unobs_or_zero_occ_residues.label_seq_id 
1  1 Y 1 A GLY 1   ? A GLY 1   
2  1 Y 1 A TYR 2   ? A TYR 2   
3  1 Y 1 A SER 3   ? A SER 3   
4  1 Y 1 A ASP 4   ? A ASP 4   
5  1 Y 1 A ASP 5   ? A ASP 5   
6  1 Y 1 A GLU 6   ? A GLU 6   
7  1 Y 1 A GLU 7   ? A GLU 7   
8  1 Y 1 A GLU 8   ? A GLU 8   
9  1 Y 1 A GLU 9   ? A GLU 9   
10 1 Y 1 A SER 10  ? A SER 10  
11 1 Y 1 A ASN 11  ? A ASN 11  
12 1 Y 1 A ALA 12  ? A ALA 12  
13 1 Y 1 A ILE 13  ? A ILE 13  
14 1 Y 1 A ASN 14  ? A ASN 14  
15 1 Y 1 A VAL 15  ? A VAL 15  
16 1 Y 1 A VAL 16  ? A VAL 16  
17 1 Y 1 A SER 17  ? A SER 17  
18 1 Y 1 A GLU 18  ? A GLU 18  
19 1 Y 1 A LYS 19  ? A LYS 19  
20 1 Y 1 A THR 20  ? A THR 20  
21 1 Y 1 A LYS 21  ? A LYS 21  
22 1 Y 1 A SER 22  ? A SER 22  
23 1 Y 1 A ALA 192 ? A ALA 192 
24 1 Y 1 A VAL 193 ? A VAL 193 
25 1 Y 1 A ASN 194 ? A ASN 194 
26 1 Y 1 A ALA 195 ? A ALA 195 
27 1 Y 1 A ASP 196 ? A ASP 196 
# 
loop_
_chem_comp_atom.comp_id 
_chem_comp_atom.atom_id 
_chem_comp_atom.type_symbol 
_chem_comp_atom.pdbx_aromatic_flag 
_chem_comp_atom.pdbx_stereo_config 
_chem_comp_atom.pdbx_ordinal 
ALA N    N  N N 1   
ALA CA   C  N S 2   
ALA C    C  N N 3   
ALA O    O  N N 4   
ALA CB   C  N N 5   
ALA OXT  O  N N 6   
ALA H    H  N N 7   
ALA H2   H  N N 8   
ALA HA   H  N N 9   
ALA HB1  H  N N 10  
ALA HB2  H  N N 11  
ALA HB3  H  N N 12  
ALA HXT  H  N N 13  
ARG N    N  N N 14  
ARG CA   C  N S 15  
ARG C    C  N N 16  
ARG O    O  N N 17  
ARG CB   C  N N 18  
ARG CG   C  N N 19  
ARG CD   C  N N 20  
ARG NE   N  N N 21  
ARG CZ   C  N N 22  
ARG NH1  N  N N 23  
ARG NH2  N  N N 24  
ARG OXT  O  N N 25  
ARG H    H  N N 26  
ARG H2   H  N N 27  
ARG HA   H  N N 28  
ARG HB2  H  N N 29  
ARG HB3  H  N N 30  
ARG HG2  H  N N 31  
ARG HG3  H  N N 32  
ARG HD2  H  N N 33  
ARG HD3  H  N N 34  
ARG HE   H  N N 35  
ARG HH11 H  N N 36  
ARG HH12 H  N N 37  
ARG HH21 H  N N 38  
ARG HH22 H  N N 39  
ARG HXT  H  N N 40  
ASN N    N  N N 41  
ASN CA   C  N S 42  
ASN C    C  N N 43  
ASN O    O  N N 44  
ASN CB   C  N N 45  
ASN CG   C  N N 46  
ASN OD1  O  N N 47  
ASN ND2  N  N N 48  
ASN OXT  O  N N 49  
ASN H    H  N N 50  
ASN H2   H  N N 51  
ASN HA   H  N N 52  
ASN HB2  H  N N 53  
ASN HB3  H  N N 54  
ASN HD21 H  N N 55  
ASN HD22 H  N N 56  
ASN HXT  H  N N 57  
ASP N    N  N N 58  
ASP CA   C  N S 59  
ASP C    C  N N 60  
ASP O    O  N N 61  
ASP CB   C  N N 62  
ASP CG   C  N N 63  
ASP OD1  O  N N 64  
ASP OD2  O  N N 65  
ASP OXT  O  N N 66  
ASP H    H  N N 67  
ASP H2   H  N N 68  
ASP HA   H  N N 69  
ASP HB2  H  N N 70  
ASP HB3  H  N N 71  
ASP HD2  H  N N 72  
ASP HXT  H  N N 73  
CL  CL   CL N N 74  
CYS N    N  N N 75  
CYS CA   C  N R 76  
CYS C    C  N N 77  
CYS O    O  N N 78  
CYS CB   C  N N 79  
CYS SG   S  N N 80  
CYS OXT  O  N N 81  
CYS H    H  N N 82  
CYS H2   H  N N 83  
CYS HA   H  N N 84  
CYS HB2  H  N N 85  
CYS HB3  H  N N 86  
CYS HG   H  N N 87  
CYS HXT  H  N N 88  
GLN N    N  N N 89  
GLN CA   C  N S 90  
GLN C    C  N N 91  
GLN O    O  N N 92  
GLN CB   C  N N 93  
GLN CG   C  N N 94  
GLN CD   C  N N 95  
GLN OE1  O  N N 96  
GLN NE2  N  N N 97  
GLN OXT  O  N N 98  
GLN H    H  N N 99  
GLN H2   H  N N 100 
GLN HA   H  N N 101 
GLN HB2  H  N N 102 
GLN HB3  H  N N 103 
GLN HG2  H  N N 104 
GLN HG3  H  N N 105 
GLN HE21 H  N N 106 
GLN HE22 H  N N 107 
GLN HXT  H  N N 108 
GLU N    N  N N 109 
GLU CA   C  N S 110 
GLU C    C  N N 111 
GLU O    O  N N 112 
GLU CB   C  N N 113 
GLU CG   C  N N 114 
GLU CD   C  N N 115 
GLU OE1  O  N N 116 
GLU OE2  O  N N 117 
GLU OXT  O  N N 118 
GLU H    H  N N 119 
GLU H2   H  N N 120 
GLU HA   H  N N 121 
GLU HB2  H  N N 122 
GLU HB3  H  N N 123 
GLU HG2  H  N N 124 
GLU HG3  H  N N 125 
GLU HE2  H  N N 126 
GLU HXT  H  N N 127 
GLY N    N  N N 128 
GLY CA   C  N N 129 
GLY C    C  N N 130 
GLY O    O  N N 131 
GLY OXT  O  N N 132 
GLY H    H  N N 133 
GLY H2   H  N N 134 
GLY HA2  H  N N 135 
GLY HA3  H  N N 136 
GLY HXT  H  N N 137 
HIS N    N  N N 138 
HIS CA   C  N S 139 
HIS C    C  N N 140 
HIS O    O  N N 141 
HIS CB   C  N N 142 
HIS CG   C  Y N 143 
HIS ND1  N  Y N 144 
HIS CD2  C  Y N 145 
HIS CE1  C  Y N 146 
HIS NE2  N  Y N 147 
HIS OXT  O  N N 148 
HIS H    H  N N 149 
HIS H2   H  N N 150 
HIS HA   H  N N 151 
HIS HB2  H  N N 152 
HIS HB3  H  N N 153 
HIS HD1  H  N N 154 
HIS HD2  H  N N 155 
HIS HE1  H  N N 156 
HIS HE2  H  N N 157 
HIS HXT  H  N N 158 
HOH O    O  N N 159 
HOH H1   H  N N 160 
HOH H2   H  N N 161 
ILE N    N  N N 162 
ILE CA   C  N S 163 
ILE C    C  N N 164 
ILE O    O  N N 165 
ILE CB   C  N S 166 
ILE CG1  C  N N 167 
ILE CG2  C  N N 168 
ILE CD1  C  N N 169 
ILE OXT  O  N N 170 
ILE H    H  N N 171 
ILE H2   H  N N 172 
ILE HA   H  N N 173 
ILE HB   H  N N 174 
ILE HG12 H  N N 175 
ILE HG13 H  N N 176 
ILE HG21 H  N N 177 
ILE HG22 H  N N 178 
ILE HG23 H  N N 179 
ILE HD11 H  N N 180 
ILE HD12 H  N N 181 
ILE HD13 H  N N 182 
ILE HXT  H  N N 183 
LEU N    N  N N 184 
LEU CA   C  N S 185 
LEU C    C  N N 186 
LEU O    O  N N 187 
LEU CB   C  N N 188 
LEU CG   C  N N 189 
LEU CD1  C  N N 190 
LEU CD2  C  N N 191 
LEU OXT  O  N N 192 
LEU H    H  N N 193 
LEU H2   H  N N 194 
LEU HA   H  N N 195 
LEU HB2  H  N N 196 
LEU HB3  H  N N 197 
LEU HG   H  N N 198 
LEU HD11 H  N N 199 
LEU HD12 H  N N 200 
LEU HD13 H  N N 201 
LEU HD21 H  N N 202 
LEU HD22 H  N N 203 
LEU HD23 H  N N 204 
LEU HXT  H  N N 205 
LYS N    N  N N 206 
LYS CA   C  N S 207 
LYS C    C  N N 208 
LYS O    O  N N 209 
LYS CB   C  N N 210 
LYS CG   C  N N 211 
LYS CD   C  N N 212 
LYS CE   C  N N 213 
LYS NZ   N  N N 214 
LYS OXT  O  N N 215 
LYS H    H  N N 216 
LYS H2   H  N N 217 
LYS HA   H  N N 218 
LYS HB2  H  N N 219 
LYS HB3  H  N N 220 
LYS HG2  H  N N 221 
LYS HG3  H  N N 222 
LYS HD2  H  N N 223 
LYS HD3  H  N N 224 
LYS HE2  H  N N 225 
LYS HE3  H  N N 226 
LYS HZ1  H  N N 227 
LYS HZ2  H  N N 228 
LYS HZ3  H  N N 229 
LYS HXT  H  N N 230 
MET N    N  N N 231 
MET CA   C  N S 232 
MET C    C  N N 233 
MET O    O  N N 234 
MET CB   C  N N 235 
MET CG   C  N N 236 
MET SD   S  N N 237 
MET CE   C  N N 238 
MET OXT  O  N N 239 
MET H    H  N N 240 
MET H2   H  N N 241 
MET HA   H  N N 242 
MET HB2  H  N N 243 
MET HB3  H  N N 244 
MET HG2  H  N N 245 
MET HG3  H  N N 246 
MET HE1  H  N N 247 
MET HE2  H  N N 248 
MET HE3  H  N N 249 
MET HXT  H  N N 250 
PHE N    N  N N 251 
PHE CA   C  N S 252 
PHE C    C  N N 253 
PHE O    O  N N 254 
PHE CB   C  N N 255 
PHE CG   C  Y N 256 
PHE CD1  C  Y N 257 
PHE CD2  C  Y N 258 
PHE CE1  C  Y N 259 
PHE CE2  C  Y N 260 
PHE CZ   C  Y N 261 
PHE OXT  O  N N 262 
PHE H    H  N N 263 
PHE H2   H  N N 264 
PHE HA   H  N N 265 
PHE HB2  H  N N 266 
PHE HB3  H  N N 267 
PHE HD1  H  N N 268 
PHE HD2  H  N N 269 
PHE HE1  H  N N 270 
PHE HE2  H  N N 271 
PHE HZ   H  N N 272 
PHE HXT  H  N N 273 
PRO N    N  N N 274 
PRO CA   C  N S 275 
PRO C    C  N N 276 
PRO O    O  N N 277 
PRO CB   C  N N 278 
PRO CG   C  N N 279 
PRO CD   C  N N 280 
PRO OXT  O  N N 281 
PRO H    H  N N 282 
PRO HA   H  N N 283 
PRO HB2  H  N N 284 
PRO HB3  H  N N 285 
PRO HG2  H  N N 286 
PRO HG3  H  N N 287 
PRO HD2  H  N N 288 
PRO HD3  H  N N 289 
PRO HXT  H  N N 290 
SER N    N  N N 291 
SER CA   C  N S 292 
SER C    C  N N 293 
SER O    O  N N 294 
SER CB   C  N N 295 
SER OG   O  N N 296 
SER OXT  O  N N 297 
SER H    H  N N 298 
SER H2   H  N N 299 
SER HA   H  N N 300 
SER HB2  H  N N 301 
SER HB3  H  N N 302 
SER HG   H  N N 303 
SER HXT  H  N N 304 
THR N    N  N N 305 
THR CA   C  N S 306 
THR C    C  N N 307 
THR O    O  N N 308 
THR CB   C  N R 309 
THR OG1  O  N N 310 
THR CG2  C  N N 311 
THR OXT  O  N N 312 
THR H    H  N N 313 
THR H2   H  N N 314 
THR HA   H  N N 315 
THR HB   H  N N 316 
THR HG1  H  N N 317 
THR HG21 H  N N 318 
THR HG22 H  N N 319 
THR HG23 H  N N 320 
THR HXT  H  N N 321 
TRP N    N  N N 322 
TRP CA   C  N S 323 
TRP C    C  N N 324 
TRP O    O  N N 325 
TRP CB   C  N N 326 
TRP CG   C  Y N 327 
TRP CD1  C  Y N 328 
TRP CD2  C  Y N 329 
TRP NE1  N  Y N 330 
TRP CE2  C  Y N 331 
TRP CE3  C  Y N 332 
TRP CZ2  C  Y N 333 
TRP CZ3  C  Y N 334 
TRP CH2  C  Y N 335 
TRP OXT  O  N N 336 
TRP H    H  N N 337 
TRP H2   H  N N 338 
TRP HA   H  N N 339 
TRP HB2  H  N N 340 
TRP HB3  H  N N 341 
TRP HD1  H  N N 342 
TRP HE1  H  N N 343 
TRP HE3  H  N N 344 
TRP HZ2  H  N N 345 
TRP HZ3  H  N N 346 
TRP HH2  H  N N 347 
TRP HXT  H  N N 348 
TYR N    N  N N 349 
TYR CA   C  N S 350 
TYR C    C  N N 351 
TYR O    O  N N 352 
TYR CB   C  N N 353 
TYR CG   C  Y N 354 
TYR CD1  C  Y N 355 
TYR CD2  C  Y N 356 
TYR CE1  C  Y N 357 
TYR CE2  C  Y N 358 
TYR CZ   C  Y N 359 
TYR OH   O  N N 360 
TYR OXT  O  N N 361 
TYR H    H  N N 362 
TYR H2   H  N N 363 
TYR HA   H  N N 364 
TYR HB2  H  N N 365 
TYR HB3  H  N N 366 
TYR HD1  H  N N 367 
TYR HD2  H  N N 368 
TYR HE1  H  N N 369 
TYR HE2  H  N N 370 
TYR HH   H  N N 371 
TYR HXT  H  N N 372 
VAL N    N  N N 373 
VAL CA   C  N S 374 
VAL C    C  N N 375 
VAL O    O  N N 376 
VAL CB   C  N N 377 
VAL CG1  C  N N 378 
VAL CG2  C  N N 379 
VAL OXT  O  N N 380 
VAL H    H  N N 381 
VAL H2   H  N N 382 
VAL HA   H  N N 383 
VAL HB   H  N N 384 
VAL HG11 H  N N 385 
VAL HG12 H  N N 386 
VAL HG13 H  N N 387 
VAL HG21 H  N N 388 
VAL HG22 H  N N 389 
VAL HG23 H  N N 390 
VAL HXT  H  N N 391 
# 
loop_
_chem_comp_bond.comp_id 
_chem_comp_bond.atom_id_1 
_chem_comp_bond.atom_id_2 
_chem_comp_bond.value_order 
_chem_comp_bond.pdbx_aromatic_flag 
_chem_comp_bond.pdbx_stereo_config 
_chem_comp_bond.pdbx_ordinal 
ALA N   CA   sing N N 1   
ALA N   H    sing N N 2   
ALA N   H2   sing N N 3   
ALA CA  C    sing N N 4   
ALA CA  CB   sing N N 5   
ALA CA  HA   sing N N 6   
ALA C   O    doub N N 7   
ALA C   OXT  sing N N 8   
ALA CB  HB1  sing N N 9   
ALA CB  HB2  sing N N 10  
ALA CB  HB3  sing N N 11  
ALA OXT HXT  sing N N 12  
ARG N   CA   sing N N 13  
ARG N   H    sing N N 14  
ARG N   H2   sing N N 15  
ARG CA  C    sing N N 16  
ARG CA  CB   sing N N 17  
ARG CA  HA   sing N N 18  
ARG C   O    doub N N 19  
ARG C   OXT  sing N N 20  
ARG CB  CG   sing N N 21  
ARG CB  HB2  sing N N 22  
ARG CB  HB3  sing N N 23  
ARG CG  CD   sing N N 24  
ARG CG  HG2  sing N N 25  
ARG CG  HG3  sing N N 26  
ARG CD  NE   sing N N 27  
ARG CD  HD2  sing N N 28  
ARG CD  HD3  sing N N 29  
ARG NE  CZ   sing N N 30  
ARG NE  HE   sing N N 31  
ARG CZ  NH1  sing N N 32  
ARG CZ  NH2  doub N N 33  
ARG NH1 HH11 sing N N 34  
ARG NH1 HH12 sing N N 35  
ARG NH2 HH21 sing N N 36  
ARG NH2 HH22 sing N N 37  
ARG OXT HXT  sing N N 38  
ASN N   CA   sing N N 39  
ASN N   H    sing N N 40  
ASN N   H2   sing N N 41  
ASN CA  C    sing N N 42  
ASN CA  CB   sing N N 43  
ASN CA  HA   sing N N 44  
ASN C   O    doub N N 45  
ASN C   OXT  sing N N 46  
ASN CB  CG   sing N N 47  
ASN CB  HB2  sing N N 48  
ASN CB  HB3  sing N N 49  
ASN CG  OD1  doub N N 50  
ASN CG  ND2  sing N N 51  
ASN ND2 HD21 sing N N 52  
ASN ND2 HD22 sing N N 53  
ASN OXT HXT  sing N N 54  
ASP N   CA   sing N N 55  
ASP N   H    sing N N 56  
ASP N   H2   sing N N 57  
ASP CA  C    sing N N 58  
ASP CA  CB   sing N N 59  
ASP CA  HA   sing N N 60  
ASP C   O    doub N N 61  
ASP C   OXT  sing N N 62  
ASP CB  CG   sing N N 63  
ASP CB  HB2  sing N N 64  
ASP CB  HB3  sing N N 65  
ASP CG  OD1  doub N N 66  
ASP CG  OD2  sing N N 67  
ASP OD2 HD2  sing N N 68  
ASP OXT HXT  sing N N 69  
CYS N   CA   sing N N 70  
CYS N   H    sing N N 71  
CYS N   H2   sing N N 72  
CYS CA  C    sing N N 73  
CYS CA  CB   sing N N 74  
CYS CA  HA   sing N N 75  
CYS C   O    doub N N 76  
CYS C   OXT  sing N N 77  
CYS CB  SG   sing N N 78  
CYS CB  HB2  sing N N 79  
CYS CB  HB3  sing N N 80  
CYS SG  HG   sing N N 81  
CYS OXT HXT  sing N N 82  
GLN N   CA   sing N N 83  
GLN N   H    sing N N 84  
GLN N   H2   sing N N 85  
GLN CA  C    sing N N 86  
GLN CA  CB   sing N N 87  
GLN CA  HA   sing N N 88  
GLN C   O    doub N N 89  
GLN C   OXT  sing N N 90  
GLN CB  CG   sing N N 91  
GLN CB  HB2  sing N N 92  
GLN CB  HB3  sing N N 93  
GLN CG  CD   sing N N 94  
GLN CG  HG2  sing N N 95  
GLN CG  HG3  sing N N 96  
GLN CD  OE1  doub N N 97  
GLN CD  NE2  sing N N 98  
GLN NE2 HE21 sing N N 99  
GLN NE2 HE22 sing N N 100 
GLN OXT HXT  sing N N 101 
GLU N   CA   sing N N 102 
GLU N   H    sing N N 103 
GLU N   H2   sing N N 104 
GLU CA  C    sing N N 105 
GLU CA  CB   sing N N 106 
GLU CA  HA   sing N N 107 
GLU C   O    doub N N 108 
GLU C   OXT  sing N N 109 
GLU CB  CG   sing N N 110 
GLU CB  HB2  sing N N 111 
GLU CB  HB3  sing N N 112 
GLU CG  CD   sing N N 113 
GLU CG  HG2  sing N N 114 
GLU CG  HG3  sing N N 115 
GLU CD  OE1  doub N N 116 
GLU CD  OE2  sing N N 117 
GLU OE2 HE2  sing N N 118 
GLU OXT HXT  sing N N 119 
GLY N   CA   sing N N 120 
GLY N   H    sing N N 121 
GLY N   H2   sing N N 122 
GLY CA  C    sing N N 123 
GLY CA  HA2  sing N N 124 
GLY CA  HA3  sing N N 125 
GLY C   O    doub N N 126 
GLY C   OXT  sing N N 127 
GLY OXT HXT  sing N N 128 
HIS N   CA   sing N N 129 
HIS N   H    sing N N 130 
HIS N   H2   sing N N 131 
HIS CA  C    sing N N 132 
HIS CA  CB   sing N N 133 
HIS CA  HA   sing N N 134 
HIS C   O    doub N N 135 
HIS C   OXT  sing N N 136 
HIS CB  CG   sing N N 137 
HIS CB  HB2  sing N N 138 
HIS CB  HB3  sing N N 139 
HIS CG  ND1  sing Y N 140 
HIS CG  CD2  doub Y N 141 
HIS ND1 CE1  doub Y N 142 
HIS ND1 HD1  sing N N 143 
HIS CD2 NE2  sing Y N 144 
HIS CD2 HD2  sing N N 145 
HIS CE1 NE2  sing Y N 146 
HIS CE1 HE1  sing N N 147 
HIS NE2 HE2  sing N N 148 
HIS OXT HXT  sing N N 149 
HOH O   H1   sing N N 150 
HOH O   H2   sing N N 151 
ILE N   CA   sing N N 152 
ILE N   H    sing N N 153 
ILE N   H2   sing N N 154 
ILE CA  C    sing N N 155 
ILE CA  CB   sing N N 156 
ILE CA  HA   sing N N 157 
ILE C   O    doub N N 158 
ILE C   OXT  sing N N 159 
ILE CB  CG1  sing N N 160 
ILE CB  CG2  sing N N 161 
ILE CB  HB   sing N N 162 
ILE CG1 CD1  sing N N 163 
ILE CG1 HG12 sing N N 164 
ILE CG1 HG13 sing N N 165 
ILE CG2 HG21 sing N N 166 
ILE CG2 HG22 sing N N 167 
ILE CG2 HG23 sing N N 168 
ILE CD1 HD11 sing N N 169 
ILE CD1 HD12 sing N N 170 
ILE CD1 HD13 sing N N 171 
ILE OXT HXT  sing N N 172 
LEU N   CA   sing N N 173 
LEU N   H    sing N N 174 
LEU N   H2   sing N N 175 
LEU CA  C    sing N N 176 
LEU CA  CB   sing N N 177 
LEU CA  HA   sing N N 178 
LEU C   O    doub N N 179 
LEU C   OXT  sing N N 180 
LEU CB  CG   sing N N 181 
LEU CB  HB2  sing N N 182 
LEU CB  HB3  sing N N 183 
LEU CG  CD1  sing N N 184 
LEU CG  CD2  sing N N 185 
LEU CG  HG   sing N N 186 
LEU CD1 HD11 sing N N 187 
LEU CD1 HD12 sing N N 188 
LEU CD1 HD13 sing N N 189 
LEU CD2 HD21 sing N N 190 
LEU CD2 HD22 sing N N 191 
LEU CD2 HD23 sing N N 192 
LEU OXT HXT  sing N N 193 
LYS N   CA   sing N N 194 
LYS N   H    sing N N 195 
LYS N   H2   sing N N 196 
LYS CA  C    sing N N 197 
LYS CA  CB   sing N N 198 
LYS CA  HA   sing N N 199 
LYS C   O    doub N N 200 
LYS C   OXT  sing N N 201 
LYS CB  CG   sing N N 202 
LYS CB  HB2  sing N N 203 
LYS CB  HB3  sing N N 204 
LYS CG  CD   sing N N 205 
LYS CG  HG2  sing N N 206 
LYS CG  HG3  sing N N 207 
LYS CD  CE   sing N N 208 
LYS CD  HD2  sing N N 209 
LYS CD  HD3  sing N N 210 
LYS CE  NZ   sing N N 211 
LYS CE  HE2  sing N N 212 
LYS CE  HE3  sing N N 213 
LYS NZ  HZ1  sing N N 214 
LYS NZ  HZ2  sing N N 215 
LYS NZ  HZ3  sing N N 216 
LYS OXT HXT  sing N N 217 
MET N   CA   sing N N 218 
MET N   H    sing N N 219 
MET N   H2   sing N N 220 
MET CA  C    sing N N 221 
MET CA  CB   sing N N 222 
MET CA  HA   sing N N 223 
MET C   O    doub N N 224 
MET C   OXT  sing N N 225 
MET CB  CG   sing N N 226 
MET CB  HB2  sing N N 227 
MET CB  HB3  sing N N 228 
MET CG  SD   sing N N 229 
MET CG  HG2  sing N N 230 
MET CG  HG3  sing N N 231 
MET SD  CE   sing N N 232 
MET CE  HE1  sing N N 233 
MET CE  HE2  sing N N 234 
MET CE  HE3  sing N N 235 
MET OXT HXT  sing N N 236 
PHE N   CA   sing N N 237 
PHE N   H    sing N N 238 
PHE N   H2   sing N N 239 
PHE CA  C    sing N N 240 
PHE CA  CB   sing N N 241 
PHE CA  HA   sing N N 242 
PHE C   O    doub N N 243 
PHE C   OXT  sing N N 244 
PHE CB  CG   sing N N 245 
PHE CB  HB2  sing N N 246 
PHE CB  HB3  sing N N 247 
PHE CG  CD1  doub Y N 248 
PHE CG  CD2  sing Y N 249 
PHE CD1 CE1  sing Y N 250 
PHE CD1 HD1  sing N N 251 
PHE CD2 CE2  doub Y N 252 
PHE CD2 HD2  sing N N 253 
PHE CE1 CZ   doub Y N 254 
PHE CE1 HE1  sing N N 255 
PHE CE2 CZ   sing Y N 256 
PHE CE2 HE2  sing N N 257 
PHE CZ  HZ   sing N N 258 
PHE OXT HXT  sing N N 259 
PRO N   CA   sing N N 260 
PRO N   CD   sing N N 261 
PRO N   H    sing N N 262 
PRO CA  C    sing N N 263 
PRO CA  CB   sing N N 264 
PRO CA  HA   sing N N 265 
PRO C   O    doub N N 266 
PRO C   OXT  sing N N 267 
PRO CB  CG   sing N N 268 
PRO CB  HB2  sing N N 269 
PRO CB  HB3  sing N N 270 
PRO CG  CD   sing N N 271 
PRO CG  HG2  sing N N 272 
PRO CG  HG3  sing N N 273 
PRO CD  HD2  sing N N 274 
PRO CD  HD3  sing N N 275 
PRO OXT HXT  sing N N 276 
SER N   CA   sing N N 277 
SER N   H    sing N N 278 
SER N   H2   sing N N 279 
SER CA  C    sing N N 280 
SER CA  CB   sing N N 281 
SER CA  HA   sing N N 282 
SER C   O    doub N N 283 
SER C   OXT  sing N N 284 
SER CB  OG   sing N N 285 
SER CB  HB2  sing N N 286 
SER CB  HB3  sing N N 287 
SER OG  HG   sing N N 288 
SER OXT HXT  sing N N 289 
THR N   CA   sing N N 290 
THR N   H    sing N N 291 
THR N   H2   sing N N 292 
THR CA  C    sing N N 293 
THR CA  CB   sing N N 294 
THR CA  HA   sing N N 295 
THR C   O    doub N N 296 
THR C   OXT  sing N N 297 
THR CB  OG1  sing N N 298 
THR CB  CG2  sing N N 299 
THR CB  HB   sing N N 300 
THR OG1 HG1  sing N N 301 
THR CG2 HG21 sing N N 302 
THR CG2 HG22 sing N N 303 
THR CG2 HG23 sing N N 304 
THR OXT HXT  sing N N 305 
TRP N   CA   sing N N 306 
TRP N   H    sing N N 307 
TRP N   H2   sing N N 308 
TRP CA  C    sing N N 309 
TRP CA  CB   sing N N 310 
TRP CA  HA   sing N N 311 
TRP C   O    doub N N 312 
TRP C   OXT  sing N N 313 
TRP CB  CG   sing N N 314 
TRP CB  HB2  sing N N 315 
TRP CB  HB3  sing N N 316 
TRP CG  CD1  doub Y N 317 
TRP CG  CD2  sing Y N 318 
TRP CD1 NE1  sing Y N 319 
TRP CD1 HD1  sing N N 320 
TRP CD2 CE2  doub Y N 321 
TRP CD2 CE3  sing Y N 322 
TRP NE1 CE2  sing Y N 323 
TRP NE1 HE1  sing N N 324 
TRP CE2 CZ2  sing Y N 325 
TRP CE3 CZ3  doub Y N 326 
TRP CE3 HE3  sing N N 327 
TRP CZ2 CH2  doub Y N 328 
TRP CZ2 HZ2  sing N N 329 
TRP CZ3 CH2  sing Y N 330 
TRP CZ3 HZ3  sing N N 331 
TRP CH2 HH2  sing N N 332 
TRP OXT HXT  sing N N 333 
TYR N   CA   sing N N 334 
TYR N   H    sing N N 335 
TYR N   H2   sing N N 336 
TYR CA  C    sing N N 337 
TYR CA  CB   sing N N 338 
TYR CA  HA   sing N N 339 
TYR C   O    doub N N 340 
TYR C   OXT  sing N N 341 
TYR CB  CG   sing N N 342 
TYR CB  HB2  sing N N 343 
TYR CB  HB3  sing N N 344 
TYR CG  CD1  doub Y N 345 
TYR CG  CD2  sing Y N 346 
TYR CD1 CE1  sing Y N 347 
TYR CD1 HD1  sing N N 348 
TYR CD2 CE2  doub Y N 349 
TYR CD2 HD2  sing N N 350 
TYR CE1 CZ   doub Y N 351 
TYR CE1 HE1  sing N N 352 
TYR CE2 CZ   sing Y N 353 
TYR CE2 HE2  sing N N 354 
TYR CZ  OH   sing N N 355 
TYR OH  HH   sing N N 356 
TYR OXT HXT  sing N N 357 
VAL N   CA   sing N N 358 
VAL N   H    sing N N 359 
VAL N   H2   sing N N 360 
VAL CA  C    sing N N 361 
VAL CA  CB   sing N N 362 
VAL CA  HA   sing N N 363 
VAL C   O    doub N N 364 
VAL C   OXT  sing N N 365 
VAL CB  CG1  sing N N 366 
VAL CB  CG2  sing N N 367 
VAL CB  HB   sing N N 368 
VAL CG1 HG11 sing N N 369 
VAL CG1 HG12 sing N N 370 
VAL CG1 HG13 sing N N 371 
VAL CG2 HG21 sing N N 372 
VAL CG2 HG22 sing N N 373 
VAL CG2 HG23 sing N N 374 
VAL OXT HXT  sing N N 375 
# 
loop_
_pdbx_entity_nonpoly.entity_id 
_pdbx_entity_nonpoly.name 
_pdbx_entity_nonpoly.comp_id 
2 'CHLORIDE ION' CL  
3 water          HOH 
# 
_pdbx_initial_refinement_model.id               1 
_pdbx_initial_refinement_model.entity_id_list   ? 
_pdbx_initial_refinement_model.type             'experimental model' 
_pdbx_initial_refinement_model.source_name      PDB 
_pdbx_initial_refinement_model.accession_code   1XYH 
_pdbx_initial_refinement_model.details          'PDB ENTRY 1XYH' 
# 
